data_8HSJ
#
_entry.id   8HSJ
#
_cell.length_a   1.00
_cell.length_b   1.00
_cell.length_c   1.00
_cell.angle_alpha   90.00
_cell.angle_beta   90.00
_cell.angle_gamma   90.00
#
_symmetry.space_group_name_H-M   'P 1'
#
loop_
_entity.id
_entity.type
_entity.pdbx_description
1 polymer 'Transcription termination factor Rho'
2 non-polymer "ADENOSINE-5'-DIPHOSPHATE"
3 non-polymer 'MAGNESIUM ION'
4 non-polymer 'BERYLLIUM TRIFLUORIDE ION'
#
_entity_poly.entity_id   1
_entity_poly.type   'polypeptide(L)'
_entity_poly.pdbx_seq_one_letter_code
;GPMRRKETLQETPLTYQELASKILPELHLLAQEAGIEGYKRMKKDQLIMALLERQTQGEGLRLVKGYLEISQDGYGFLTE
NLHNLESRVAIVSAGLIKQYALRAGDYVVGQARPPRENERYATLLKVEAVNNLDPEAAKNRPRFDELTPQFPDRQIRLET
TPDELSTRVIDLLAPIGRGQRGLIVAPPKAGKTTLLKKIANAVLKNEPDIKVIVLLIDERPEEVTDFRESVQGAEVIAST
FDEPPQNHIRVAEFVHERAKRIVEEGGHVMILLDSITRLARANNLVTPPTGRTLSGGLDSAALYFPKRFLGAARNIRGGG
SLTILATALVETGSRMDDVIFEEFKGTGNMELHLSRRLEERRIFPAIDILKSGTRREELLLGEEVTHKMWLLRKVLADMD
PAEAMEMLLARLARTKNNKEFLASLAAR
;
_entity_poly.pdbx_strand_id   A,B,C,D,E,F
#
# COMPACT_ATOMS: atom_id res chain seq x y z
N ARG A 62 -44.04 -7.04 -46.13
CA ARG A 62 -44.00 -7.71 -44.84
C ARG A 62 -42.85 -7.16 -44.00
N LEU A 63 -43.05 -7.10 -42.70
CA LEU A 63 -42.05 -6.56 -41.79
C LEU A 63 -41.83 -7.49 -40.61
N VAL A 64 -40.70 -8.19 -40.64
CA VAL A 64 -40.08 -8.74 -39.43
C VAL A 64 -39.25 -7.61 -38.85
N LYS A 65 -39.10 -7.63 -37.53
CA LYS A 65 -38.59 -6.46 -36.83
C LYS A 65 -37.58 -6.89 -35.78
N GLY A 66 -36.60 -6.03 -35.53
CA GLY A 66 -35.57 -6.33 -34.56
C GLY A 66 -34.58 -5.20 -34.45
N TYR A 67 -33.51 -5.47 -33.72
CA TYR A 67 -32.42 -4.53 -33.52
C TYR A 67 -31.23 -4.97 -34.37
N LEU A 68 -30.92 -4.18 -35.39
CA LEU A 68 -29.86 -4.56 -36.32
C LEU A 68 -28.51 -4.59 -35.62
N GLU A 69 -27.81 -5.70 -35.75
CA GLU A 69 -26.41 -5.83 -35.35
C GLU A 69 -25.62 -6.21 -36.59
N ILE A 70 -24.89 -5.25 -37.16
CA ILE A 70 -24.26 -5.45 -38.46
C ILE A 70 -22.97 -6.25 -38.26
N SER A 71 -22.85 -7.34 -39.00
CA SER A 71 -21.61 -8.11 -39.02
C SER A 71 -20.61 -7.42 -39.95
N GLN A 72 -19.35 -7.87 -39.88
CA GLN A 72 -18.31 -7.23 -40.67
C GLN A 72 -18.59 -7.28 -42.16
N ASP A 73 -19.25 -8.34 -42.63
CA ASP A 73 -19.46 -8.56 -44.06
C ASP A 73 -20.74 -7.91 -44.59
N GLY A 74 -21.29 -6.94 -43.88
CA GLY A 74 -22.43 -6.20 -44.40
C GLY A 74 -23.78 -6.80 -44.06
N TYR A 75 -23.84 -8.06 -43.66
CA TYR A 75 -25.06 -8.68 -43.18
C TYR A 75 -25.06 -8.66 -41.66
N GLY A 76 -26.25 -8.75 -41.08
CA GLY A 76 -26.39 -8.59 -39.64
C GLY A 76 -27.36 -9.58 -39.05
N PHE A 77 -27.63 -9.38 -37.75
CA PHE A 77 -28.50 -10.25 -36.99
C PHE A 77 -29.48 -9.43 -36.16
N LEU A 78 -30.60 -10.06 -35.83
CA LEU A 78 -31.67 -9.46 -35.05
C LEU A 78 -32.00 -10.39 -33.89
N THR A 79 -32.35 -9.81 -32.75
CA THR A 79 -32.77 -10.56 -31.57
C THR A 79 -34.26 -10.40 -31.34
N GLU A 80 -34.78 -11.17 -30.37
CA GLU A 80 -36.20 -11.23 -30.09
C GLU A 80 -36.56 -10.37 -28.88
N ASN A 81 -37.82 -10.45 -28.46
CA ASN A 81 -38.33 -9.64 -27.36
C ASN A 81 -37.66 -9.98 -26.03
N LEU A 82 -37.02 -11.14 -25.91
CA LEU A 82 -36.38 -11.48 -24.65
C LEU A 82 -35.21 -10.57 -24.33
N HIS A 83 -34.75 -9.78 -25.30
CA HIS A 83 -33.63 -8.87 -25.10
C HIS A 83 -32.41 -9.64 -24.58
N ASN A 84 -32.27 -10.85 -25.09
CA ASN A 84 -31.09 -11.67 -24.87
C ASN A 84 -31.00 -12.65 -26.03
N LEU A 85 -29.77 -13.08 -26.33
CA LEU A 85 -29.57 -13.93 -27.50
C LEU A 85 -30.33 -15.23 -27.34
N GLU A 86 -31.41 -15.38 -28.12
CA GLU A 86 -32.25 -16.57 -28.08
C GLU A 86 -32.22 -17.22 -29.46
N SER A 87 -32.71 -18.46 -29.51
CA SER A 87 -32.68 -19.24 -30.75
C SER A 87 -33.51 -18.62 -31.87
N ARG A 88 -34.22 -17.52 -31.61
CA ARG A 88 -35.07 -16.90 -32.61
C ARG A 88 -34.40 -15.76 -33.35
N VAL A 89 -33.06 -15.75 -33.42
CA VAL A 89 -32.37 -14.71 -34.16
C VAL A 89 -32.76 -14.75 -35.63
N ALA A 90 -32.60 -13.63 -36.32
CA ALA A 90 -32.90 -13.50 -37.73
C ALA A 90 -31.69 -12.89 -38.45
N ILE A 91 -31.50 -13.25 -39.71
CA ILE A 91 -30.37 -12.73 -40.48
C ILE A 91 -30.88 -11.61 -41.40
N VAL A 92 -29.99 -10.66 -41.69
CA VAL A 92 -30.33 -9.43 -42.41
C VAL A 92 -29.32 -9.22 -43.52
N SER A 93 -29.81 -8.98 -44.73
CA SER A 93 -28.94 -8.76 -45.87
C SER A 93 -28.44 -7.32 -45.91
N ALA A 94 -27.34 -7.11 -46.65
CA ALA A 94 -26.77 -5.78 -46.74
C ALA A 94 -27.45 -4.93 -47.81
N GLY A 95 -27.91 -5.57 -48.89
CA GLY A 95 -28.40 -4.81 -50.04
C GLY A 95 -29.51 -3.86 -49.69
N LEU A 96 -30.46 -4.30 -48.86
CA LEU A 96 -31.59 -3.45 -48.53
C LEU A 96 -31.17 -2.27 -47.67
N ILE A 97 -30.31 -2.51 -46.66
CA ILE A 97 -29.84 -1.43 -45.82
C ILE A 97 -29.07 -0.41 -46.65
N LYS A 98 -28.26 -0.89 -47.61
CA LYS A 98 -27.59 0.03 -48.52
C LYS A 98 -28.60 0.80 -49.36
N GLN A 99 -29.64 0.13 -49.82
CA GLN A 99 -30.69 0.79 -50.58
C GLN A 99 -31.29 1.94 -49.79
N TYR A 100 -31.47 1.76 -48.48
CA TYR A 100 -32.04 2.78 -47.62
C TYR A 100 -31.00 3.44 -46.73
N ALA A 101 -29.77 2.92 -46.72
CA ALA A 101 -28.62 3.64 -46.16
C ALA A 101 -28.91 4.18 -44.76
N LEU A 102 -29.29 3.30 -43.84
CA LEU A 102 -29.58 3.72 -42.48
C LEU A 102 -28.33 3.68 -41.62
N ARG A 103 -28.48 4.06 -40.35
CA ARG A 103 -27.38 4.14 -39.40
C ARG A 103 -27.48 2.96 -38.45
N ALA A 104 -26.32 2.53 -37.96
CA ALA A 104 -26.23 1.31 -37.17
C ALA A 104 -27.06 1.40 -35.91
N GLY A 105 -27.66 0.28 -35.52
CA GLY A 105 -28.40 0.18 -34.27
C GLY A 105 -29.85 0.59 -34.36
N ASP A 106 -30.41 0.72 -35.57
CA ASP A 106 -31.77 1.19 -35.73
C ASP A 106 -32.78 0.11 -35.38
N TYR A 107 -34.02 0.53 -35.13
CA TYR A 107 -35.14 -0.39 -34.94
C TYR A 107 -35.60 -0.86 -36.31
N VAL A 108 -34.92 -1.87 -36.85
CA VAL A 108 -34.99 -2.20 -38.27
C VAL A 108 -36.18 -3.12 -38.48
N VAL A 109 -36.86 -2.93 -39.61
CA VAL A 109 -37.94 -3.78 -40.06
C VAL A 109 -37.76 -4.04 -41.55
N GLY A 110 -38.29 -5.16 -42.02
CA GLY A 110 -38.15 -5.49 -43.43
C GLY A 110 -38.79 -6.81 -43.76
N GLN A 111 -39.06 -7.01 -45.05
CA GLN A 111 -39.61 -8.27 -45.51
C GLN A 111 -38.51 -9.32 -45.63
N ALA A 112 -38.84 -10.55 -45.24
CA ALA A 112 -37.87 -11.63 -45.21
C ALA A 112 -38.55 -12.92 -45.68
N ARG A 113 -37.72 -13.89 -46.02
CA ARG A 113 -38.20 -15.18 -46.50
C ARG A 113 -37.62 -16.31 -45.64
N PRO A 114 -38.35 -17.41 -45.47
CA PRO A 114 -37.87 -18.50 -44.63
C PRO A 114 -36.53 -19.02 -45.11
N PRO A 115 -35.83 -19.81 -44.30
CA PRO A 115 -34.55 -20.37 -44.76
C PRO A 115 -34.74 -21.17 -46.04
N ARG A 116 -33.97 -20.79 -47.06
CA ARG A 116 -34.01 -21.52 -48.32
C ARG A 116 -33.27 -22.85 -48.18
N GLU A 117 -33.53 -23.74 -49.14
CA GLU A 117 -32.75 -24.96 -49.24
C GLU A 117 -31.27 -24.60 -49.38
N ASN A 118 -30.42 -25.28 -48.63
CA ASN A 118 -29.00 -25.00 -48.44
C ASN A 118 -28.81 -23.84 -47.47
N GLU A 119 -29.88 -23.25 -46.95
CA GLU A 119 -29.78 -22.17 -45.98
C GLU A 119 -30.36 -22.63 -44.65
N ARG A 120 -29.59 -22.42 -43.58
CA ARG A 120 -29.98 -22.86 -42.25
C ARG A 120 -30.82 -21.84 -41.50
N TYR A 121 -30.85 -20.59 -41.95
CA TYR A 121 -31.61 -19.54 -41.28
C TYR A 121 -32.37 -18.71 -42.29
N ALA A 122 -33.40 -18.01 -41.80
CA ALA A 122 -34.20 -17.14 -42.65
C ALA A 122 -33.33 -16.06 -43.28
N THR A 123 -33.76 -15.57 -44.43
CA THR A 123 -33.03 -14.59 -45.21
C THR A 123 -33.95 -13.47 -45.67
N LEU A 124 -33.36 -12.33 -46.00
CA LEU A 124 -34.11 -11.13 -46.35
C LEU A 124 -34.45 -11.15 -47.83
N LEU A 125 -35.71 -10.84 -48.16
CA LEU A 125 -36.12 -10.81 -49.56
C LEU A 125 -36.36 -9.38 -50.03
N LYS A 126 -37.05 -8.56 -49.24
CA LYS A 126 -37.43 -7.22 -49.64
C LYS A 126 -37.64 -6.36 -48.40
N VAL A 127 -37.88 -5.07 -48.60
CA VAL A 127 -38.29 -4.18 -47.52
C VAL A 127 -39.46 -3.33 -47.99
N GLU A 128 -40.43 -3.11 -47.11
CA GLU A 128 -41.61 -2.31 -47.40
C GLU A 128 -41.60 -0.97 -46.68
N ALA A 129 -41.44 -0.97 -45.35
CA ALA A 129 -41.30 0.26 -44.58
C ALA A 129 -40.21 0.06 -43.56
N VAL A 130 -39.48 1.13 -43.26
CA VAL A 130 -38.29 1.07 -42.40
C VAL A 130 -38.55 1.91 -41.17
N ASN A 131 -38.23 1.35 -39.99
CA ASN A 131 -38.36 2.04 -38.72
C ASN A 131 -39.73 2.69 -38.56
N ASN A 132 -40.77 2.01 -39.05
CA ASN A 132 -42.15 2.48 -39.00
C ASN A 132 -42.33 3.76 -39.78
N LEU A 133 -41.37 4.13 -40.63
CA LEU A 133 -41.44 5.34 -41.42
C LEU A 133 -41.12 5.01 -42.86
N ASP A 134 -41.43 5.95 -43.76
CA ASP A 134 -41.12 5.75 -45.17
C ASP A 134 -39.61 5.59 -45.35
N PRO A 135 -39.16 4.50 -45.97
CA PRO A 135 -37.71 4.28 -46.12
C PRO A 135 -36.99 5.43 -46.81
N GLU A 136 -37.59 6.04 -47.84
CA GLU A 136 -36.93 7.13 -48.52
C GLU A 136 -36.60 8.26 -47.55
N ALA A 137 -37.54 8.62 -46.68
CA ALA A 137 -37.26 9.64 -45.67
C ALA A 137 -36.14 9.21 -44.74
N ALA A 138 -36.05 7.91 -44.43
CA ALA A 138 -34.96 7.43 -43.60
C ALA A 138 -33.60 7.68 -44.25
N LYS A 139 -33.59 7.87 -45.57
CA LYS A 139 -32.33 8.07 -46.27
C LYS A 139 -31.61 9.31 -45.80
N ASN A 140 -32.35 10.37 -45.43
CA ASN A 140 -31.78 11.65 -45.03
C ASN A 140 -32.28 11.99 -43.64
N ARG A 141 -31.35 12.10 -42.69
CA ARG A 141 -31.67 12.51 -41.33
C ARG A 141 -30.40 12.99 -40.66
N PRO A 142 -30.50 13.80 -39.62
CA PRO A 142 -29.29 14.19 -38.88
C PRO A 142 -28.66 12.99 -38.19
N ARG A 143 -27.34 13.02 -38.07
CA ARG A 143 -26.63 11.96 -37.36
C ARG A 143 -26.60 12.25 -35.87
N PHE A 144 -26.80 11.20 -35.07
CA PHE A 144 -26.94 11.37 -33.63
C PHE A 144 -25.71 12.04 -33.03
N ASP A 145 -24.52 11.54 -33.36
CA ASP A 145 -23.30 12.09 -32.76
C ASP A 145 -23.03 13.52 -33.19
N GLU A 146 -23.69 13.98 -34.25
CA GLU A 146 -23.52 15.35 -34.73
C GLU A 146 -24.62 16.29 -34.24
N LEU A 147 -25.60 15.78 -33.49
CA LEU A 147 -26.62 16.66 -32.93
C LEU A 147 -25.99 17.67 -31.99
N THR A 148 -26.40 18.92 -32.12
CA THR A 148 -25.84 19.99 -31.29
C THR A 148 -26.32 19.81 -29.86
N PRO A 149 -25.46 19.37 -28.93
CA PRO A 149 -25.91 19.22 -27.55
C PRO A 149 -26.14 20.57 -26.89
N GLN A 150 -27.10 20.58 -25.98
CA GLN A 150 -27.41 21.75 -25.17
C GLN A 150 -27.54 21.29 -23.72
N PHE A 151 -27.72 22.25 -22.84
CA PHE A 151 -28.17 21.91 -21.50
C PHE A 151 -29.66 21.63 -21.53
N PRO A 152 -30.16 20.85 -20.57
CA PRO A 152 -31.60 20.59 -20.53
C PRO A 152 -32.38 21.89 -20.42
N ASP A 153 -33.13 22.20 -21.48
CA ASP A 153 -33.96 23.39 -21.55
C ASP A 153 -35.43 23.06 -21.72
N ARG A 154 -35.76 21.81 -22.01
CA ARG A 154 -37.14 21.34 -22.00
C ARG A 154 -37.29 20.48 -20.76
N GLN A 155 -37.47 21.15 -19.62
CA GLN A 155 -37.54 20.50 -18.33
C GLN A 155 -38.82 19.67 -18.24
N ILE A 156 -38.73 18.58 -17.48
CA ILE A 156 -39.87 17.73 -17.18
C ILE A 156 -40.38 18.17 -15.82
N ARG A 157 -41.47 18.93 -15.83
CA ARG A 157 -42.05 19.38 -14.57
C ARG A 157 -42.36 18.16 -13.70
N LEU A 158 -41.95 18.24 -12.44
CA LEU A 158 -41.93 17.09 -11.55
C LEU A 158 -43.08 17.18 -10.58
N GLU A 159 -44.08 16.33 -10.75
CA GLU A 159 -45.20 16.20 -9.83
C GLU A 159 -45.75 14.79 -9.95
N THR A 160 -45.57 14.00 -8.89
CA THR A 160 -45.90 12.58 -8.93
C THR A 160 -46.65 12.20 -7.66
N THR A 161 -47.76 11.49 -7.83
CA THR A 161 -48.67 11.19 -6.72
C THR A 161 -48.23 10.05 -5.81
N PRO A 162 -47.73 8.91 -6.30
CA PRO A 162 -47.59 7.72 -5.45
C PRO A 162 -46.83 7.96 -4.16
N ASP A 163 -45.85 8.85 -4.14
CA ASP A 163 -45.31 9.38 -2.90
C ASP A 163 -44.94 10.84 -3.12
N GLU A 164 -45.85 11.74 -2.80
CA GLU A 164 -45.60 13.16 -3.04
C GLU A 164 -44.49 13.70 -2.16
N LEU A 165 -44.22 13.09 -1.01
CA LEU A 165 -43.24 13.66 -0.08
C LEU A 165 -41.82 13.23 -0.45
N SER A 166 -41.57 11.93 -0.54
CA SER A 166 -40.25 11.47 -0.96
C SER A 166 -39.94 11.96 -2.36
N THR A 167 -40.94 11.92 -3.23
CA THR A 167 -40.76 12.47 -4.57
C THR A 167 -40.54 13.98 -4.51
N ARG A 168 -41.13 14.65 -3.53
CA ARG A 168 -40.81 16.07 -3.33
C ARG A 168 -39.34 16.23 -3.00
N VAL A 169 -38.81 15.36 -2.13
CA VAL A 169 -37.39 15.41 -1.82
C VAL A 169 -36.58 15.23 -3.09
N ILE A 170 -36.97 14.25 -3.90
CA ILE A 170 -36.24 13.96 -5.13
C ILE A 170 -36.24 15.17 -6.06
N ASP A 171 -37.42 15.76 -6.27
CA ASP A 171 -37.53 16.91 -7.15
C ASP A 171 -36.74 18.10 -6.61
N LEU A 172 -36.81 18.33 -5.31
CA LEU A 172 -36.24 19.52 -4.70
C LEU A 172 -34.74 19.42 -4.46
N LEU A 173 -34.17 18.22 -4.53
CA LEU A 173 -32.74 18.04 -4.31
C LEU A 173 -31.99 17.81 -5.62
N ALA A 174 -32.58 17.09 -6.57
CA ALA A 174 -31.94 16.81 -7.86
C ALA A 174 -33.01 16.82 -8.94
N PRO A 175 -33.21 17.95 -9.61
CA PRO A 175 -34.19 17.98 -10.70
C PRO A 175 -33.82 17.03 -11.82
N ILE A 176 -34.85 16.48 -12.48
CA ILE A 176 -34.69 15.65 -13.65
C ILE A 176 -35.29 16.37 -14.83
N GLY A 177 -34.49 16.58 -15.88
CA GLY A 177 -34.96 17.13 -17.12
C GLY A 177 -34.65 16.20 -18.28
N ARG A 178 -35.19 16.57 -19.44
CA ARG A 178 -35.01 15.78 -20.65
C ARG A 178 -33.55 15.87 -21.06
N GLY A 179 -32.92 14.72 -21.27
CA GLY A 179 -31.51 14.69 -21.61
C GLY A 179 -30.56 14.77 -20.44
N GLN A 180 -31.06 14.63 -19.21
CA GLN A 180 -30.25 14.69 -18.01
C GLN A 180 -29.28 13.52 -17.98
N ARG A 181 -27.99 13.80 -17.83
CA ARG A 181 -26.99 12.76 -17.60
C ARG A 181 -26.76 12.64 -16.10
N GLY A 182 -27.67 11.91 -15.45
CA GLY A 182 -27.67 11.82 -14.01
C GLY A 182 -26.97 10.58 -13.50
N LEU A 183 -26.57 10.60 -12.23
CA LEU A 183 -25.93 9.47 -11.59
C LEU A 183 -26.18 9.53 -10.09
N ILE A 184 -26.60 8.41 -9.51
CA ILE A 184 -26.87 8.33 -8.08
C ILE A 184 -25.87 7.35 -7.47
N VAL A 185 -25.26 7.76 -6.36
CA VAL A 185 -24.11 7.08 -5.79
C VAL A 185 -24.41 6.76 -4.33
N ALA A 186 -24.35 5.49 -3.98
CA ALA A 186 -24.65 5.03 -2.63
C ALA A 186 -23.81 3.80 -2.33
N PRO A 187 -23.57 3.50 -1.06
CA PRO A 187 -22.92 2.24 -0.71
C PRO A 187 -23.88 1.07 -0.88
N PRO A 188 -23.39 -0.15 -0.75
CA PRO A 188 -24.27 -1.32 -0.95
C PRO A 188 -25.43 -1.33 0.02
N LYS A 189 -26.58 -1.81 -0.45
CA LYS A 189 -27.77 -2.00 0.39
C LYS A 189 -28.14 -0.72 1.11
N ALA A 190 -28.20 0.38 0.36
CA ALA A 190 -28.46 1.68 0.96
C ALA A 190 -29.54 2.47 0.21
N GLY A 191 -30.49 1.79 -0.42
CA GLY A 191 -31.65 2.50 -0.94
C GLY A 191 -31.67 2.74 -2.43
N LYS A 192 -31.21 1.80 -3.25
CA LYS A 192 -31.05 2.09 -4.67
C LYS A 192 -32.20 1.56 -5.50
N THR A 193 -32.39 0.23 -5.50
CA THR A 193 -33.25 -0.38 -6.50
C THR A 193 -34.69 0.09 -6.39
N THR A 194 -35.26 0.07 -5.18
CA THR A 194 -36.65 0.49 -5.03
C THR A 194 -36.79 1.98 -5.33
N LEU A 195 -35.73 2.76 -5.08
CA LEU A 195 -35.75 4.16 -5.45
C LEU A 195 -35.86 4.33 -6.97
N LEU A 196 -35.05 3.56 -7.71
CA LEU A 196 -35.18 3.56 -9.16
C LEU A 196 -36.57 3.12 -9.59
N LYS A 197 -37.12 2.13 -8.89
CA LYS A 197 -38.48 1.67 -9.18
C LYS A 197 -39.48 2.80 -9.04
N LYS A 198 -39.39 3.54 -7.94
CA LYS A 198 -40.32 4.64 -7.70
C LYS A 198 -40.18 5.70 -8.79
N ILE A 199 -38.94 6.01 -9.16
CA ILE A 199 -38.72 7.00 -10.22
C ILE A 199 -39.38 6.54 -11.51
N ALA A 200 -39.19 5.27 -11.87
CA ALA A 200 -39.76 4.76 -13.11
C ALA A 200 -41.28 4.82 -13.06
N ASN A 201 -41.86 4.42 -11.92
CA ASN A 201 -43.30 4.43 -11.80
C ASN A 201 -43.85 5.84 -11.95
N ALA A 202 -43.21 6.82 -11.31
CA ALA A 202 -43.65 8.20 -11.44
C ALA A 202 -43.58 8.65 -12.89
N VAL A 203 -42.46 8.39 -13.55
CA VAL A 203 -42.29 8.85 -14.93
C VAL A 203 -43.34 8.21 -15.83
N LEU A 204 -43.70 6.97 -15.56
CA LEU A 204 -44.72 6.31 -16.37
C LEU A 204 -46.10 6.89 -16.19
N LYS A 205 -46.26 7.92 -15.35
CA LYS A 205 -47.54 8.60 -15.20
C LYS A 205 -47.41 10.06 -15.60
N ASN A 206 -46.25 10.66 -15.35
CA ASN A 206 -46.07 12.08 -15.62
C ASN A 206 -45.99 12.39 -17.11
N GLU A 207 -45.35 11.53 -17.91
CA GLU A 207 -45.15 11.77 -19.33
C GLU A 207 -45.40 10.48 -20.10
N PRO A 208 -46.67 10.16 -20.36
CA PRO A 208 -46.98 8.94 -21.12
C PRO A 208 -46.37 8.93 -22.51
N ASP A 209 -46.00 10.08 -23.05
CA ASP A 209 -45.41 10.13 -24.39
C ASP A 209 -43.97 9.64 -24.42
N ILE A 210 -43.29 9.64 -23.29
CA ILE A 210 -41.87 9.29 -23.27
C ILE A 210 -41.71 7.78 -23.27
N LYS A 211 -40.84 7.28 -24.14
CA LYS A 211 -40.51 5.86 -24.17
C LYS A 211 -39.53 5.57 -23.05
N VAL A 212 -39.97 4.88 -22.02
CA VAL A 212 -39.18 4.67 -20.80
C VAL A 212 -38.66 3.24 -20.83
N ILE A 213 -37.36 3.08 -20.66
CA ILE A 213 -36.70 1.79 -20.68
C ILE A 213 -35.93 1.61 -19.39
N VAL A 214 -36.02 0.43 -18.79
CA VAL A 214 -35.32 0.12 -17.54
C VAL A 214 -34.39 -1.05 -17.80
N LEU A 215 -33.13 -0.89 -17.40
CA LEU A 215 -32.10 -1.88 -17.62
C LEU A 215 -31.51 -2.29 -16.28
N LEU A 216 -31.41 -3.59 -16.04
CA LEU A 216 -30.92 -4.14 -14.79
C LEU A 216 -29.73 -5.05 -15.08
N ILE A 217 -28.56 -4.68 -14.58
CA ILE A 217 -27.34 -5.44 -14.77
C ILE A 217 -26.91 -6.03 -13.44
N ASP A 218 -26.58 -7.31 -13.43
CA ASP A 218 -25.85 -7.91 -12.32
C ASP A 218 -26.63 -7.84 -11.01
N GLU A 219 -27.94 -8.03 -11.05
CA GLU A 219 -28.76 -7.92 -9.85
C GLU A 219 -29.52 -9.21 -9.59
N ARG A 220 -30.23 -9.20 -8.46
CA ARG A 220 -30.89 -10.40 -7.98
C ARG A 220 -32.16 -10.68 -8.81
N PRO A 221 -32.45 -11.95 -9.13
CA PRO A 221 -33.62 -12.23 -9.98
C PRO A 221 -34.95 -11.79 -9.39
N GLU A 222 -35.13 -11.97 -8.08
CA GLU A 222 -36.40 -11.59 -7.46
C GLU A 222 -36.72 -10.13 -7.72
N GLU A 223 -35.73 -9.25 -7.66
CA GLU A 223 -35.97 -7.85 -8.01
C GLU A 223 -36.41 -7.75 -9.47
N VAL A 224 -35.83 -8.57 -10.35
CA VAL A 224 -36.21 -8.54 -11.76
C VAL A 224 -37.68 -8.84 -11.92
N THR A 225 -38.15 -9.92 -11.29
CA THR A 225 -39.55 -10.28 -11.42
C THR A 225 -40.43 -9.24 -10.75
N ASP A 226 -39.98 -8.69 -9.61
CA ASP A 226 -40.75 -7.66 -8.95
C ASP A 226 -41.00 -6.47 -9.88
N PHE A 227 -39.95 -6.04 -10.58
CA PHE A 227 -40.13 -4.95 -11.54
C PHE A 227 -41.05 -5.38 -12.67
N ARG A 228 -40.75 -6.51 -13.30
CA ARG A 228 -41.51 -6.93 -14.48
C ARG A 228 -42.99 -6.97 -14.18
N GLU A 229 -43.36 -7.40 -12.97
CA GLU A 229 -44.76 -7.38 -12.57
C GLU A 229 -45.22 -5.97 -12.22
N SER A 230 -44.36 -5.16 -11.60
CA SER A 230 -44.77 -3.89 -11.04
C SER A 230 -44.55 -2.71 -11.99
N VAL A 231 -43.95 -2.93 -13.16
CA VAL A 231 -43.66 -1.83 -14.07
C VAL A 231 -44.87 -1.44 -14.91
N GLN A 232 -45.89 -2.30 -14.99
CA GLN A 232 -47.10 -2.01 -15.75
C GLN A 232 -46.78 -1.73 -17.22
N GLY A 233 -46.08 -2.68 -17.85
CA GLY A 233 -45.95 -2.73 -19.28
C GLY A 233 -44.79 -1.97 -19.88
N ALA A 234 -44.08 -1.16 -19.11
CA ALA A 234 -42.91 -0.48 -19.65
C ALA A 234 -41.79 -1.49 -19.88
N GLU A 235 -40.92 -1.19 -20.85
CA GLU A 235 -39.88 -2.13 -21.27
C GLU A 235 -38.92 -2.34 -20.11
N VAL A 236 -39.01 -3.51 -19.48
CA VAL A 236 -38.12 -3.88 -18.38
C VAL A 236 -37.17 -4.95 -18.91
N ILE A 237 -35.88 -4.60 -18.98
CA ILE A 237 -34.83 -5.51 -19.41
C ILE A 237 -33.94 -5.79 -18.21
N ALA A 238 -33.59 -7.06 -18.01
CA ALA A 238 -32.78 -7.43 -16.87
C ALA A 238 -31.79 -8.51 -17.28
N SER A 239 -30.69 -8.59 -16.53
CA SER A 239 -29.70 -9.65 -16.73
C SER A 239 -29.15 -9.96 -15.35
N THR A 240 -29.69 -11.01 -14.72
CA THR A 240 -29.35 -11.34 -13.34
C THR A 240 -27.86 -11.63 -13.22
N PHE A 241 -27.36 -11.67 -11.99
CA PHE A 241 -25.95 -12.02 -11.83
C PHE A 241 -25.69 -13.47 -12.21
N ASP A 242 -26.73 -14.26 -12.40
CA ASP A 242 -26.56 -15.65 -12.79
C ASP A 242 -25.86 -15.77 -14.14
N GLU A 243 -26.05 -14.80 -15.01
CA GLU A 243 -25.46 -14.87 -16.34
C GLU A 243 -24.00 -14.48 -16.31
N PRO A 244 -23.17 -15.04 -17.19
CA PRO A 244 -21.77 -14.59 -17.28
C PRO A 244 -21.68 -13.15 -17.73
N PRO A 245 -20.61 -12.45 -17.39
CA PRO A 245 -20.56 -11.00 -17.65
C PRO A 245 -20.69 -10.65 -19.12
N GLN A 246 -20.25 -11.53 -20.01
CA GLN A 246 -20.41 -11.28 -21.43
C GLN A 246 -21.88 -11.01 -21.76
N ASN A 247 -22.79 -11.71 -21.09
CA ASN A 247 -24.21 -11.44 -21.27
C ASN A 247 -24.55 -10.01 -20.86
N HIS A 248 -24.00 -9.58 -19.72
CA HIS A 248 -24.21 -8.20 -19.29
C HIS A 248 -23.77 -7.23 -20.36
N ILE A 249 -22.56 -7.41 -20.89
CA ILE A 249 -22.02 -6.47 -21.87
C ILE A 249 -22.89 -6.48 -23.12
N ARG A 250 -23.27 -7.67 -23.59
CA ARG A 250 -24.09 -7.76 -24.79
C ARG A 250 -25.38 -6.99 -24.61
N VAL A 251 -26.11 -7.26 -23.53
CA VAL A 251 -27.40 -6.61 -23.33
C VAL A 251 -27.21 -5.11 -23.19
N ALA A 252 -26.20 -4.70 -22.43
CA ALA A 252 -25.99 -3.28 -22.18
C ALA A 252 -25.74 -2.53 -23.48
N GLU A 253 -24.83 -3.04 -24.31
CA GLU A 253 -24.52 -2.34 -25.56
C GLU A 253 -25.69 -2.40 -26.52
N PHE A 254 -26.44 -3.51 -26.52
CA PHE A 254 -27.63 -3.58 -27.35
C PHE A 254 -28.60 -2.45 -27.01
N VAL A 255 -28.92 -2.31 -25.72
CA VAL A 255 -29.85 -1.27 -25.32
C VAL A 255 -29.26 0.11 -25.59
N HIS A 256 -27.93 0.24 -25.41
CA HIS A 256 -27.28 1.52 -25.69
C HIS A 256 -27.54 1.95 -27.12
N GLU A 257 -27.22 1.08 -28.08
CA GLU A 257 -27.41 1.44 -29.48
C GLU A 257 -28.88 1.65 -29.81
N ARG A 258 -29.76 0.80 -29.27
CA ARG A 258 -31.19 0.97 -29.53
C ARG A 258 -31.65 2.35 -29.09
N ALA A 259 -31.30 2.74 -27.86
CA ALA A 259 -31.72 4.04 -27.36
C ALA A 259 -31.11 5.16 -28.19
N LYS A 260 -29.84 5.02 -28.57
CA LYS A 260 -29.22 6.07 -29.38
C LYS A 260 -30.00 6.28 -30.67
N ARG A 261 -30.29 5.19 -31.38
CA ARG A 261 -30.93 5.34 -32.69
C ARG A 261 -32.38 5.78 -32.53
N ILE A 262 -33.01 5.43 -31.42
CA ILE A 262 -34.38 5.89 -31.19
C ILE A 262 -34.39 7.38 -30.92
N VAL A 263 -33.49 7.87 -30.08
CA VAL A 263 -33.41 9.30 -29.81
C VAL A 263 -33.03 10.05 -31.07
N GLU A 264 -32.26 9.42 -31.96
CA GLU A 264 -31.86 10.12 -33.17
C GLU A 264 -33.06 10.60 -33.97
N GLU A 265 -34.22 9.99 -33.76
CA GLU A 265 -35.44 10.38 -34.43
C GLU A 265 -36.13 11.56 -33.74
N GLY A 266 -35.40 12.30 -32.92
CA GLY A 266 -35.99 13.44 -32.23
C GLY A 266 -36.86 13.10 -31.05
N GLY A 267 -36.78 11.86 -30.56
CA GLY A 267 -37.63 11.43 -29.46
C GLY A 267 -36.96 11.59 -28.11
N HIS A 268 -37.80 11.54 -27.07
CA HIS A 268 -37.36 11.62 -25.68
C HIS A 268 -37.28 10.21 -25.11
N VAL A 269 -36.09 9.82 -24.67
CA VAL A 269 -35.82 8.48 -24.12
C VAL A 269 -35.20 8.63 -22.75
N MET A 270 -35.64 7.80 -21.81
CA MET A 270 -35.06 7.76 -20.47
C MET A 270 -34.69 6.31 -20.16
N ILE A 271 -33.44 6.12 -19.74
CA ILE A 271 -32.94 4.80 -19.35
C ILE A 271 -32.59 4.83 -17.87
N LEU A 272 -33.17 3.89 -17.13
CA LEU A 272 -32.89 3.71 -15.71
C LEU A 272 -32.06 2.45 -15.54
N LEU A 273 -30.79 2.62 -15.21
CA LEU A 273 -29.81 1.55 -15.18
C LEU A 273 -29.47 1.18 -13.74
N ASP A 274 -30.04 0.07 -13.28
CA ASP A 274 -29.59 -0.54 -12.04
C ASP A 274 -28.15 -0.99 -12.18
N SER A 275 -27.36 -0.80 -11.12
CA SER A 275 -26.04 -1.43 -11.05
C SER A 275 -25.06 -0.91 -12.09
N ILE A 276 -24.78 0.40 -12.11
CA ILE A 276 -23.80 0.91 -13.07
C ILE A 276 -22.38 0.66 -12.59
N THR A 277 -22.10 0.82 -11.29
CA THR A 277 -20.76 0.52 -10.80
C THR A 277 -20.58 -0.98 -10.66
N ARG A 278 -21.67 -1.71 -10.40
CA ARG A 278 -21.65 -3.14 -10.59
C ARG A 278 -21.34 -3.47 -12.04
N LEU A 279 -21.92 -2.71 -12.96
CA LEU A 279 -21.59 -2.89 -14.37
C LEU A 279 -20.12 -2.58 -14.64
N ALA A 280 -19.56 -1.62 -13.90
CA ALA A 280 -18.15 -1.27 -14.08
C ALA A 280 -17.25 -2.39 -13.59
N ARG A 281 -17.60 -2.98 -12.45
CA ARG A 281 -16.88 -4.17 -12.00
C ARG A 281 -17.02 -5.29 -13.02
N ALA A 282 -18.21 -5.42 -13.60
CA ALA A 282 -18.44 -6.43 -14.62
C ALA A 282 -17.56 -6.19 -15.84
N ASN A 283 -17.39 -4.93 -16.24
CA ASN A 283 -16.44 -4.60 -17.29
C ASN A 283 -15.04 -5.03 -16.88
N ASN A 284 -14.62 -4.67 -15.67
CA ASN A 284 -13.31 -5.07 -15.19
C ASN A 284 -13.11 -6.57 -15.35
N LEU A 285 -14.11 -7.37 -14.99
CA LEU A 285 -14.04 -8.80 -15.27
C LEU A 285 -13.92 -9.05 -16.75
N VAL A 286 -14.73 -8.36 -17.55
CA VAL A 286 -14.62 -8.43 -19.00
C VAL A 286 -13.35 -7.74 -19.49
N THR A 287 -12.84 -6.78 -18.72
CA THR A 287 -11.77 -5.95 -19.20
C THR A 287 -10.52 -6.80 -19.45
N PRO A 288 -10.18 -7.11 -20.70
CA PRO A 288 -9.17 -8.13 -20.96
C PRO A 288 -7.75 -7.66 -20.59
N PRO A 289 -7.27 -6.48 -21.08
CA PRO A 289 -6.14 -5.86 -20.38
C PRO A 289 -6.15 -4.34 -20.27
N THR A 290 -6.22 -3.63 -21.41
CA THR A 290 -6.20 -2.17 -21.43
C THR A 290 -4.85 -1.60 -21.01
N GLY A 291 -3.95 -2.45 -20.53
CA GLY A 291 -2.64 -2.00 -20.10
C GLY A 291 -2.53 -1.74 -18.61
N ARG A 292 -2.21 -0.49 -18.26
CA ARG A 292 -1.78 -0.16 -16.91
C ARG A 292 -2.92 -0.26 -15.89
N THR A 293 -2.57 -0.65 -14.68
CA THR A 293 -3.52 -0.82 -13.59
C THR A 293 -3.68 0.48 -12.82
N LEU A 294 -4.87 1.07 -12.88
CA LEU A 294 -5.18 2.19 -12.00
C LEU A 294 -5.17 1.74 -10.54
N SER A 295 -5.19 2.70 -9.64
CA SER A 295 -5.26 2.39 -8.22
C SER A 295 -6.50 1.56 -7.92
N GLY A 296 -6.31 0.49 -7.15
CA GLY A 296 -7.41 -0.36 -6.72
C GLY A 296 -7.70 -1.52 -7.64
N GLY A 297 -6.79 -1.86 -8.55
CA GLY A 297 -7.03 -2.92 -9.50
C GLY A 297 -7.78 -2.48 -10.74
N LEU A 298 -8.04 -1.18 -10.88
CA LEU A 298 -8.84 -0.66 -11.98
C LEU A 298 -8.02 -0.55 -13.24
N ASP A 299 -8.73 -0.53 -14.37
CA ASP A 299 -8.10 -0.30 -15.66
C ASP A 299 -8.16 1.18 -16.01
N SER A 300 -7.23 1.61 -16.88
CA SER A 300 -7.15 3.03 -17.20
C SER A 300 -8.21 3.43 -18.21
N ALA A 301 -8.16 2.85 -19.41
CA ALA A 301 -9.09 3.19 -20.47
C ALA A 301 -10.28 2.24 -20.57
N ALA A 302 -10.33 1.21 -19.72
CA ALA A 302 -11.44 0.26 -19.78
C ALA A 302 -12.75 0.91 -19.38
N LEU A 303 -12.69 2.03 -18.66
CA LEU A 303 -13.88 2.80 -18.35
C LEU A 303 -14.36 3.62 -19.55
N TYR A 304 -13.68 3.53 -20.69
CA TYR A 304 -14.06 4.34 -21.85
C TYR A 304 -15.46 3.98 -22.33
N PHE A 305 -15.76 2.68 -22.39
CA PHE A 305 -17.07 2.27 -22.89
C PHE A 305 -18.21 2.68 -21.97
N PRO A 306 -18.15 2.42 -20.66
CA PRO A 306 -19.18 3.01 -19.78
C PRO A 306 -19.18 4.52 -19.80
N LYS A 307 -18.01 5.14 -20.00
CA LYS A 307 -17.94 6.59 -20.09
C LYS A 307 -18.78 7.09 -21.25
N ARG A 308 -18.58 6.52 -22.43
CA ARG A 308 -19.38 6.90 -23.58
C ARG A 308 -20.85 6.56 -23.34
N PHE A 309 -21.11 5.40 -22.74
CA PHE A 309 -22.47 4.99 -22.45
C PHE A 309 -23.20 6.07 -21.68
N LEU A 310 -22.59 6.57 -20.60
CA LEU A 310 -23.24 7.60 -19.80
C LEU A 310 -23.22 8.93 -20.52
N GLY A 311 -22.14 9.25 -21.21
CA GLY A 311 -22.04 10.50 -21.94
C GLY A 311 -23.04 10.64 -23.06
N ALA A 312 -23.65 9.53 -23.49
CA ALA A 312 -24.72 9.63 -24.46
C ALA A 312 -25.84 10.54 -23.96
N ALA A 313 -26.11 10.50 -22.65
CA ALA A 313 -27.15 11.34 -22.08
C ALA A 313 -26.88 12.80 -22.39
N ARG A 314 -27.82 13.42 -23.10
CA ARG A 314 -27.63 14.79 -23.55
C ARG A 314 -28.98 15.39 -23.92
N ASN A 315 -29.01 16.71 -24.00
CA ASN A 315 -30.13 17.45 -24.53
C ASN A 315 -29.81 17.91 -25.94
N ILE A 316 -30.79 17.80 -26.83
CA ILE A 316 -30.64 18.18 -28.23
C ILE A 316 -31.56 19.36 -28.50
N ARG A 317 -31.03 20.38 -29.18
CA ARG A 317 -31.76 21.62 -29.41
C ARG A 317 -32.83 21.48 -30.48
N GLY A 318 -32.87 20.37 -31.22
CA GLY A 318 -33.82 20.23 -32.30
C GLY A 318 -34.99 19.35 -31.94
N GLY A 319 -35.07 18.96 -30.67
CA GLY A 319 -36.12 18.06 -30.22
C GLY A 319 -35.55 16.73 -29.76
N GLY A 320 -36.26 16.05 -28.88
CA GLY A 320 -35.80 14.79 -28.34
C GLY A 320 -34.67 14.97 -27.35
N SER A 321 -34.41 13.90 -26.59
CA SER A 321 -33.37 13.93 -25.59
C SER A 321 -33.14 12.50 -25.11
N LEU A 322 -32.03 12.32 -24.40
CA LEU A 322 -31.65 11.02 -23.83
C LEU A 322 -31.18 11.26 -22.40
N THR A 323 -31.98 10.79 -21.44
CA THR A 323 -31.65 10.96 -20.04
C THR A 323 -31.38 9.60 -19.41
N ILE A 324 -30.20 9.44 -18.81
CA ILE A 324 -29.81 8.20 -18.14
C ILE A 324 -29.66 8.49 -16.66
N LEU A 325 -30.36 7.71 -15.84
CA LEU A 325 -30.11 7.68 -14.41
C LEU A 325 -29.64 6.29 -14.04
N ALA A 326 -28.50 6.20 -13.37
CA ALA A 326 -27.89 4.91 -13.08
C ALA A 326 -27.41 4.88 -11.65
N THR A 327 -27.32 3.66 -11.10
CA THR A 327 -27.01 3.46 -9.70
C THR A 327 -25.55 3.08 -9.53
N ALA A 328 -24.81 3.85 -8.74
CA ALA A 328 -23.38 3.69 -8.55
C ALA A 328 -23.06 3.30 -7.11
N LEU A 329 -22.00 2.50 -6.94
CA LEU A 329 -21.59 2.00 -5.64
C LEU A 329 -20.27 2.65 -5.21
N VAL A 330 -20.22 3.09 -3.95
CA VAL A 330 -19.01 3.66 -3.36
C VAL A 330 -18.87 3.13 -1.95
N GLU A 331 -17.71 3.42 -1.34
CA GLU A 331 -17.44 3.02 0.03
C GLU A 331 -17.55 1.51 0.20
N THR A 332 -17.10 0.78 -0.81
CA THR A 332 -17.16 -0.68 -0.80
C THR A 332 -15.91 -1.31 -0.20
N GLY A 333 -14.99 -0.50 0.33
CA GLY A 333 -13.77 -1.02 0.90
C GLY A 333 -12.69 -1.37 -0.09
N SER A 334 -12.96 -1.20 -1.39
CA SER A 334 -11.98 -1.46 -2.43
C SER A 334 -11.80 -0.19 -3.25
N ARG A 335 -10.55 0.21 -3.48
CA ARG A 335 -10.29 1.45 -4.21
C ARG A 335 -10.88 1.40 -5.61
N MET A 336 -11.10 0.21 -6.15
CA MET A 336 -11.66 0.08 -7.49
C MET A 336 -12.94 0.91 -7.64
N ASP A 337 -13.88 0.72 -6.70
CA ASP A 337 -15.18 1.37 -6.83
C ASP A 337 -15.08 2.87 -6.60
N ASP A 338 -14.21 3.29 -5.66
CA ASP A 338 -14.04 4.72 -5.44
C ASP A 338 -13.50 5.40 -6.69
N VAL A 339 -12.50 4.78 -7.34
CA VAL A 339 -11.94 5.36 -8.55
C VAL A 339 -12.97 5.36 -9.67
N ILE A 340 -13.76 4.28 -9.77
CA ILE A 340 -14.80 4.24 -10.80
C ILE A 340 -15.80 5.38 -10.59
N PHE A 341 -16.26 5.55 -9.35
CA PHE A 341 -17.23 6.59 -9.07
C PHE A 341 -16.66 7.96 -9.41
N GLU A 342 -15.40 8.20 -9.04
CA GLU A 342 -14.81 9.49 -9.36
C GLU A 342 -14.71 9.68 -10.87
N GLU A 343 -14.35 8.62 -11.60
CA GLU A 343 -14.25 8.73 -13.04
C GLU A 343 -15.58 9.06 -13.69
N PHE A 344 -16.66 8.47 -13.19
CA PHE A 344 -17.99 8.81 -13.69
C PHE A 344 -18.43 10.21 -13.26
N LYS A 345 -18.03 10.65 -12.06
CA LYS A 345 -18.56 11.88 -11.50
C LYS A 345 -18.26 13.07 -12.42
N GLY A 346 -17.11 13.05 -13.09
CA GLY A 346 -16.77 14.13 -13.99
C GLY A 346 -17.51 14.09 -15.31
N THR A 347 -18.19 12.99 -15.62
CA THR A 347 -18.91 12.85 -16.88
C THR A 347 -20.41 13.06 -16.74
N GLY A 348 -20.99 12.84 -15.57
CA GLY A 348 -22.39 13.11 -15.37
C GLY A 348 -22.66 14.58 -15.11
N ASN A 349 -23.88 14.99 -15.41
CA ASN A 349 -24.28 16.39 -15.26
C ASN A 349 -25.07 16.64 -13.99
N MET A 350 -25.37 15.59 -13.23
CA MET A 350 -26.07 15.74 -11.96
C MET A 350 -25.77 14.49 -11.14
N GLU A 351 -25.41 14.69 -9.88
CA GLU A 351 -25.03 13.57 -9.03
C GLU A 351 -25.86 13.60 -7.76
N LEU A 352 -26.21 12.41 -7.28
CA LEU A 352 -27.03 12.25 -6.08
C LEU A 352 -26.25 11.41 -5.10
N HIS A 353 -25.56 12.07 -4.18
CA HIS A 353 -24.89 11.38 -3.09
C HIS A 353 -25.92 10.90 -2.10
N LEU A 354 -25.83 9.63 -1.70
CA LEU A 354 -26.68 9.11 -0.64
C LEU A 354 -25.81 8.76 0.55
N SER A 355 -25.99 9.48 1.65
CA SER A 355 -25.15 9.32 2.82
C SER A 355 -25.52 8.04 3.54
N ARG A 356 -24.50 7.22 3.83
CA ARG A 356 -24.76 5.94 4.46
C ARG A 356 -25.39 6.13 5.84
N ARG A 357 -25.06 7.21 6.53
CA ARG A 357 -25.59 7.44 7.86
C ARG A 357 -27.07 7.76 7.85
N LEU A 358 -27.53 8.54 6.86
CA LEU A 358 -28.96 8.81 6.74
C LEU A 358 -29.75 7.54 6.48
N GLU A 359 -29.18 6.61 5.71
CA GLU A 359 -29.82 5.31 5.54
C GLU A 359 -29.80 4.52 6.85
N GLU A 360 -28.67 4.53 7.55
CA GLU A 360 -28.62 3.90 8.86
C GLU A 360 -29.68 4.49 9.78
N ARG A 361 -29.98 5.78 9.61
CA ARG A 361 -31.09 6.41 10.32
C ARG A 361 -32.43 6.15 9.66
N ARG A 362 -32.43 5.46 8.52
CA ARG A 362 -33.66 5.02 7.88
C ARG A 362 -34.53 6.21 7.50
N ILE A 363 -33.90 7.26 6.99
CA ILE A 363 -34.57 8.45 6.49
C ILE A 363 -34.52 8.38 4.97
N PHE A 364 -35.67 8.20 4.33
CA PHE A 364 -35.70 8.02 2.89
C PHE A 364 -36.40 9.19 2.22
N PRO A 365 -35.79 9.81 1.19
CA PRO A 365 -34.48 9.44 0.65
C PRO A 365 -33.33 9.91 1.53
N ALA A 366 -32.38 9.02 1.79
CA ALA A 366 -31.23 9.32 2.66
C ALA A 366 -30.15 10.12 1.94
N ILE A 367 -30.51 11.27 1.40
CA ILE A 367 -29.61 11.99 0.50
C ILE A 367 -28.64 12.85 1.29
N ASP A 368 -27.36 12.75 0.93
CA ASP A 368 -26.34 13.67 1.44
C ASP A 368 -26.54 15.01 0.75
N ILE A 369 -27.32 15.88 1.39
CA ILE A 369 -27.79 17.09 0.72
C ILE A 369 -26.62 17.99 0.35
N LEU A 370 -25.67 18.19 1.28
CA LEU A 370 -24.55 19.09 0.99
C LEU A 370 -23.72 18.58 -0.18
N LYS A 371 -23.30 17.31 -0.13
CA LYS A 371 -22.50 16.76 -1.20
C LYS A 371 -23.28 16.64 -2.50
N SER A 372 -24.58 16.40 -2.42
CA SER A 372 -25.40 16.27 -3.62
C SER A 372 -25.61 17.63 -4.25
N GLY A 373 -25.88 17.62 -5.55
CA GLY A 373 -26.08 18.85 -6.30
C GLY A 373 -26.14 18.56 -7.78
N THR A 374 -26.61 19.55 -8.51
CA THR A 374 -26.77 19.45 -9.96
C THR A 374 -26.00 20.58 -10.64
N ARG A 375 -25.85 20.44 -11.95
CA ARG A 375 -25.16 21.43 -12.77
C ARG A 375 -26.18 22.22 -13.57
N ARG A 376 -26.07 23.54 -13.54
CA ARG A 376 -26.94 24.43 -14.32
C ARG A 376 -28.40 24.30 -13.87
N GLU A 377 -28.63 24.47 -12.57
CA GLU A 377 -29.99 24.49 -12.05
C GLU A 377 -30.78 25.64 -12.67
N GLU A 378 -30.15 26.80 -12.82
CA GLU A 378 -30.85 27.97 -13.36
C GLU A 378 -31.49 27.68 -14.71
N LEU A 379 -30.86 26.84 -15.52
CA LEU A 379 -31.48 26.43 -16.78
C LEU A 379 -32.71 25.57 -16.55
N LEU A 380 -32.79 24.91 -15.39
CA LEU A 380 -33.97 24.20 -14.96
C LEU A 380 -34.78 24.96 -13.93
N LEU A 381 -34.16 25.89 -13.21
CA LEU A 381 -34.79 26.58 -12.09
C LEU A 381 -34.72 28.08 -12.33
N GLY A 382 -35.80 28.77 -11.97
CA GLY A 382 -35.81 30.22 -12.10
C GLY A 382 -34.88 30.88 -11.11
N GLU A 383 -34.59 32.16 -11.36
CA GLU A 383 -33.82 32.94 -10.40
C GLU A 383 -34.50 32.96 -9.05
N GLU A 384 -35.83 32.92 -9.03
CA GLU A 384 -36.55 32.84 -7.76
C GLU A 384 -36.21 31.56 -7.02
N VAL A 385 -36.31 30.41 -7.69
CA VAL A 385 -35.89 29.16 -7.06
C VAL A 385 -34.39 29.20 -6.79
N THR A 386 -33.62 29.82 -7.69
CA THR A 386 -32.20 29.98 -7.45
C THR A 386 -31.97 30.61 -6.08
N HIS A 387 -32.64 31.71 -5.81
CA HIS A 387 -32.43 32.45 -4.57
C HIS A 387 -32.99 31.68 -3.38
N LYS A 388 -34.15 31.04 -3.53
CA LYS A 388 -34.71 30.34 -2.38
C LYS A 388 -33.84 29.16 -2.00
N MET A 389 -33.32 28.42 -2.99
CA MET A 389 -32.44 27.30 -2.67
C MET A 389 -31.08 27.81 -2.20
N TRP A 390 -30.66 28.99 -2.65
CA TRP A 390 -29.46 29.59 -2.10
C TRP A 390 -29.63 29.88 -0.62
N LEU A 391 -30.77 30.44 -0.25
CA LEU A 391 -31.08 30.68 1.16
C LEU A 391 -31.14 29.36 1.92
N LEU A 392 -31.72 28.33 1.30
CA LEU A 392 -31.81 27.04 1.96
C LEU A 392 -30.43 26.44 2.20
N ARG A 393 -29.51 26.63 1.25
CA ARG A 393 -28.15 26.18 1.46
C ARG A 393 -27.48 26.96 2.59
N LYS A 394 -27.69 28.28 2.62
CA LYS A 394 -27.11 29.08 3.68
C LYS A 394 -27.62 28.63 5.05
N VAL A 395 -28.90 28.25 5.13
CA VAL A 395 -29.50 27.94 6.43
C VAL A 395 -29.20 26.50 6.84
N LEU A 396 -29.51 25.55 5.97
CA LEU A 396 -29.35 24.13 6.29
C LEU A 396 -27.89 23.75 6.48
N ALA A 397 -26.96 24.61 6.07
CA ALA A 397 -25.56 24.36 6.38
C ALA A 397 -25.36 24.17 7.87
N ASP A 398 -26.19 24.85 8.68
CA ASP A 398 -26.14 24.69 10.13
C ASP A 398 -27.04 23.56 10.61
N MET A 399 -28.11 23.24 9.88
CA MET A 399 -28.97 22.15 10.28
C MET A 399 -28.33 20.82 9.91
N ASP A 400 -28.43 19.86 10.84
CA ASP A 400 -27.84 18.56 10.60
C ASP A 400 -28.63 17.81 9.52
N PRO A 401 -27.97 16.92 8.77
CA PRO A 401 -28.67 16.25 7.67
C PRO A 401 -29.94 15.55 8.12
N ALA A 402 -29.87 14.85 9.26
CA ALA A 402 -31.06 14.17 9.75
C ALA A 402 -32.12 15.16 10.20
N GLU A 403 -31.74 16.14 11.01
CA GLU A 403 -32.70 17.12 11.49
C GLU A 403 -33.24 17.95 10.34
N ALA A 404 -32.36 18.34 9.40
CA ALA A 404 -32.81 19.03 8.20
C ALA A 404 -33.83 18.20 7.44
N MET A 405 -33.52 16.93 7.19
CA MET A 405 -34.43 16.08 6.45
C MET A 405 -35.79 15.98 7.13
N GLU A 406 -35.79 15.69 8.43
CA GLU A 406 -37.05 15.59 9.17
C GLU A 406 -37.82 16.91 9.18
N MET A 407 -37.10 18.03 9.34
CA MET A 407 -37.73 19.34 9.28
C MET A 407 -38.40 19.56 7.92
N LEU A 408 -37.69 19.26 6.85
CA LEU A 408 -38.26 19.41 5.51
C LEU A 408 -39.45 18.48 5.34
N LEU A 409 -39.35 17.26 5.86
CA LEU A 409 -40.47 16.33 5.81
C LEU A 409 -41.71 16.94 6.46
N ALA A 410 -41.53 17.51 7.64
CA ALA A 410 -42.66 18.14 8.33
C ALA A 410 -43.21 19.30 7.52
N ARG A 411 -42.33 20.14 6.96
CA ARG A 411 -42.78 21.35 6.28
C ARG A 411 -43.51 21.02 4.98
N LEU A 412 -42.94 20.15 4.16
CA LEU A 412 -43.51 19.85 2.85
C LEU A 412 -44.73 18.95 2.94
N ALA A 413 -44.91 18.20 4.03
CA ALA A 413 -46.15 17.49 4.22
C ALA A 413 -47.33 18.44 4.24
N ARG A 414 -47.09 19.71 4.56
CA ARG A 414 -48.16 20.70 4.56
C ARG A 414 -48.59 21.04 3.14
N THR A 415 -47.63 21.24 2.24
CA THR A 415 -47.95 21.80 0.93
C THR A 415 -47.06 21.16 -0.12
N LYS A 416 -47.49 21.30 -1.37
CA LYS A 416 -46.68 20.88 -2.50
C LYS A 416 -45.46 21.78 -2.63
N ASN A 417 -44.48 21.33 -3.41
CA ASN A 417 -43.27 22.12 -3.64
C ASN A 417 -43.62 23.52 -4.12
N ASN A 418 -44.43 23.60 -5.19
CA ASN A 418 -44.81 24.93 -5.69
C ASN A 418 -45.73 25.63 -4.71
N LYS A 419 -46.63 24.89 -4.08
CA LYS A 419 -47.47 25.48 -3.05
C LYS A 419 -46.63 25.98 -1.87
N GLU A 420 -45.57 25.25 -1.53
CA GLU A 420 -44.64 25.76 -0.52
C GLU A 420 -43.97 27.04 -0.99
N PHE A 421 -43.57 27.09 -2.26
CA PHE A 421 -43.04 28.33 -2.82
C PHE A 421 -44.09 29.43 -2.81
N LEU A 422 -45.32 29.10 -3.18
CA LEU A 422 -46.42 30.06 -3.17
C LEU A 422 -46.74 30.49 -1.74
N ARG B 62 -33.28 -54.32 -5.60
CA ARG B 62 -32.03 -53.56 -5.51
C ARG B 62 -32.21 -52.15 -6.02
N LEU B 63 -32.17 -51.19 -5.10
CA LEU B 63 -32.17 -49.78 -5.43
C LEU B 63 -30.97 -49.09 -4.79
N VAL B 64 -30.16 -48.45 -5.64
CA VAL B 64 -29.12 -47.55 -5.19
C VAL B 64 -29.66 -46.14 -5.29
N LYS B 65 -29.45 -45.35 -4.23
CA LYS B 65 -30.00 -44.01 -4.15
C LYS B 65 -28.85 -43.05 -3.92
N GLY B 66 -28.83 -41.98 -4.71
CA GLY B 66 -27.70 -41.07 -4.71
C GLY B 66 -27.93 -39.91 -5.65
N TYR B 67 -26.81 -39.35 -6.10
CA TYR B 67 -26.80 -38.12 -6.87
C TYR B 67 -25.94 -38.32 -8.12
N LEU B 68 -26.60 -38.57 -9.24
CA LEU B 68 -25.89 -38.85 -10.48
C LEU B 68 -24.96 -37.70 -10.85
N GLU B 69 -23.67 -37.99 -10.92
CA GLU B 69 -22.67 -37.08 -11.47
C GLU B 69 -22.29 -37.60 -12.85
N ILE B 70 -22.85 -36.99 -13.89
CA ILE B 70 -22.67 -37.48 -15.25
C ILE B 70 -21.26 -37.14 -15.73
N SER B 71 -20.54 -38.17 -16.21
CA SER B 71 -19.24 -37.95 -16.81
C SER B 71 -19.42 -37.56 -18.28
N GLN B 72 -18.30 -37.35 -18.97
CA GLN B 72 -18.37 -36.86 -20.35
C GLN B 72 -19.09 -37.84 -21.27
N ASP B 73 -18.86 -39.14 -21.09
CA ASP B 73 -19.35 -40.15 -22.02
C ASP B 73 -20.73 -40.69 -21.64
N GLY B 74 -21.51 -39.95 -20.85
CA GLY B 74 -22.84 -40.37 -20.52
C GLY B 74 -22.93 -41.34 -19.36
N TYR B 75 -21.82 -41.91 -18.93
CA TYR B 75 -21.78 -42.76 -17.75
C TYR B 75 -21.35 -41.92 -16.56
N GLY B 76 -22.03 -42.12 -15.43
CA GLY B 76 -21.88 -41.24 -14.30
C GLY B 76 -21.45 -41.99 -13.05
N PHE B 77 -21.40 -41.26 -11.95
CA PHE B 77 -20.93 -41.80 -10.68
C PHE B 77 -21.89 -41.41 -9.55
N LEU B 78 -21.87 -42.26 -8.52
CA LEU B 78 -22.66 -42.07 -7.30
C LEU B 78 -21.72 -42.18 -6.10
N THR B 79 -22.07 -41.51 -5.01
CA THR B 79 -21.27 -41.55 -3.80
C THR B 79 -22.07 -42.19 -2.65
N GLU B 80 -21.40 -42.32 -1.49
CA GLU B 80 -21.97 -43.00 -0.34
C GLU B 80 -22.34 -42.00 0.76
N ASN B 81 -22.79 -42.53 1.90
CA ASN B 81 -23.45 -41.76 2.94
C ASN B 81 -22.54 -40.72 3.60
N LEU B 82 -21.23 -40.96 3.67
CA LEU B 82 -20.32 -40.01 4.29
C LEU B 82 -20.25 -38.70 3.52
N HIS B 83 -20.79 -38.64 2.32
CA HIS B 83 -20.72 -37.45 1.48
C HIS B 83 -19.26 -37.03 1.29
N ASN B 84 -18.41 -38.03 1.10
CA ASN B 84 -17.01 -37.82 0.78
C ASN B 84 -16.58 -38.98 -0.10
N LEU B 85 -15.60 -38.72 -0.97
CA LEU B 85 -15.17 -39.75 -1.91
C LEU B 85 -14.78 -41.01 -1.15
N GLU B 86 -15.36 -42.13 -1.58
CA GLU B 86 -15.14 -43.41 -0.91
C GLU B 86 -15.00 -44.51 -1.95
N SER B 87 -14.59 -45.68 -1.49
CA SER B 87 -14.45 -46.84 -2.37
C SER B 87 -15.79 -47.37 -2.85
N ARG B 88 -16.90 -46.90 -2.28
CA ARG B 88 -18.22 -47.42 -2.60
C ARG B 88 -18.88 -46.71 -3.77
N VAL B 89 -18.17 -45.80 -4.44
CA VAL B 89 -18.75 -45.11 -5.59
C VAL B 89 -19.12 -46.14 -6.65
N ALA B 90 -20.25 -45.90 -7.31
CA ALA B 90 -20.82 -46.81 -8.29
C ALA B 90 -21.02 -46.09 -9.62
N ILE B 91 -20.90 -46.84 -10.72
CA ILE B 91 -21.00 -46.23 -12.04
C ILE B 91 -22.41 -46.42 -12.59
N VAL B 92 -22.80 -45.54 -13.51
CA VAL B 92 -24.17 -45.45 -14.02
C VAL B 92 -24.09 -45.29 -15.53
N SER B 93 -25.13 -45.72 -16.23
CA SER B 93 -25.14 -45.70 -17.70
C SER B 93 -26.06 -44.60 -18.23
N ALA B 94 -25.80 -44.18 -19.47
CA ALA B 94 -26.52 -43.03 -20.03
C ALA B 94 -27.94 -43.37 -20.45
N GLY B 95 -28.14 -44.57 -20.99
CA GLY B 95 -29.39 -44.86 -21.69
C GLY B 95 -30.62 -44.64 -20.83
N LEU B 96 -30.58 -45.10 -19.58
CA LEU B 96 -31.74 -44.97 -18.70
C LEU B 96 -31.98 -43.51 -18.34
N ILE B 97 -30.90 -42.75 -18.12
CA ILE B 97 -31.03 -41.33 -17.83
C ILE B 97 -31.71 -40.62 -19.00
N LYS B 98 -31.27 -40.92 -20.22
CA LYS B 98 -31.95 -40.37 -21.39
C LYS B 98 -33.40 -40.80 -21.44
N GLN B 99 -33.67 -42.06 -21.08
CA GLN B 99 -35.04 -42.55 -21.09
C GLN B 99 -35.94 -41.71 -20.19
N TYR B 100 -35.47 -41.42 -18.98
CA TYR B 100 -36.27 -40.71 -18.00
C TYR B 100 -35.98 -39.21 -17.95
N ALA B 101 -35.02 -38.74 -18.77
CA ALA B 101 -34.82 -37.31 -18.99
C ALA B 101 -34.75 -36.54 -17.67
N LEU B 102 -33.91 -36.99 -16.75
CA LEU B 102 -33.73 -36.31 -15.49
C LEU B 102 -32.72 -35.18 -15.62
N ARG B 103 -32.48 -34.49 -14.51
CA ARG B 103 -31.60 -33.33 -14.48
C ARG B 103 -30.41 -33.64 -13.59
N ALA B 104 -29.35 -32.85 -13.72
CA ALA B 104 -28.13 -33.08 -12.97
C ALA B 104 -28.40 -33.08 -11.47
N GLY B 105 -28.15 -34.21 -10.83
CA GLY B 105 -28.29 -34.32 -9.39
C GLY B 105 -29.70 -34.50 -8.88
N ASP B 106 -30.68 -34.66 -9.77
CA ASP B 106 -32.03 -34.95 -9.31
C ASP B 106 -32.05 -36.33 -8.67
N TYR B 107 -32.46 -36.38 -7.41
CA TYR B 107 -32.23 -37.54 -6.55
C TYR B 107 -32.51 -38.79 -7.36
N VAL B 108 -31.47 -39.62 -7.54
CA VAL B 108 -31.50 -40.74 -8.46
C VAL B 108 -31.63 -42.02 -7.65
N VAL B 109 -32.69 -42.78 -7.93
CA VAL B 109 -32.84 -44.13 -7.42
C VAL B 109 -32.85 -45.04 -8.64
N GLY B 110 -32.00 -46.06 -8.63
CA GLY B 110 -31.76 -46.81 -9.83
C GLY B 110 -31.44 -48.25 -9.53
N GLN B 111 -31.64 -49.08 -10.54
CA GLN B 111 -31.31 -50.49 -10.45
C GLN B 111 -29.92 -50.73 -11.04
N ALA B 112 -29.39 -51.93 -10.81
CA ALA B 112 -28.21 -52.40 -11.50
C ALA B 112 -28.14 -53.91 -11.35
N ARG B 113 -27.00 -54.47 -11.76
CA ARG B 113 -26.77 -55.89 -11.71
C ARG B 113 -25.51 -56.21 -10.92
N PRO B 114 -25.26 -57.48 -10.63
CA PRO B 114 -23.93 -57.89 -10.22
C PRO B 114 -22.95 -57.71 -11.38
N PRO B 115 -21.98 -56.81 -11.26
CA PRO B 115 -21.13 -56.51 -12.42
C PRO B 115 -20.56 -57.77 -13.05
N ARG B 116 -20.10 -57.64 -14.29
CA ARG B 116 -19.55 -58.78 -15.01
C ARG B 116 -18.04 -58.83 -14.83
N GLU B 117 -17.44 -59.86 -15.42
CA GLU B 117 -15.99 -59.98 -15.44
C GLU B 117 -15.43 -59.19 -16.61
N ASN B 118 -14.14 -58.86 -16.55
CA ASN B 118 -13.43 -57.98 -17.47
C ASN B 118 -13.76 -56.52 -17.17
N GLU B 119 -14.61 -56.23 -16.18
CA GLU B 119 -14.92 -54.86 -15.82
C GLU B 119 -14.23 -54.53 -14.50
N ARG B 120 -13.46 -53.44 -14.51
CA ARG B 120 -12.73 -53.01 -13.32
C ARG B 120 -13.62 -52.33 -12.29
N TYR B 121 -14.77 -51.82 -12.70
CA TYR B 121 -15.72 -51.18 -11.80
C TYR B 121 -17.12 -51.68 -12.10
N ALA B 122 -17.98 -51.63 -11.08
CA ALA B 122 -19.37 -52.02 -11.26
C ALA B 122 -20.03 -51.24 -12.39
N THR B 123 -20.92 -51.91 -13.11
CA THR B 123 -21.64 -51.32 -14.23
C THR B 123 -23.14 -51.53 -14.07
N LEU B 124 -23.90 -50.59 -14.64
CA LEU B 124 -25.34 -50.52 -14.42
C LEU B 124 -26.09 -51.35 -15.46
N LEU B 125 -27.15 -52.03 -15.01
CA LEU B 125 -27.96 -52.83 -15.91
C LEU B 125 -29.26 -52.14 -16.30
N LYS B 126 -30.07 -51.76 -15.31
CA LYS B 126 -31.45 -51.37 -15.55
C LYS B 126 -31.88 -50.39 -14.47
N VAL B 127 -33.01 -49.73 -14.70
CA VAL B 127 -33.63 -48.89 -13.69
C VAL B 127 -35.05 -49.37 -13.44
N GLU B 128 -35.48 -49.30 -12.18
CA GLU B 128 -36.82 -49.72 -11.77
C GLU B 128 -37.69 -48.56 -11.32
N ALA B 129 -37.23 -47.77 -10.35
CA ALA B 129 -37.94 -46.60 -9.88
C ALA B 129 -36.93 -45.52 -9.54
N VAL B 130 -37.25 -44.28 -9.88
CA VAL B 130 -36.30 -43.17 -9.78
C VAL B 130 -36.99 -42.00 -9.09
N ASN B 131 -36.19 -41.17 -8.41
CA ASN B 131 -36.70 -40.01 -7.68
C ASN B 131 -37.82 -40.38 -6.71
N ASN B 132 -37.90 -41.65 -6.32
CA ASN B 132 -38.96 -42.17 -5.47
C ASN B 132 -40.33 -41.95 -6.10
N LEU B 133 -40.40 -41.61 -7.38
CA LEU B 133 -41.65 -41.34 -8.07
C LEU B 133 -41.67 -42.14 -9.37
N ASP B 134 -42.77 -42.03 -10.11
CA ASP B 134 -42.83 -42.68 -11.40
C ASP B 134 -41.80 -42.04 -12.34
N PRO B 135 -40.85 -42.83 -12.85
CA PRO B 135 -39.83 -42.24 -13.73
C PRO B 135 -40.40 -41.56 -14.96
N GLU B 136 -41.48 -42.10 -15.54
CA GLU B 136 -42.06 -41.48 -16.73
C GLU B 136 -42.46 -40.04 -16.48
N ALA B 137 -43.13 -39.78 -15.34
CA ALA B 137 -43.53 -38.40 -15.04
C ALA B 137 -42.31 -37.49 -14.95
N ALA B 138 -41.15 -38.03 -14.60
CA ALA B 138 -39.94 -37.21 -14.51
C ALA B 138 -39.60 -36.58 -15.84
N LYS B 139 -40.02 -37.21 -16.95
CA LYS B 139 -39.83 -36.89 -18.36
C LYS B 139 -40.29 -35.47 -18.68
N ASN B 140 -41.26 -34.96 -17.93
CA ASN B 140 -41.83 -33.64 -18.16
C ASN B 140 -42.00 -32.95 -16.81
N ARG B 141 -41.17 -31.94 -16.55
CA ARG B 141 -41.22 -31.19 -15.31
C ARG B 141 -40.54 -29.85 -15.53
N PRO B 142 -40.85 -28.85 -14.71
CA PRO B 142 -40.11 -27.58 -14.81
C PRO B 142 -38.67 -27.76 -14.37
N ARG B 143 -37.79 -26.95 -14.95
CA ARG B 143 -36.38 -27.00 -14.59
C ARG B 143 -36.07 -25.92 -13.55
N PHE B 144 -35.15 -26.24 -12.64
CA PHE B 144 -34.90 -25.38 -11.50
C PHE B 144 -34.48 -23.98 -11.92
N ASP B 145 -33.51 -23.88 -12.84
CA ASP B 145 -32.97 -22.58 -13.21
C ASP B 145 -34.01 -21.71 -13.90
N GLU B 146 -35.12 -22.30 -14.35
CA GLU B 146 -36.18 -21.57 -15.00
C GLU B 146 -37.35 -21.24 -14.07
N LEU B 147 -37.30 -21.69 -12.82
CA LEU B 147 -38.37 -21.38 -11.88
C LEU B 147 -38.48 -19.88 -11.68
N THR B 148 -39.71 -19.38 -11.64
CA THR B 148 -39.94 -17.96 -11.43
C THR B 148 -39.61 -17.61 -9.98
N PRO B 149 -38.49 -16.96 -9.70
CA PRO B 149 -38.18 -16.62 -8.32
C PRO B 149 -39.06 -15.48 -7.84
N GLN B 150 -39.34 -15.52 -6.54
CA GLN B 150 -40.10 -14.47 -5.87
C GLN B 150 -39.35 -14.10 -4.61
N PHE B 151 -39.83 -13.10 -3.92
CA PHE B 151 -39.38 -12.92 -2.56
C PHE B 151 -40.08 -13.93 -1.66
N PRO B 152 -39.42 -14.36 -0.58
CA PRO B 152 -40.05 -15.31 0.33
C PRO B 152 -41.39 -14.79 0.80
N ASP B 153 -42.45 -15.53 0.45
CA ASP B 153 -43.81 -15.21 0.86
C ASP B 153 -44.49 -16.34 1.61
N ARG B 154 -43.87 -17.52 1.66
CA ARG B 154 -44.31 -18.60 2.52
C ARG B 154 -43.42 -18.58 3.74
N GLN B 155 -43.70 -17.67 4.66
CA GLN B 155 -42.89 -17.45 5.83
C GLN B 155 -42.95 -18.65 6.76
N ILE B 156 -41.84 -18.91 7.44
CA ILE B 156 -41.75 -19.94 8.45
C ILE B 156 -41.93 -19.25 9.78
N ARG B 157 -43.14 -19.32 10.34
CA ARG B 157 -43.40 -18.67 11.61
C ARG B 157 -42.41 -19.18 12.65
N LEU B 158 -41.78 -18.24 13.36
CA LEU B 158 -40.61 -18.52 14.18
C LEU B 158 -41.02 -18.59 15.64
N GLU B 159 -40.92 -19.79 16.21
CA GLU B 159 -41.11 -20.02 17.63
C GLU B 159 -40.20 -21.16 18.05
N THR B 160 -39.21 -20.85 18.87
CA THR B 160 -38.13 -21.78 19.16
C THR B 160 -38.02 -21.95 20.67
N THR B 161 -38.23 -23.18 21.14
CA THR B 161 -38.20 -23.45 22.57
C THR B 161 -36.79 -23.62 23.15
N PRO B 162 -35.85 -24.31 22.52
CA PRO B 162 -34.63 -24.72 23.22
C PRO B 162 -33.85 -23.60 23.90
N ASP B 163 -33.80 -22.42 23.30
CA ASP B 163 -33.45 -21.22 24.03
C ASP B 163 -34.22 -20.07 23.41
N GLU B 164 -35.37 -19.74 23.98
CA GLU B 164 -36.29 -18.84 23.31
C GLU B 164 -35.85 -17.39 23.43
N LEU B 165 -34.82 -17.09 24.22
CA LEU B 165 -34.39 -15.71 24.40
C LEU B 165 -33.42 -15.28 23.30
N SER B 166 -32.28 -15.96 23.21
CA SER B 166 -31.34 -15.66 22.13
C SER B 166 -32.01 -15.91 20.78
N THR B 167 -32.79 -16.97 20.68
CA THR B 167 -33.54 -17.20 19.45
C THR B 167 -34.63 -16.16 19.28
N ARG B 168 -35.13 -15.59 20.37
CA ARG B 168 -36.01 -14.43 20.23
C ARG B 168 -35.27 -13.30 19.53
N VAL B 169 -34.04 -13.05 19.97
CA VAL B 169 -33.22 -12.02 19.33
C VAL B 169 -33.06 -12.35 17.84
N ILE B 170 -32.74 -13.61 17.55
CA ILE B 170 -32.51 -14.01 16.16
C ILE B 170 -33.76 -13.79 15.33
N ASP B 171 -34.89 -14.29 15.79
CA ASP B 171 -36.14 -14.18 15.03
C ASP B 171 -36.55 -12.73 14.87
N LEU B 172 -36.40 -11.93 15.91
CA LEU B 172 -36.88 -10.55 15.92
C LEU B 172 -35.92 -9.60 15.21
N LEU B 173 -34.71 -10.06 14.90
CA LEU B 173 -33.75 -9.25 14.15
C LEU B 173 -33.51 -9.80 12.74
N ALA B 174 -33.61 -11.12 12.58
CA ALA B 174 -33.34 -11.77 11.30
C ALA B 174 -34.46 -12.77 10.99
N PRO B 175 -35.51 -12.32 10.33
CA PRO B 175 -36.56 -13.26 9.92
C PRO B 175 -36.01 -14.34 9.00
N ILE B 176 -36.56 -15.54 9.13
CA ILE B 176 -36.24 -16.67 8.27
C ILE B 176 -37.52 -17.11 7.59
N GLY B 177 -37.47 -17.20 6.26
CA GLY B 177 -38.57 -17.74 5.48
C GLY B 177 -38.06 -18.82 4.53
N ARG B 178 -39.01 -19.51 3.93
CA ARG B 178 -38.71 -20.57 2.97
C ARG B 178 -38.11 -19.93 1.73
N GLY B 179 -36.85 -20.22 1.46
CA GLY B 179 -36.14 -19.57 0.37
C GLY B 179 -35.31 -18.37 0.75
N GLN B 180 -35.03 -18.19 2.04
CA GLN B 180 -34.22 -17.07 2.51
C GLN B 180 -32.77 -17.24 2.04
N ARG B 181 -32.27 -16.28 1.27
CA ARG B 181 -30.84 -16.27 0.92
C ARG B 181 -30.11 -15.41 1.95
N GLY B 182 -29.82 -16.04 3.08
CA GLY B 182 -29.27 -15.32 4.23
C GLY B 182 -27.76 -15.43 4.34
N LEU B 183 -27.17 -14.56 5.14
CA LEU B 183 -25.74 -14.56 5.36
C LEU B 183 -25.46 -13.92 6.71
N ILE B 184 -24.55 -14.50 7.49
CA ILE B 184 -24.18 -13.96 8.80
C ILE B 184 -22.68 -13.78 8.83
N VAL B 185 -22.24 -12.66 9.42
CA VAL B 185 -20.86 -12.21 9.33
C VAL B 185 -20.37 -11.94 10.75
N ALA B 186 -19.14 -12.37 11.03
CA ALA B 186 -18.56 -12.18 12.35
C ALA B 186 -17.05 -12.43 12.25
N PRO B 187 -16.25 -11.66 12.97
CA PRO B 187 -14.80 -11.92 13.00
C PRO B 187 -14.51 -13.27 13.62
N PRO B 188 -13.27 -13.73 13.58
CA PRO B 188 -12.94 -15.04 14.13
C PRO B 188 -13.23 -15.11 15.63
N LYS B 189 -13.69 -16.28 16.07
CA LYS B 189 -13.98 -16.50 17.49
C LYS B 189 -14.96 -15.46 18.03
N ALA B 190 -16.13 -15.37 17.40
CA ALA B 190 -17.13 -14.38 17.80
C ALA B 190 -18.54 -14.95 17.81
N GLY B 191 -18.70 -16.26 17.97
CA GLY B 191 -20.01 -16.80 18.25
C GLY B 191 -20.75 -17.42 17.09
N LYS B 192 -20.07 -18.13 16.19
CA LYS B 192 -20.71 -18.56 14.95
C LYS B 192 -21.22 -19.99 15.03
N THR B 193 -20.32 -20.94 15.29
CA THR B 193 -20.63 -22.34 15.06
C THR B 193 -21.81 -22.81 15.90
N THR B 194 -21.77 -22.58 17.21
CA THR B 194 -22.88 -23.05 18.04
C THR B 194 -24.15 -22.26 17.78
N LEU B 195 -24.01 -21.04 17.25
CA LEU B 195 -25.19 -20.30 16.81
C LEU B 195 -25.88 -21.03 15.65
N LEU B 196 -25.10 -21.42 14.65
CA LEU B 196 -25.62 -22.25 13.57
C LEU B 196 -26.22 -23.54 14.13
N LYS B 197 -25.56 -24.12 15.14
CA LYS B 197 -26.08 -25.33 15.77
C LYS B 197 -27.46 -25.11 16.35
N LYS B 198 -27.63 -24.02 17.09
CA LYS B 198 -28.92 -23.71 17.68
C LYS B 198 -29.98 -23.52 16.61
N ILE B 199 -29.62 -22.83 15.54
CA ILE B 199 -30.57 -22.63 14.45
C ILE B 199 -31.01 -23.98 13.89
N ALA B 200 -30.06 -24.88 13.65
CA ALA B 200 -30.39 -26.18 13.10
C ALA B 200 -31.30 -26.95 14.05
N ASN B 201 -30.96 -26.94 15.34
CA ASN B 201 -31.77 -27.69 16.31
C ASN B 201 -33.18 -27.15 16.35
N ALA B 202 -33.34 -25.83 16.37
CA ALA B 202 -34.69 -25.25 16.38
C ALA B 202 -35.46 -25.66 15.13
N VAL B 203 -34.83 -25.56 13.97
CA VAL B 203 -35.52 -25.89 12.72
C VAL B 203 -35.94 -27.36 12.74
N LEU B 204 -35.13 -28.21 13.34
CA LEU B 204 -35.49 -29.63 13.40
C LEU B 204 -36.64 -29.91 14.33
N LYS B 205 -37.22 -28.89 14.97
CA LYS B 205 -38.40 -29.07 15.80
C LYS B 205 -39.57 -28.27 15.26
N ASN B 206 -39.29 -27.13 14.63
CA ASN B 206 -40.34 -26.27 14.14
C ASN B 206 -41.00 -26.79 12.87
N GLU B 207 -40.21 -27.38 11.96
CA GLU B 207 -40.72 -27.85 10.67
C GLU B 207 -40.14 -29.22 10.37
N PRO B 208 -40.70 -30.27 10.98
CA PRO B 208 -40.21 -31.63 10.70
C PRO B 208 -40.31 -32.02 9.23
N ASP B 209 -41.18 -31.36 8.45
CA ASP B 209 -41.34 -31.69 7.05
C ASP B 209 -40.17 -31.21 6.20
N ILE B 210 -39.41 -30.22 6.66
CA ILE B 210 -38.35 -29.63 5.87
C ILE B 210 -37.10 -30.49 5.96
N LYS B 211 -36.47 -30.75 4.83
CA LYS B 211 -35.21 -31.48 4.80
C LYS B 211 -34.09 -30.51 5.12
N VAL B 212 -33.41 -30.73 6.24
CA VAL B 212 -32.39 -29.82 6.75
C VAL B 212 -31.04 -30.49 6.55
N ILE B 213 -30.12 -29.76 5.93
CA ILE B 213 -28.77 -30.25 5.63
C ILE B 213 -27.78 -29.25 6.18
N VAL B 214 -26.73 -29.75 6.83
CA VAL B 214 -25.71 -28.90 7.43
C VAL B 214 -24.37 -29.26 6.78
N LEU B 215 -23.64 -28.23 6.34
CA LEU B 215 -22.38 -28.39 5.64
C LEU B 215 -21.30 -27.63 6.39
N LEU B 216 -20.19 -28.30 6.68
CA LEU B 216 -19.09 -27.73 7.45
C LEU B 216 -17.83 -27.80 6.61
N ILE B 217 -17.28 -26.64 6.26
CA ILE B 217 -16.08 -26.54 5.45
C ILE B 217 -14.97 -25.93 6.29
N ASP B 218 -13.77 -26.51 6.21
CA ASP B 218 -12.57 -25.91 6.75
C ASP B 218 -12.64 -25.72 8.25
N GLU B 219 -13.25 -26.67 8.97
CA GLU B 219 -13.50 -26.51 10.39
C GLU B 219 -12.82 -27.60 11.19
N ARG B 220 -12.81 -27.40 12.50
CA ARG B 220 -12.12 -28.29 13.42
C ARG B 220 -12.91 -29.60 13.57
N PRO B 221 -12.25 -30.76 13.66
CA PRO B 221 -12.99 -32.02 13.75
C PRO B 221 -13.89 -32.13 14.97
N GLU B 222 -13.42 -31.65 16.13
CA GLU B 222 -14.22 -31.79 17.34
C GLU B 222 -15.59 -31.16 17.18
N GLU B 223 -15.69 -30.02 16.51
CA GLU B 223 -16.99 -29.44 16.23
C GLU B 223 -17.81 -30.38 15.33
N VAL B 224 -17.15 -31.05 14.39
CA VAL B 224 -17.85 -31.98 13.52
C VAL B 224 -18.50 -33.09 14.34
N THR B 225 -17.73 -33.70 15.26
CA THR B 225 -18.29 -34.75 16.08
C THR B 225 -19.38 -34.22 16.99
N ASP B 226 -19.17 -33.01 17.53
CA ASP B 226 -20.19 -32.41 18.40
C ASP B 226 -21.51 -32.29 17.65
N PHE B 227 -21.47 -31.81 16.41
CA PHE B 227 -22.70 -31.72 15.63
C PHE B 227 -23.28 -33.10 15.36
N ARG B 228 -22.45 -34.00 14.83
CA ARG B 228 -22.96 -35.30 14.42
C ARG B 228 -23.66 -36.00 15.57
N GLU B 229 -23.16 -35.81 16.78
CA GLU B 229 -23.85 -36.35 17.96
C GLU B 229 -25.07 -35.52 18.32
N SER B 230 -25.00 -34.19 18.17
CA SER B 230 -26.01 -33.31 18.71
C SER B 230 -27.09 -32.95 17.70
N VAL B 231 -26.98 -33.39 16.45
CA VAL B 231 -27.96 -33.02 15.43
C VAL B 231 -29.20 -33.90 15.48
N GLN B 232 -29.15 -35.03 16.19
CA GLN B 232 -30.30 -35.92 16.32
C GLN B 232 -30.78 -36.41 14.95
N GLY B 233 -29.83 -36.91 14.16
CA GLY B 233 -30.15 -37.67 12.97
C GLY B 233 -30.28 -36.87 11.69
N ALA B 234 -30.31 -35.54 11.76
CA ALA B 234 -30.36 -34.76 10.53
C ALA B 234 -29.03 -34.85 9.81
N GLU B 235 -29.06 -34.63 8.49
CA GLU B 235 -27.88 -34.84 7.65
C GLU B 235 -26.80 -33.85 8.04
N VAL B 236 -25.77 -34.32 8.72
CA VAL B 236 -24.61 -33.53 9.07
C VAL B 236 -23.46 -33.95 8.18
N ILE B 237 -23.02 -33.06 7.30
CA ILE B 237 -21.90 -33.29 6.41
C ILE B 237 -20.79 -32.32 6.79
N ALA B 238 -19.56 -32.82 6.86
CA ALA B 238 -18.43 -32.00 7.29
C ALA B 238 -17.20 -32.37 6.47
N SER B 239 -16.28 -31.42 6.40
CA SER B 239 -14.98 -31.66 5.77
C SER B 239 -13.96 -30.84 6.56
N THR B 240 -13.28 -31.51 7.49
CA THR B 240 -12.36 -30.83 8.40
C THR B 240 -11.27 -30.13 7.61
N PHE B 241 -10.54 -29.22 8.24
CA PHE B 241 -9.43 -28.59 7.55
C PHE B 241 -8.31 -29.56 7.26
N ASP B 242 -8.36 -30.76 7.85
CA ASP B 242 -7.33 -31.75 7.60
C ASP B 242 -7.28 -32.13 6.13
N GLU B 243 -8.37 -31.97 5.41
CA GLU B 243 -8.40 -32.36 4.01
C GLU B 243 -7.85 -31.23 3.14
N PRO B 244 -7.27 -31.55 1.99
CA PRO B 244 -6.83 -30.51 1.07
C PRO B 244 -8.01 -29.77 0.48
N PRO B 245 -7.79 -28.59 -0.11
CA PRO B 245 -8.92 -27.80 -0.61
C PRO B 245 -9.73 -28.51 -1.68
N GLN B 246 -9.11 -29.43 -2.41
CA GLN B 246 -9.87 -30.19 -3.41
C GLN B 246 -11.05 -30.90 -2.77
N ASN B 247 -10.84 -31.50 -1.59
CA ASN B 247 -11.94 -32.15 -0.89
C ASN B 247 -13.02 -31.15 -0.52
N HIS B 248 -12.63 -29.97 -0.05
CA HIS B 248 -13.60 -28.93 0.24
C HIS B 248 -14.46 -28.63 -0.97
N ILE B 249 -13.82 -28.40 -2.12
CA ILE B 249 -14.57 -28.04 -3.32
C ILE B 249 -15.48 -29.19 -3.73
N ARG B 250 -14.96 -30.41 -3.70
CA ARG B 250 -15.76 -31.56 -4.09
C ARG B 250 -17.02 -31.64 -3.25
N VAL B 251 -16.88 -31.60 -1.94
CA VAL B 251 -18.04 -31.74 -1.06
C VAL B 251 -18.99 -30.57 -1.24
N ALA B 252 -18.44 -29.36 -1.38
CA ALA B 252 -19.29 -28.18 -1.51
C ALA B 252 -20.16 -28.28 -2.75
N GLU B 253 -19.56 -28.61 -3.90
CA GLU B 253 -20.34 -28.69 -5.12
C GLU B 253 -21.30 -29.87 -5.09
N PHE B 254 -20.89 -30.97 -4.44
CA PHE B 254 -21.82 -32.09 -4.27
C PHE B 254 -23.08 -31.64 -3.56
N VAL B 255 -22.92 -30.96 -2.42
CA VAL B 255 -24.09 -30.51 -1.67
C VAL B 255 -24.86 -29.47 -2.48
N HIS B 256 -24.15 -28.64 -3.24
CA HIS B 256 -24.82 -27.65 -4.06
C HIS B 256 -25.81 -28.31 -5.01
N GLU B 257 -25.33 -29.27 -5.80
CA GLU B 257 -26.21 -29.95 -6.74
C GLU B 257 -27.30 -30.72 -6.02
N ARG B 258 -26.94 -31.42 -4.94
CA ARG B 258 -27.93 -32.18 -4.19
C ARG B 258 -29.10 -31.30 -3.79
N ALA B 259 -28.80 -30.18 -3.12
CA ALA B 259 -29.87 -29.29 -2.66
C ALA B 259 -30.63 -28.71 -3.83
N LYS B 260 -29.91 -28.29 -4.88
CA LYS B 260 -30.59 -27.66 -6.00
C LYS B 260 -31.64 -28.58 -6.59
N ARG B 261 -31.24 -29.83 -6.90
CA ARG B 261 -32.16 -30.69 -7.61
C ARG B 261 -33.16 -31.34 -6.66
N ILE B 262 -32.89 -31.31 -5.36
CA ILE B 262 -33.92 -31.71 -4.41
C ILE B 262 -35.01 -30.66 -4.36
N VAL B 263 -34.63 -29.38 -4.30
CA VAL B 263 -35.61 -28.31 -4.33
C VAL B 263 -36.37 -28.32 -5.65
N GLU B 264 -35.69 -28.74 -6.73
CA GLU B 264 -36.33 -28.74 -8.04
C GLU B 264 -37.66 -29.51 -8.02
N GLU B 265 -37.85 -30.39 -7.04
CA GLU B 265 -39.08 -31.15 -6.91
C GLU B 265 -40.14 -30.40 -6.09
N GLY B 266 -40.04 -29.09 -5.99
CA GLY B 266 -41.01 -28.32 -5.23
C GLY B 266 -40.89 -28.44 -3.74
N GLY B 267 -39.76 -28.96 -3.24
CA GLY B 267 -39.57 -29.11 -1.82
C GLY B 267 -38.87 -27.94 -1.18
N HIS B 268 -38.93 -27.90 0.14
CA HIS B 268 -38.27 -26.86 0.93
C HIS B 268 -36.98 -27.42 1.52
N VAL B 269 -35.86 -26.79 1.20
CA VAL B 269 -34.54 -27.23 1.64
C VAL B 269 -33.85 -26.06 2.33
N MET B 270 -33.15 -26.36 3.42
CA MET B 270 -32.34 -25.38 4.13
C MET B 270 -30.94 -25.93 4.30
N ILE B 271 -29.94 -25.18 3.87
CA ILE B 271 -28.52 -25.51 4.07
C ILE B 271 -27.94 -24.52 5.06
N LEU B 272 -27.34 -25.06 6.12
CA LEU B 272 -26.61 -24.28 7.11
C LEU B 272 -25.12 -24.53 6.90
N LEU B 273 -24.44 -23.54 6.34
CA LEU B 273 -23.05 -23.67 5.91
C LEU B 273 -22.12 -22.99 6.90
N ASP B 274 -21.47 -23.79 7.74
CA ASP B 274 -20.41 -23.31 8.61
C ASP B 274 -19.24 -22.81 7.77
N SER B 275 -18.65 -21.70 8.20
CA SER B 275 -17.40 -21.23 7.60
C SER B 275 -17.53 -20.89 6.12
N ILE B 276 -18.35 -19.88 5.78
CA ILE B 276 -18.44 -19.47 4.37
C ILE B 276 -17.24 -18.62 3.96
N THR B 277 -16.75 -17.74 4.84
CA THR B 277 -15.59 -16.92 4.49
C THR B 277 -14.31 -17.73 4.58
N ARG B 278 -14.25 -18.64 5.54
CA ARG B 278 -13.20 -19.66 5.49
C ARG B 278 -13.27 -20.40 4.17
N LEU B 279 -14.48 -20.68 3.67
CA LEU B 279 -14.61 -21.29 2.35
C LEU B 279 -14.10 -20.36 1.27
N ALA B 280 -14.31 -19.06 1.43
CA ALA B 280 -13.82 -18.11 0.44
C ALA B 280 -12.31 -18.10 0.43
N ARG B 281 -11.70 -18.16 1.61
CA ARG B 281 -10.24 -18.26 1.69
C ARG B 281 -9.77 -19.57 1.09
N ALA B 282 -10.57 -20.63 1.26
CA ALA B 282 -10.24 -21.89 0.61
C ALA B 282 -10.24 -21.73 -0.91
N ASN B 283 -11.21 -20.98 -1.43
CA ASN B 283 -11.22 -20.67 -2.85
C ASN B 283 -9.99 -19.87 -3.24
N ASN B 284 -9.64 -18.88 -2.42
CA ASN B 284 -8.44 -18.08 -2.66
C ASN B 284 -7.21 -18.97 -2.78
N LEU B 285 -7.07 -19.94 -1.87
CA LEU B 285 -6.04 -20.95 -2.06
C LEU B 285 -6.25 -21.69 -3.37
N VAL B 286 -7.51 -21.85 -3.78
CA VAL B 286 -7.82 -22.44 -5.08
C VAL B 286 -7.90 -21.38 -6.16
N THR B 287 -7.93 -20.10 -5.79
CA THR B 287 -8.00 -19.03 -6.79
C THR B 287 -6.90 -19.23 -7.81
N PRO B 288 -7.20 -19.67 -9.02
CA PRO B 288 -6.14 -20.06 -9.95
C PRO B 288 -5.42 -18.86 -10.55
N PRO B 289 -6.15 -17.78 -10.98
CA PRO B 289 -5.42 -16.58 -11.42
C PRO B 289 -5.98 -15.23 -10.99
N THR B 290 -7.25 -14.95 -11.27
CA THR B 290 -7.86 -13.62 -11.15
C THR B 290 -7.45 -12.72 -12.30
N GLY B 291 -6.51 -13.17 -13.12
CA GLY B 291 -5.87 -12.25 -14.04
C GLY B 291 -5.17 -11.18 -13.22
N ARG B 292 -5.73 -9.97 -13.22
CA ARG B 292 -5.31 -8.96 -12.25
C ARG B 292 -5.74 -9.35 -10.84
N THR B 293 -4.86 -9.13 -9.88
CA THR B 293 -5.11 -9.50 -8.49
C THR B 293 -5.97 -8.46 -7.80
N LEU B 294 -7.18 -8.87 -7.41
CA LEU B 294 -8.04 -8.01 -6.60
C LEU B 294 -7.33 -7.57 -5.34
N SER B 295 -7.88 -6.55 -4.69
CA SER B 295 -7.34 -6.12 -3.41
C SER B 295 -7.40 -7.26 -2.40
N GLY B 296 -6.23 -7.74 -2.00
CA GLY B 296 -6.13 -8.80 -1.02
C GLY B 296 -5.82 -10.17 -1.58
N GLY B 297 -6.01 -10.39 -2.88
CA GLY B 297 -5.64 -11.65 -3.50
C GLY B 297 -6.79 -12.54 -3.93
N LEU B 298 -7.90 -11.97 -4.36
CA LEU B 298 -9.10 -12.73 -4.71
C LEU B 298 -9.08 -13.18 -6.16
N ASP B 299 -10.04 -14.04 -6.50
CA ASP B 299 -10.30 -14.39 -7.89
C ASP B 299 -11.58 -13.75 -8.40
N SER B 300 -11.54 -13.29 -9.64
CA SER B 300 -12.76 -12.80 -10.28
C SER B 300 -13.70 -13.95 -10.62
N ALA B 301 -13.14 -15.08 -11.08
CA ALA B 301 -13.94 -16.20 -11.57
C ALA B 301 -14.20 -17.26 -10.51
N ALA B 302 -13.38 -17.33 -9.45
CA ALA B 302 -13.65 -18.29 -8.40
C ALA B 302 -14.84 -17.85 -7.56
N LEU B 303 -14.92 -16.56 -7.24
CA LEU B 303 -16.05 -16.01 -6.52
C LEU B 303 -17.35 -16.20 -7.26
N TYR B 304 -17.31 -16.43 -8.58
CA TYR B 304 -18.54 -16.71 -9.31
C TYR B 304 -19.20 -17.98 -8.79
N PHE B 305 -18.40 -18.95 -8.37
CA PHE B 305 -18.97 -20.22 -7.93
C PHE B 305 -19.64 -20.12 -6.56
N PRO B 306 -19.02 -19.55 -5.52
CA PRO B 306 -19.81 -19.26 -4.32
C PRO B 306 -20.94 -18.29 -4.57
N LYS B 307 -20.76 -17.37 -5.53
CA LYS B 307 -21.84 -16.45 -5.87
C LYS B 307 -23.07 -17.21 -6.32
N ARG B 308 -22.90 -18.10 -7.30
CA ARG B 308 -24.02 -18.93 -7.76
C ARG B 308 -24.52 -19.82 -6.64
N PHE B 309 -23.60 -20.38 -5.85
CA PHE B 309 -23.97 -21.22 -4.72
C PHE B 309 -24.97 -20.51 -3.82
N LEU B 310 -24.64 -19.28 -3.42
CA LEU B 310 -25.51 -18.53 -2.52
C LEU B 310 -26.75 -18.03 -3.25
N GLY B 311 -26.61 -17.60 -4.50
CA GLY B 311 -27.74 -17.17 -5.28
C GLY B 311 -28.72 -18.26 -5.59
N ALA B 312 -28.34 -19.52 -5.39
CA ALA B 312 -29.32 -20.60 -5.50
C ALA B 312 -30.47 -20.38 -4.53
N ALA B 313 -30.18 -19.87 -3.34
CA ALA B 313 -31.22 -19.58 -2.37
C ALA B 313 -32.26 -18.64 -2.98
N ARG B 314 -33.52 -19.07 -2.99
CA ARG B 314 -34.56 -18.33 -3.66
C ARG B 314 -35.91 -18.84 -3.18
N ASN B 315 -36.93 -18.03 -3.39
CA ASN B 315 -38.32 -18.44 -3.18
C ASN B 315 -38.99 -18.67 -4.52
N ILE B 316 -39.68 -19.80 -4.65
CA ILE B 316 -40.31 -20.20 -5.89
C ILE B 316 -41.81 -20.10 -5.73
N ARG B 317 -42.48 -19.51 -6.71
CA ARG B 317 -43.91 -19.23 -6.64
C ARG B 317 -44.78 -20.46 -6.84
N GLY B 318 -44.18 -21.60 -7.23
CA GLY B 318 -44.97 -22.79 -7.50
C GLY B 318 -44.83 -23.82 -6.40
N GLY B 319 -44.16 -23.44 -5.32
CA GLY B 319 -43.91 -24.37 -4.23
C GLY B 319 -42.42 -24.66 -4.10
N GLY B 320 -42.01 -25.07 -2.91
CA GLY B 320 -40.61 -25.35 -2.65
C GLY B 320 -39.79 -24.08 -2.52
N SER B 321 -38.61 -24.24 -1.93
CA SER B 321 -37.71 -23.11 -1.73
C SER B 321 -36.36 -23.63 -1.27
N LEU B 322 -35.36 -22.78 -1.37
CA LEU B 322 -34.00 -23.10 -0.93
C LEU B 322 -33.47 -21.94 -0.11
N THR B 323 -33.17 -22.22 1.16
CA THR B 323 -32.65 -21.21 2.08
C THR B 323 -31.26 -21.59 2.54
N ILE B 324 -30.29 -20.72 2.30
CA ILE B 324 -28.91 -20.95 2.74
C ILE B 324 -28.57 -19.91 3.78
N LEU B 325 -28.19 -20.36 4.97
CA LEU B 325 -27.58 -19.50 5.97
C LEU B 325 -26.14 -19.94 6.15
N ALA B 326 -25.20 -19.02 5.95
CA ALA B 326 -23.79 -19.36 5.96
C ALA B 326 -23.04 -18.34 6.79
N THR B 327 -21.92 -18.78 7.37
CA THR B 327 -21.17 -17.99 8.34
C THR B 327 -20.01 -17.28 7.66
N ALA B 328 -19.93 -15.96 7.82
CA ALA B 328 -18.96 -15.12 7.13
C ALA B 328 -18.04 -14.42 8.12
N LEU B 329 -16.84 -14.07 7.65
CA LEU B 329 -15.80 -13.46 8.47
C LEU B 329 -15.41 -12.09 7.93
N VAL B 330 -15.24 -11.13 8.83
CA VAL B 330 -14.78 -9.79 8.49
C VAL B 330 -13.82 -9.33 9.58
N GLU B 331 -13.17 -8.19 9.34
CA GLU B 331 -12.30 -7.57 10.33
C GLU B 331 -11.18 -8.53 10.73
N THR B 332 -10.65 -9.26 9.75
CA THR B 332 -9.59 -10.23 9.98
C THR B 332 -8.21 -9.66 9.74
N GLY B 333 -8.10 -8.36 9.47
CA GLY B 333 -6.81 -7.75 9.22
C GLY B 333 -6.27 -7.93 7.83
N SER B 334 -6.99 -8.63 6.96
CA SER B 334 -6.59 -8.82 5.57
C SER B 334 -7.71 -8.32 4.67
N ARG B 335 -7.35 -7.52 3.65
CA ARG B 335 -8.37 -6.95 2.78
C ARG B 335 -9.17 -8.03 2.06
N MET B 336 -8.60 -9.23 1.93
CA MET B 336 -9.29 -10.32 1.25
C MET B 336 -10.67 -10.54 1.84
N ASP B 337 -10.75 -10.62 3.17
CA ASP B 337 -12.01 -10.99 3.81
C ASP B 337 -13.03 -9.85 3.72
N ASP B 338 -12.58 -8.60 3.87
CA ASP B 338 -13.49 -7.48 3.72
C ASP B 338 -14.05 -7.42 2.30
N VAL B 339 -13.18 -7.65 1.30
CA VAL B 339 -13.63 -7.66 -0.09
C VAL B 339 -14.65 -8.77 -0.30
N ILE B 340 -14.37 -9.96 0.23
CA ILE B 340 -15.28 -11.08 0.05
C ILE B 340 -16.62 -10.80 0.70
N PHE B 341 -16.59 -10.26 1.93
CA PHE B 341 -17.84 -9.97 2.62
C PHE B 341 -18.67 -8.99 1.82
N GLU B 342 -18.03 -7.94 1.29
CA GLU B 342 -18.77 -6.98 0.48
C GLU B 342 -19.32 -7.66 -0.77
N GLU B 343 -18.53 -8.53 -1.40
CA GLU B 343 -18.98 -9.20 -2.61
C GLU B 343 -20.22 -10.05 -2.35
N PHE B 344 -20.25 -10.77 -1.25
CA PHE B 344 -21.42 -11.55 -0.89
C PHE B 344 -22.58 -10.68 -0.42
N LYS B 345 -22.29 -9.51 0.15
CA LYS B 345 -23.35 -8.69 0.72
C LYS B 345 -24.38 -8.30 -0.32
N GLY B 346 -23.93 -8.02 -1.54
CA GLY B 346 -24.86 -7.66 -2.60
C GLY B 346 -25.62 -8.83 -3.19
N THR B 347 -25.23 -10.05 -2.87
CA THR B 347 -25.88 -11.24 -3.41
C THR B 347 -26.87 -11.89 -2.45
N GLY B 348 -26.64 -11.78 -1.15
CA GLY B 348 -27.59 -12.30 -0.20
C GLY B 348 -28.75 -11.36 0.02
N ASN B 349 -29.88 -11.92 0.44
CA ASN B 349 -31.10 -11.16 0.64
C ASN B 349 -31.30 -10.73 2.08
N MET B 350 -30.34 -11.04 2.95
CA MET B 350 -30.37 -10.57 4.33
C MET B 350 -29.01 -10.89 4.93
N GLU B 351 -28.40 -9.90 5.58
CA GLU B 351 -27.09 -10.08 6.17
C GLU B 351 -27.12 -9.67 7.63
N LEU B 352 -26.42 -10.44 8.45
CA LEU B 352 -26.45 -10.29 9.90
C LEU B 352 -25.04 -9.98 10.38
N HIS B 353 -24.77 -8.71 10.63
CA HIS B 353 -23.51 -8.32 11.22
C HIS B 353 -23.48 -8.80 12.65
N LEU B 354 -22.30 -9.20 13.11
CA LEU B 354 -22.08 -9.43 14.53
C LEU B 354 -20.91 -8.55 14.96
N SER B 355 -21.17 -7.66 15.91
CA SER B 355 -20.18 -6.68 16.32
C SER B 355 -19.18 -7.33 17.26
N ARG B 356 -17.90 -7.12 16.98
CA ARG B 356 -16.86 -7.73 17.81
C ARG B 356 -16.91 -7.18 19.23
N ARG B 357 -17.19 -5.89 19.38
CA ARG B 357 -17.26 -5.31 20.71
C ARG B 357 -18.40 -5.87 21.54
N LEU B 358 -19.57 -6.11 20.94
CA LEU B 358 -20.66 -6.73 21.67
C LEU B 358 -20.31 -8.14 22.10
N GLU B 359 -19.62 -8.90 21.26
CA GLU B 359 -19.15 -10.22 21.66
C GLU B 359 -18.17 -10.13 22.80
N GLU B 360 -17.24 -9.17 22.74
CA GLU B 360 -16.30 -9.01 23.85
C GLU B 360 -17.04 -8.79 25.15
N ARG B 361 -18.23 -8.20 25.10
CA ARG B 361 -19.08 -8.05 26.26
C ARG B 361 -19.91 -9.30 26.53
N ARG B 362 -19.76 -10.33 25.71
CA ARG B 362 -20.44 -11.61 25.90
C ARG B 362 -21.96 -11.42 25.88
N ILE B 363 -22.44 -10.72 24.86
CA ILE B 363 -23.87 -10.56 24.63
C ILE B 363 -24.23 -11.47 23.46
N PHE B 364 -25.05 -12.49 23.73
CA PHE B 364 -25.39 -13.43 22.69
C PHE B 364 -26.88 -13.35 22.36
N PRO B 365 -27.24 -13.06 21.10
CA PRO B 365 -26.34 -12.77 19.99
C PRO B 365 -25.74 -11.37 20.06
N ALA B 366 -24.45 -11.24 19.74
CA ALA B 366 -23.76 -9.95 19.72
C ALA B 366 -23.98 -9.20 18.42
N ILE B 367 -25.23 -8.95 18.04
CA ILE B 367 -25.53 -8.41 16.72
C ILE B 367 -25.35 -6.91 16.72
N ASP B 368 -24.66 -6.40 15.68
CA ASP B 368 -24.62 -4.97 15.40
C ASP B 368 -25.99 -4.61 14.82
N ILE B 369 -26.91 -4.22 15.70
CA ILE B 369 -28.30 -4.10 15.31
C ILE B 369 -28.47 -3.04 14.22
N LEU B 370 -27.83 -1.88 14.38
CA LEU B 370 -27.99 -0.82 13.40
C LEU B 370 -27.50 -1.26 12.02
N LYS B 371 -26.30 -1.86 11.97
CA LYS B 371 -25.77 -2.33 10.69
C LYS B 371 -26.57 -3.50 10.14
N SER B 372 -27.08 -4.38 11.01
CA SER B 372 -27.81 -5.55 10.55
C SER B 372 -29.19 -5.16 10.06
N GLY B 373 -29.74 -5.99 9.19
CA GLY B 373 -31.03 -5.73 8.60
C GLY B 373 -31.31 -6.71 7.49
N THR B 374 -32.58 -6.75 7.10
CA THR B 374 -33.04 -7.67 6.08
C THR B 374 -33.74 -6.90 4.97
N ARG B 375 -34.02 -7.62 3.88
CA ARG B 375 -34.68 -7.05 2.72
C ARG B 375 -36.11 -7.56 2.65
N ARG B 376 -37.06 -6.65 2.43
CA ARG B 376 -38.45 -7.02 2.21
C ARG B 376 -39.05 -7.71 3.44
N GLU B 377 -38.89 -7.06 4.59
CA GLU B 377 -39.54 -7.56 5.79
C GLU B 377 -41.05 -7.57 5.65
N GLU B 378 -41.60 -6.50 5.06
CA GLU B 378 -43.05 -6.41 4.88
C GLU B 378 -43.61 -7.62 4.14
N LEU B 379 -42.83 -8.17 3.21
CA LEU B 379 -43.27 -9.40 2.54
C LEU B 379 -43.33 -10.57 3.51
N LEU B 380 -42.51 -10.54 4.56
CA LEU B 380 -42.62 -11.48 5.67
C LEU B 380 -43.36 -10.90 6.86
N LEU B 381 -43.49 -9.57 6.94
CA LEU B 381 -44.09 -8.92 8.09
C LEU B 381 -45.32 -8.13 7.66
N GLY B 382 -46.44 -8.41 8.32
CA GLY B 382 -47.68 -7.73 7.96
C GLY B 382 -47.57 -6.23 8.14
N GLU B 383 -48.66 -5.55 7.77
CA GLU B 383 -48.74 -4.11 8.01
C GLU B 383 -48.59 -3.80 9.48
N GLU B 384 -49.28 -4.55 10.34
CA GLU B 384 -49.13 -4.34 11.79
C GLU B 384 -47.69 -4.51 12.23
N VAL B 385 -47.06 -5.64 11.88
CA VAL B 385 -45.67 -5.84 12.24
C VAL B 385 -44.78 -4.86 11.50
N THR B 386 -45.16 -4.51 10.27
CA THR B 386 -44.40 -3.51 9.53
C THR B 386 -44.27 -2.23 10.34
N HIS B 387 -45.41 -1.70 10.79
CA HIS B 387 -45.39 -0.46 11.56
C HIS B 387 -44.73 -0.66 12.91
N LYS B 388 -44.94 -1.83 13.53
CA LYS B 388 -44.34 -2.09 14.84
C LYS B 388 -42.82 -2.04 14.74
N MET B 389 -42.25 -2.71 13.74
CA MET B 389 -40.81 -2.69 13.56
C MET B 389 -40.33 -1.32 13.08
N TRP B 390 -41.18 -0.60 12.34
CA TRP B 390 -40.84 0.78 11.99
C TRP B 390 -40.65 1.62 13.23
N LEU B 391 -41.61 1.54 14.17
CA LEU B 391 -41.50 2.24 15.44
C LEU B 391 -40.28 1.76 16.22
N LEU B 392 -40.03 0.45 16.19
CA LEU B 392 -38.91 -0.11 16.94
C LEU B 392 -37.58 0.38 16.38
N ARG B 393 -37.50 0.57 15.07
CA ARG B 393 -36.26 1.10 14.48
C ARG B 393 -36.12 2.58 14.77
N LYS B 394 -37.24 3.31 14.78
CA LYS B 394 -37.19 4.72 15.15
C LYS B 394 -36.69 4.87 16.59
N VAL B 395 -37.14 4.00 17.49
CA VAL B 395 -36.83 4.16 18.90
C VAL B 395 -35.46 3.58 19.23
N LEU B 396 -35.22 2.32 18.86
CA LEU B 396 -34.05 1.59 19.30
C LEU B 396 -32.75 2.14 18.71
N ALA B 397 -32.84 2.97 17.67
CA ALA B 397 -31.63 3.61 17.15
C ALA B 397 -30.92 4.38 18.25
N ASP B 398 -31.69 4.91 19.20
CA ASP B 398 -31.14 5.71 20.29
C ASP B 398 -30.48 4.86 21.36
N MET B 399 -30.92 3.62 21.55
CA MET B 399 -30.34 2.75 22.57
C MET B 399 -28.98 2.24 22.10
N ASP B 400 -28.00 2.29 23.00
CA ASP B 400 -26.67 1.84 22.67
C ASP B 400 -26.62 0.31 22.61
N PRO B 401 -25.80 -0.26 21.73
CA PRO B 401 -25.88 -1.70 21.47
C PRO B 401 -25.96 -2.56 22.72
N ALA B 402 -24.98 -2.43 23.62
CA ALA B 402 -24.95 -3.27 24.82
C ALA B 402 -26.16 -3.01 25.70
N GLU B 403 -26.40 -1.74 26.04
CA GLU B 403 -27.55 -1.39 26.87
C GLU B 403 -28.86 -1.62 26.11
N ALA B 404 -28.86 -1.37 24.81
CA ALA B 404 -30.04 -1.69 24.01
C ALA B 404 -30.42 -3.16 24.17
N MET B 405 -29.45 -4.06 24.02
CA MET B 405 -29.76 -5.48 24.06
C MET B 405 -30.07 -5.94 25.48
N GLU B 406 -29.39 -5.36 26.47
CA GLU B 406 -29.73 -5.70 27.86
C GLU B 406 -31.15 -5.28 28.19
N MET B 407 -31.56 -4.09 27.76
CA MET B 407 -32.94 -3.65 27.89
C MET B 407 -33.88 -4.59 27.15
N LEU B 408 -33.52 -4.96 25.92
CA LEU B 408 -34.35 -5.84 25.12
C LEU B 408 -34.56 -7.18 25.83
N LEU B 409 -33.48 -7.72 26.41
CA LEU B 409 -33.60 -8.94 27.20
C LEU B 409 -34.56 -8.75 28.36
N ALA B 410 -34.38 -7.65 29.12
CA ALA B 410 -35.24 -7.43 30.28
C ALA B 410 -36.71 -7.33 29.87
N ARG B 411 -36.98 -6.76 28.70
CA ARG B 411 -38.35 -6.51 28.31
C ARG B 411 -38.99 -7.74 27.66
N LEU B 412 -38.34 -8.31 26.66
CA LEU B 412 -38.92 -9.42 25.90
C LEU B 412 -38.84 -10.74 26.64
N ALA B 413 -37.98 -10.84 27.65
CA ALA B 413 -38.00 -12.02 28.51
C ALA B 413 -39.34 -12.15 29.22
N ARG B 414 -40.09 -11.05 29.34
CA ARG B 414 -41.40 -11.11 29.98
C ARG B 414 -42.38 -11.95 29.19
N THR B 415 -42.37 -11.84 27.87
CA THR B 415 -43.42 -12.43 27.05
C THR B 415 -42.83 -12.93 25.75
N LYS B 416 -43.59 -13.80 25.09
CA LYS B 416 -43.24 -14.26 23.75
C LYS B 416 -43.33 -13.10 22.77
N ASN B 417 -42.68 -13.25 21.63
CA ASN B 417 -42.68 -12.19 20.60
C ASN B 417 -44.10 -11.78 20.25
N ASN B 418 -44.94 -12.75 19.90
CA ASN B 418 -46.32 -12.44 19.57
C ASN B 418 -47.06 -11.91 20.78
N LYS B 419 -46.84 -12.52 21.95
CA LYS B 419 -47.44 -12.01 23.18
C LYS B 419 -46.92 -10.62 23.50
N GLU B 420 -45.65 -10.35 23.22
CA GLU B 420 -45.16 -8.98 23.39
C GLU B 420 -45.88 -8.02 22.46
N PHE B 421 -46.12 -8.42 21.22
CA PHE B 421 -46.91 -7.60 20.31
C PHE B 421 -48.33 -7.44 20.80
N LEU B 422 -48.94 -8.52 21.28
CA LEU B 422 -50.29 -8.49 21.81
C LEU B 422 -50.36 -7.56 23.01
N ARG C 62 19.72 -57.13 19.40
CA ARG C 62 20.01 -55.78 19.85
C ARG C 62 18.74 -54.93 19.78
N LEU C 63 18.43 -54.23 20.87
CA LEU C 63 17.23 -53.40 20.93
C LEU C 63 17.62 -51.93 20.79
N VAL C 64 17.21 -51.33 19.67
CA VAL C 64 17.36 -49.89 19.47
C VAL C 64 15.98 -49.30 19.25
N LYS C 65 15.73 -48.19 19.95
CA LYS C 65 14.44 -47.51 19.90
C LYS C 65 14.65 -46.16 19.23
N GLY C 66 13.62 -45.70 18.54
CA GLY C 66 13.71 -44.41 17.91
C GLY C 66 12.52 -44.12 17.02
N TYR C 67 12.74 -43.16 16.13
CA TYR C 67 11.70 -42.58 15.30
C TYR C 67 12.02 -42.84 13.84
N LEU C 68 11.42 -43.90 13.30
CA LEU C 68 11.71 -44.31 11.94
C LEU C 68 11.39 -43.20 10.96
N GLU C 69 12.35 -42.90 10.08
CA GLU C 69 12.14 -42.03 8.93
C GLU C 69 12.28 -42.92 7.70
N ILE C 70 11.16 -43.27 7.08
CA ILE C 70 11.16 -44.26 6.01
C ILE C 70 11.64 -43.59 4.73
N SER C 71 12.64 -44.19 4.08
CA SER C 71 13.07 -43.75 2.77
C SER C 71 12.08 -44.23 1.72
N GLN C 72 12.20 -43.69 0.50
CA GLN C 72 11.23 -44.02 -0.54
C GLN C 72 11.24 -45.51 -0.88
N ASP C 73 12.34 -46.20 -0.59
CA ASP C 73 12.53 -47.59 -0.99
C ASP C 73 12.07 -48.59 0.07
N GLY C 74 11.37 -48.14 1.10
CA GLY C 74 10.88 -49.06 2.12
C GLY C 74 11.80 -49.27 3.29
N TYR C 75 13.06 -48.83 3.19
CA TYR C 75 13.99 -48.84 4.31
C TYR C 75 14.10 -47.43 4.87
N GLY C 76 14.45 -47.34 6.15
CA GLY C 76 14.42 -46.07 6.85
C GLY C 76 15.65 -45.88 7.72
N PHE C 77 15.64 -44.76 8.44
CA PHE C 77 16.75 -44.38 9.31
C PHE C 77 16.22 -44.00 10.69
N LEU C 78 17.10 -44.13 11.67
CA LEU C 78 16.83 -43.79 13.06
C LEU C 78 17.84 -42.74 13.51
N THR C 79 17.37 -41.72 14.21
CA THR C 79 18.23 -40.64 14.68
C THR C 79 18.61 -40.85 16.15
N GLU C 80 19.42 -39.94 16.66
CA GLU C 80 19.94 -40.01 18.01
C GLU C 80 19.21 -39.02 18.93
N ASN C 81 19.67 -38.93 20.17
CA ASN C 81 19.05 -38.05 21.16
C ASN C 81 19.17 -36.58 20.80
N LEU C 82 20.22 -36.18 20.08
CA LEU C 82 20.36 -34.78 19.69
C LEU C 82 19.28 -34.33 18.73
N HIS C 83 18.56 -35.26 18.11
CA HIS C 83 17.52 -34.93 17.14
C HIS C 83 18.10 -34.07 16.02
N ASN C 84 19.31 -34.41 15.63
CA ASN C 84 19.97 -33.82 14.46
C ASN C 84 20.86 -34.90 13.85
N LEU C 85 21.11 -34.78 12.56
CA LEU C 85 21.86 -35.82 11.86
C LEU C 85 23.22 -36.00 12.51
N GLU C 86 23.56 -37.25 12.84
CA GLU C 86 24.81 -37.58 13.48
C GLU C 86 25.37 -38.86 12.88
N SER C 87 26.64 -39.14 13.22
CA SER C 87 27.30 -40.35 12.73
C SER C 87 26.73 -41.61 13.37
N ARG C 88 25.91 -41.49 14.41
CA ARG C 88 25.41 -42.65 15.15
C ARG C 88 24.01 -43.06 14.72
N VAL C 89 23.57 -42.65 13.53
CA VAL C 89 22.27 -43.07 13.04
C VAL C 89 22.33 -44.53 12.58
N ALA C 90 21.16 -45.15 12.46
CA ALA C 90 21.04 -46.56 12.12
C ALA C 90 20.07 -46.74 10.96
N ILE C 91 20.18 -47.86 10.25
CA ILE C 91 19.30 -48.13 9.12
C ILE C 91 18.38 -49.29 9.48
N VAL C 92 17.22 -49.33 8.82
CA VAL C 92 16.16 -50.30 9.11
C VAL C 92 15.61 -50.80 7.78
N SER C 93 15.43 -52.12 7.67
CA SER C 93 14.99 -52.71 6.41
C SER C 93 13.47 -52.79 6.35
N ALA C 94 12.96 -53.01 5.14
CA ALA C 94 11.51 -52.96 4.92
C ALA C 94 10.82 -54.22 5.43
N GLY C 95 11.44 -55.39 5.25
CA GLY C 95 10.70 -56.64 5.40
C GLY C 95 10.08 -56.82 6.77
N LEU C 96 10.85 -56.56 7.83
CA LEU C 96 10.33 -56.79 9.18
C LEU C 96 9.27 -55.75 9.53
N ILE C 97 9.46 -54.51 9.08
CA ILE C 97 8.45 -53.47 9.30
C ILE C 97 7.14 -53.89 8.65
N LYS C 98 7.22 -54.37 7.41
CA LYS C 98 6.02 -54.86 6.73
C LYS C 98 5.41 -56.02 7.48
N GLN C 99 6.24 -56.94 7.98
CA GLN C 99 5.75 -58.04 8.80
C GLN C 99 4.90 -57.50 9.94
N TYR C 100 5.40 -56.48 10.64
CA TYR C 100 4.67 -55.86 11.75
C TYR C 100 3.82 -54.69 11.29
N ALA C 101 3.85 -54.37 9.99
CA ALA C 101 2.91 -53.43 9.39
C ALA C 101 2.87 -52.12 10.16
N LEU C 102 3.99 -51.40 10.16
CA LEU C 102 4.03 -50.10 10.83
C LEU C 102 3.51 -49.01 9.90
N ARG C 103 3.38 -47.82 10.46
CA ARG C 103 2.77 -46.68 9.81
C ARG C 103 3.41 -45.42 10.35
N ALA C 104 2.77 -44.29 10.10
CA ALA C 104 3.05 -43.10 10.88
C ALA C 104 2.04 -42.99 12.01
N GLY C 105 2.53 -42.96 13.25
CA GLY C 105 1.68 -42.98 14.41
C GLY C 105 2.18 -43.78 15.59
N ASP C 106 3.16 -44.66 15.39
CA ASP C 106 3.68 -45.45 16.52
C ASP C 106 5.18 -45.67 16.39
N TYR C 107 5.93 -45.18 17.39
CA TYR C 107 7.39 -45.06 17.34
C TYR C 107 8.05 -46.43 17.39
N VAL C 108 9.20 -46.55 16.73
CA VAL C 108 9.78 -47.85 16.33
C VAL C 108 10.77 -48.34 17.38
N VAL C 109 10.88 -49.66 17.50
CA VAL C 109 11.99 -50.33 18.15
C VAL C 109 12.34 -51.55 17.30
N GLY C 110 13.61 -51.92 17.26
CA GLY C 110 14.04 -52.94 16.32
C GLY C 110 15.43 -53.47 16.62
N GLN C 111 15.83 -54.42 15.77
CA GLN C 111 17.16 -55.03 15.88
C GLN C 111 17.86 -54.98 14.53
N ALA C 112 19.17 -54.80 14.54
CA ALA C 112 19.94 -54.67 13.30
C ALA C 112 21.25 -55.45 13.41
N ARG C 113 22.08 -55.33 12.37
CA ARG C 113 23.37 -55.97 12.30
C ARG C 113 24.42 -55.00 11.78
N PRO C 114 25.70 -55.25 12.06
CA PRO C 114 26.75 -54.33 11.61
C PRO C 114 26.80 -54.25 10.10
N PRO C 115 27.40 -53.20 9.55
CA PRO C 115 27.52 -53.11 8.09
C PRO C 115 28.31 -54.28 7.53
N ARG C 116 27.89 -54.78 6.38
CA ARG C 116 28.64 -55.82 5.70
C ARG C 116 29.71 -55.19 4.80
N GLU C 117 30.65 -56.03 4.37
CA GLU C 117 31.66 -55.56 3.43
C GLU C 117 30.96 -55.11 2.14
N ASN C 118 31.46 -54.01 1.57
CA ASN C 118 30.89 -53.29 0.45
C ASN C 118 29.74 -52.40 0.90
N GLU C 119 29.40 -52.40 2.19
CA GLU C 119 28.34 -51.56 2.72
C GLU C 119 28.95 -50.42 3.52
N ARG C 120 28.53 -49.20 3.21
CA ARG C 120 29.01 -48.01 3.91
C ARG C 120 28.24 -47.73 5.19
N TYR C 121 27.10 -48.38 5.39
CA TYR C 121 26.25 -48.16 6.56
C TYR C 121 25.70 -49.48 7.06
N ALA C 122 25.27 -49.48 8.32
CA ALA C 122 24.73 -50.68 8.94
C ALA C 122 23.44 -51.13 8.26
N THR C 123 23.15 -52.42 8.39
CA THR C 123 21.96 -53.04 7.81
C THR C 123 21.14 -53.70 8.91
N LEU C 124 19.89 -54.02 8.58
CA LEU C 124 18.95 -54.59 9.55
C LEU C 124 18.92 -56.11 9.39
N LEU C 125 18.85 -56.82 10.53
CA LEU C 125 18.81 -58.27 10.49
C LEU C 125 17.45 -58.81 10.90
N LYS C 126 16.93 -58.36 12.04
CA LYS C 126 15.72 -58.93 12.61
C LYS C 126 15.10 -57.89 13.54
N VAL C 127 13.84 -58.12 13.90
CA VAL C 127 13.17 -57.26 14.88
C VAL C 127 12.76 -58.10 16.07
N GLU C 128 12.91 -57.53 17.27
CA GLU C 128 12.62 -58.23 18.53
C GLU C 128 11.42 -57.65 19.26
N ALA C 129 11.40 -56.33 19.46
CA ALA C 129 10.28 -55.66 20.10
C ALA C 129 10.07 -54.31 19.44
N VAL C 130 8.81 -53.91 19.33
CA VAL C 130 8.44 -52.65 18.69
C VAL C 130 7.65 -51.82 19.69
N ASN C 131 7.99 -50.53 19.80
CA ASN C 131 7.24 -49.59 20.62
C ASN C 131 7.19 -50.03 22.08
N ASN C 132 8.16 -50.83 22.50
CA ASN C 132 8.23 -51.41 23.84
C ASN C 132 7.12 -52.43 24.06
N LEU C 133 6.40 -52.82 23.01
CA LEU C 133 5.31 -53.78 23.12
C LEU C 133 5.52 -54.91 22.12
N ASP C 134 4.70 -55.94 22.22
CA ASP C 134 4.80 -57.06 21.31
C ASP C 134 4.49 -56.59 19.88
N PRO C 135 5.40 -56.78 18.94
CA PRO C 135 5.14 -56.28 17.58
C PRO C 135 3.92 -56.87 16.93
N GLU C 136 3.58 -58.14 17.20
CA GLU C 136 2.40 -58.74 16.58
C GLU C 136 1.15 -57.91 16.87
N ALA C 137 0.99 -57.45 18.11
CA ALA C 137 -0.18 -56.65 18.44
C ALA C 137 -0.23 -55.36 17.63
N ALA C 138 0.94 -54.81 17.26
CA ALA C 138 0.95 -53.60 16.45
C ALA C 138 0.31 -53.84 15.09
N LYS C 139 0.25 -55.10 14.66
CA LYS C 139 -0.32 -55.41 13.35
C LYS C 139 -1.77 -54.96 13.24
N ASN C 140 -2.48 -54.91 14.38
CA ASN C 140 -3.90 -54.55 14.41
C ASN C 140 -4.09 -53.48 15.48
N ARG C 141 -4.32 -52.24 15.05
CA ARG C 141 -4.55 -51.12 15.95
C ARG C 141 -5.25 -50.01 15.19
N PRO C 142 -5.96 -49.13 15.90
CA PRO C 142 -6.58 -47.99 15.21
C PRO C 142 -5.52 -47.01 14.72
N ARG C 143 -5.85 -46.30 13.65
CA ARG C 143 -4.95 -45.31 13.10
C ARG C 143 -5.22 -43.93 13.71
N PHE C 144 -4.16 -43.14 13.81
CA PHE C 144 -4.27 -41.85 14.49
C PHE C 144 -5.30 -40.94 13.85
N ASP C 145 -5.22 -40.77 12.52
CA ASP C 145 -6.13 -39.85 11.85
C ASP C 145 -7.57 -40.32 11.91
N GLU C 146 -7.79 -41.60 12.26
CA GLU C 146 -9.13 -42.14 12.38
C GLU C 146 -9.68 -42.08 13.80
N LEU C 147 -8.88 -41.63 14.76
CA LEU C 147 -9.37 -41.50 16.13
C LEU C 147 -10.51 -40.48 16.19
N THR C 148 -11.54 -40.81 16.94
CA THR C 148 -12.68 -39.92 17.09
C THR C 148 -12.30 -38.76 18.00
N PRO C 149 -12.10 -37.55 17.47
CA PRO C 149 -11.73 -36.43 18.34
C PRO C 149 -12.92 -35.91 19.12
N GLN C 150 -12.64 -35.45 20.32
CA GLN C 150 -13.62 -34.85 21.20
C GLN C 150 -13.05 -33.54 21.73
N PHE C 151 -13.84 -32.83 22.51
CA PHE C 151 -13.28 -31.76 23.30
C PHE C 151 -12.62 -32.35 24.54
N PRO C 152 -11.64 -31.66 25.11
CA PRO C 152 -10.94 -32.21 26.29
C PRO C 152 -11.93 -32.49 27.41
N ASP C 153 -12.00 -33.76 27.81
CA ASP C 153 -12.87 -34.19 28.89
C ASP C 153 -12.11 -34.79 30.06
N ARG C 154 -10.80 -35.01 29.91
CA ARG C 154 -9.95 -35.42 31.02
C ARG C 154 -9.10 -34.22 31.39
N GLN C 155 -9.67 -33.36 32.20
CA GLN C 155 -9.00 -32.14 32.63
C GLN C 155 -7.83 -32.48 33.54
N ILE C 156 -6.77 -31.68 33.43
CA ILE C 156 -5.60 -31.80 34.28
C ILE C 156 -5.78 -30.77 35.39
N ARG C 157 -6.21 -31.22 36.56
CA ARG C 157 -6.38 -30.30 37.67
C ARG C 157 -5.06 -29.59 37.94
N LEU C 158 -5.15 -28.28 38.10
CA LEU C 158 -3.97 -27.42 38.08
C LEU C 158 -3.68 -26.92 39.48
N GLU C 159 -2.61 -27.44 40.09
CA GLU C 159 -2.08 -26.95 41.34
C GLU C 159 -0.57 -27.11 41.30
N THR C 160 0.14 -25.99 41.34
CA THR C 160 1.59 -25.98 41.17
C THR C 160 2.21 -25.07 42.21
N THR C 161 3.18 -25.59 42.95
CA THR C 161 3.76 -24.87 44.08
C THR C 161 4.78 -23.78 43.70
N PRO C 162 5.67 -23.96 42.74
CA PRO C 162 6.82 -23.05 42.60
C PRO C 162 6.47 -21.58 42.48
N ASP C 163 5.37 -21.23 41.83
CA ASP C 163 4.87 -19.86 41.86
C ASP C 163 3.36 -19.89 41.92
N GLU C 164 2.79 -19.89 43.14
CA GLU C 164 1.37 -20.13 43.27
C GLU C 164 0.54 -18.95 42.80
N LEU C 165 1.10 -17.75 42.72
CA LEU C 165 0.32 -16.58 42.34
C LEU C 165 0.21 -16.47 40.81
N SER C 166 1.35 -16.37 40.13
CA SER C 166 1.32 -16.38 38.66
C SER C 166 0.70 -17.66 38.12
N THR C 167 0.98 -18.79 38.76
CA THR C 167 0.35 -20.03 38.33
C THR C 167 -1.14 -20.03 38.68
N ARG C 168 -1.53 -19.34 39.76
CA ARG C 168 -2.95 -19.12 40.01
C ARG C 168 -3.57 -18.41 38.81
N VAL C 169 -2.92 -17.35 38.35
CA VAL C 169 -3.43 -16.62 37.19
C VAL C 169 -3.53 -17.56 36.00
N ILE C 170 -2.49 -18.35 35.77
CA ILE C 170 -2.47 -19.27 34.64
C ILE C 170 -3.66 -20.23 34.71
N ASP C 171 -3.79 -20.93 35.84
CA ASP C 171 -4.84 -21.92 35.99
C ASP C 171 -6.22 -21.29 35.89
N LEU C 172 -6.39 -20.11 36.46
CA LEU C 172 -7.69 -19.47 36.56
C LEU C 172 -8.08 -18.71 35.29
N LEU C 173 -7.14 -18.54 34.36
CA LEU C 173 -7.42 -17.86 33.10
C LEU C 173 -7.30 -18.79 31.89
N ALA C 174 -6.38 -19.75 31.96
CA ALA C 174 -6.09 -20.63 30.83
C ALA C 174 -6.10 -22.07 31.30
N PRO C 175 -7.26 -22.72 31.30
CA PRO C 175 -7.31 -24.13 31.70
C PRO C 175 -6.45 -24.99 30.78
N ILE C 176 -5.86 -26.02 31.37
CA ILE C 176 -5.09 -27.03 30.63
C ILE C 176 -5.77 -28.37 30.79
N GLY C 177 -6.13 -28.98 29.67
CA GLY C 177 -6.64 -30.33 29.64
C GLY C 177 -5.86 -31.18 28.68
N ARG C 178 -6.03 -32.49 28.82
CA ARG C 178 -5.31 -33.45 28.01
C ARG C 178 -5.85 -33.36 26.58
N GLY C 179 -5.00 -32.93 25.66
CA GLY C 179 -5.42 -32.71 24.29
C GLY C 179 -5.74 -31.27 23.94
N GLN C 180 -5.35 -30.31 24.77
CA GLN C 180 -5.60 -28.90 24.53
C GLN C 180 -4.79 -28.44 23.32
N ARG C 181 -5.48 -27.99 22.26
CA ARG C 181 -4.80 -27.36 21.13
C ARG C 181 -4.74 -25.86 21.40
N GLY C 182 -3.77 -25.47 22.22
CA GLY C 182 -3.67 -24.10 22.67
C GLY C 182 -2.62 -23.30 21.92
N LEU C 183 -2.71 -21.98 22.04
CA LEU C 183 -1.75 -21.08 21.40
C LEU C 183 -1.65 -19.81 22.23
N ILE C 184 -0.44 -19.29 22.40
CA ILE C 184 -0.21 -18.06 23.16
C ILE C 184 0.45 -17.05 22.23
N VAL C 185 -0.03 -15.81 22.29
CA VAL C 185 0.33 -14.77 21.35
C VAL C 185 0.86 -13.58 22.13
N ALA C 186 1.95 -12.99 21.64
CA ALA C 186 2.53 -11.81 22.28
C ALA C 186 3.51 -11.17 21.30
N PRO C 187 3.73 -9.87 21.40
CA PRO C 187 4.78 -9.24 20.59
C PRO C 187 6.14 -9.64 21.09
N PRO C 188 7.20 -9.32 20.35
CA PRO C 188 8.54 -9.74 20.77
C PRO C 188 8.88 -9.19 22.14
N LYS C 189 9.61 -9.98 22.92
CA LYS C 189 10.08 -9.56 24.23
C LYS C 189 8.92 -9.17 25.14
N ALA C 190 7.95 -10.06 25.26
CA ALA C 190 6.77 -9.78 26.06
C ALA C 190 6.42 -10.92 27.02
N GLY C 191 7.39 -11.73 27.42
CA GLY C 191 7.14 -12.68 28.49
C GLY C 191 6.91 -14.12 28.06
N LYS C 192 7.42 -14.53 26.90
CA LYS C 192 7.02 -15.82 26.35
C LYS C 192 7.84 -16.97 26.91
N THR C 193 9.15 -17.00 26.61
CA THR C 193 9.90 -18.24 26.79
C THR C 193 9.94 -18.67 28.25
N THR C 194 10.12 -17.73 29.18
CA THR C 194 10.16 -18.14 30.58
C THR C 194 8.78 -18.59 31.05
N LEU C 195 7.72 -18.02 30.47
CA LEU C 195 6.38 -18.51 30.76
C LEU C 195 6.23 -19.97 30.32
N LEU C 196 6.71 -20.29 29.12
CA LEU C 196 6.74 -21.68 28.68
C LEU C 196 7.55 -22.54 29.63
N LYS C 197 8.69 -22.01 30.10
CA LYS C 197 9.52 -22.73 31.04
C LYS C 197 8.75 -23.06 32.31
N LYS C 198 8.05 -22.06 32.85
CA LYS C 198 7.28 -22.27 34.07
C LYS C 198 6.21 -23.33 33.86
N ILE C 199 5.52 -23.26 32.71
CA ILE C 199 4.49 -24.25 32.42
C ILE C 199 5.09 -25.65 32.40
N ALA C 200 6.23 -25.80 31.72
CA ALA C 200 6.87 -27.11 31.62
C ALA C 200 7.26 -27.61 33.00
N ASN C 201 7.85 -26.73 33.81
CA ASN C 201 8.28 -27.13 35.15
C ASN C 201 7.09 -27.59 35.99
N ALA C 202 5.98 -26.84 35.93
CA ALA C 202 4.81 -27.24 36.69
C ALA C 202 4.29 -28.59 36.23
N VAL C 203 4.19 -28.79 34.91
CA VAL C 203 3.66 -30.05 34.40
C VAL C 203 4.55 -31.21 34.81
N LEU C 204 5.85 -30.99 34.85
CA LEU C 204 6.75 -32.06 35.26
C LEU C 204 6.62 -32.43 36.71
N LYS C 205 5.72 -31.79 37.46
CA LYS C 205 5.46 -32.17 38.84
C LYS C 205 4.01 -32.58 39.01
N ASN C 206 3.11 -31.99 38.23
CA ASN C 206 1.69 -32.28 38.38
C ASN C 206 1.29 -33.63 37.82
N GLU C 207 1.89 -34.05 36.71
CA GLU C 207 1.54 -35.31 36.04
C GLU C 207 2.80 -36.02 35.60
N PRO C 208 3.46 -36.72 36.52
CA PRO C 208 4.70 -37.44 36.14
C PRO C 208 4.48 -38.49 35.06
N ASP C 209 3.24 -38.95 34.86
CA ASP C 209 2.97 -39.96 33.85
C ASP C 209 3.02 -39.40 32.44
N ILE C 210 2.84 -38.10 32.26
CA ILE C 210 2.75 -37.52 30.93
C ILE C 210 4.15 -37.27 30.41
N LYS C 211 4.42 -37.71 29.18
CA LYS C 211 5.70 -37.48 28.53
C LYS C 211 5.69 -36.07 27.95
N VAL C 212 6.55 -35.21 28.48
CA VAL C 212 6.57 -33.79 28.12
C VAL C 212 7.77 -33.57 27.22
N ILE C 213 7.54 -32.93 26.09
CA ILE C 213 8.58 -32.63 25.10
C ILE C 213 8.58 -31.13 24.85
N VAL C 214 9.76 -30.54 24.82
CA VAL C 214 9.92 -29.10 24.59
C VAL C 214 10.71 -28.92 23.31
N LEU C 215 10.17 -28.12 22.39
CA LEU C 215 10.77 -27.87 21.09
C LEU C 215 11.01 -26.38 20.93
N LEU C 216 12.24 -26.03 20.58
CA LEU C 216 12.67 -24.63 20.47
C LEU C 216 13.18 -24.40 19.05
N ILE C 217 12.53 -23.50 18.33
CA ILE C 217 12.88 -23.18 16.95
C ILE C 217 13.43 -21.77 16.92
N ASP C 218 14.55 -21.58 16.22
CA ASP C 218 15.01 -20.26 15.83
C ASP C 218 15.23 -19.34 17.03
N GLU C 219 15.74 -19.88 18.13
CA GLU C 219 15.89 -19.11 19.36
C GLU C 219 17.36 -19.04 19.79
N ARG C 220 17.58 -18.25 20.84
CA ARG C 220 18.93 -17.95 21.29
C ARG C 220 19.54 -19.16 22.01
N PRO C 221 20.82 -19.48 21.76
CA PRO C 221 21.41 -20.67 22.40
C PRO C 221 21.40 -20.63 23.91
N GLU C 222 21.62 -19.46 24.51
CA GLU C 222 21.64 -19.38 25.97
C GLU C 222 20.33 -19.84 26.56
N GLU C 223 19.20 -19.52 25.92
CA GLU C 223 17.93 -20.06 26.38
C GLU C 223 17.92 -21.58 26.30
N VAL C 224 18.51 -22.13 25.23
CA VAL C 224 18.56 -23.57 25.07
C VAL C 224 19.29 -24.20 26.26
N THR C 225 20.46 -23.68 26.59
CA THR C 225 21.22 -24.25 27.69
C THR C 225 20.49 -24.04 29.00
N ASP C 226 19.85 -22.88 29.17
CA ASP C 226 19.11 -22.62 30.40
C ASP C 226 18.02 -23.67 30.60
N PHE C 227 17.29 -23.98 29.53
CA PHE C 227 16.27 -25.03 29.64
C PHE C 227 16.91 -26.38 29.93
N ARG C 228 17.90 -26.76 29.13
CA ARG C 228 18.46 -28.10 29.25
C ARG C 228 18.97 -28.33 30.66
N GLU C 229 19.52 -27.30 31.30
CA GLU C 229 19.91 -27.43 32.70
C GLU C 229 18.70 -27.39 33.63
N SER C 230 17.70 -26.58 33.31
CA SER C 230 16.61 -26.31 34.24
C SER C 230 15.39 -27.21 34.05
N VAL C 231 15.40 -28.05 33.01
CA VAL C 231 14.24 -28.90 32.74
C VAL C 231 14.20 -30.14 33.62
N GLN C 232 15.31 -30.50 34.25
CA GLN C 232 15.37 -31.65 35.14
C GLN C 232 15.01 -32.94 34.39
N GLY C 233 15.68 -33.15 33.25
CA GLY C 233 15.66 -34.44 32.58
C GLY C 233 14.57 -34.64 31.56
N ALA C 234 13.57 -33.76 31.47
CA ALA C 234 12.56 -33.90 30.44
C ALA C 234 13.17 -33.63 29.07
N GLU C 235 12.57 -34.22 28.04
CA GLU C 235 13.14 -34.16 26.69
C GLU C 235 13.11 -32.72 26.21
N VAL C 236 14.28 -32.09 26.17
CA VAL C 236 14.42 -30.73 25.66
C VAL C 236 15.15 -30.81 24.33
N ILE C 237 14.46 -30.46 23.26
CA ILE C 237 15.02 -30.40 21.92
C ILE C 237 14.98 -28.94 21.47
N ALA C 238 16.06 -28.48 20.87
CA ALA C 238 16.16 -27.09 20.45
C ALA C 238 16.91 -27.01 19.14
N SER C 239 16.68 -25.91 18.42
CA SER C 239 17.39 -25.64 17.18
C SER C 239 17.60 -24.12 17.13
N THR C 240 18.79 -23.69 17.53
CA THR C 240 19.09 -22.27 17.65
C THR C 240 18.91 -21.58 16.31
N PHE C 241 18.85 -20.25 16.32
CA PHE C 241 18.79 -19.54 15.05
C PHE C 241 20.09 -19.66 14.27
N ASP C 242 21.13 -20.18 14.90
CA ASP C 242 22.41 -20.34 14.20
C ASP C 242 22.27 -21.27 13.00
N GLU C 243 21.31 -22.18 13.04
CA GLU C 243 21.18 -23.15 11.96
C GLU C 243 20.34 -22.57 10.83
N PRO C 244 20.57 -22.99 9.59
CA PRO C 244 19.74 -22.53 8.48
C PRO C 244 18.31 -23.02 8.63
N PRO C 245 17.36 -22.38 7.93
CA PRO C 245 15.94 -22.75 8.13
C PRO C 245 15.65 -24.20 7.84
N GLN C 246 16.42 -24.82 6.95
CA GLN C 246 16.21 -26.23 6.64
C GLN C 246 16.33 -27.07 7.90
N ASN C 247 17.31 -26.77 8.75
CA ASN C 247 17.45 -27.50 10.01
C ASN C 247 16.22 -27.32 10.89
N HIS C 248 15.72 -26.07 10.97
CA HIS C 248 14.50 -25.83 11.74
C HIS C 248 13.37 -26.72 11.23
N ILE C 249 13.14 -26.74 9.92
CA ILE C 249 12.04 -27.51 9.36
C ILE C 249 12.24 -28.99 9.64
N ARG C 250 13.46 -29.48 9.43
CA ARG C 250 13.75 -30.88 9.67
C ARG C 250 13.39 -31.27 11.09
N VAL C 251 13.90 -30.52 12.07
CA VAL C 251 13.66 -30.86 13.47
C VAL C 251 12.19 -30.75 13.79
N ALA C 252 11.52 -29.72 13.27
CA ALA C 252 10.11 -29.53 13.58
C ALA C 252 9.27 -30.69 13.09
N GLU C 253 9.48 -31.11 11.84
CA GLU C 253 8.70 -32.21 11.30
C GLU C 253 9.06 -33.52 11.99
N PHE C 254 10.34 -33.69 12.36
CA PHE C 254 10.72 -34.85 13.13
C PHE C 254 9.93 -34.93 14.43
N VAL C 255 9.85 -33.81 15.15
CA VAL C 255 9.15 -33.82 16.42
C VAL C 255 7.66 -34.02 16.21
N HIS C 256 7.11 -33.46 15.13
CA HIS C 256 5.71 -33.71 14.82
C HIS C 256 5.44 -35.21 14.65
N GLU C 257 6.26 -35.85 13.82
CA GLU C 257 6.07 -37.27 13.59
C GLU C 257 6.22 -38.05 14.90
N ARG C 258 7.24 -37.71 15.69
CA ARG C 258 7.46 -38.40 16.95
C ARG C 258 6.29 -38.23 17.89
N ALA C 259 5.72 -37.03 17.95
CA ALA C 259 4.57 -36.78 18.81
C ALA C 259 3.42 -37.67 18.41
N LYS C 260 3.16 -37.79 17.11
CA LYS C 260 2.11 -38.71 16.67
C LYS C 260 2.48 -40.14 17.04
N ARG C 261 3.77 -40.48 16.90
CA ARG C 261 4.23 -41.85 17.14
C ARG C 261 4.02 -42.23 18.59
N ILE C 262 4.05 -41.25 19.49
CA ILE C 262 3.84 -41.55 20.89
C ILE C 262 2.37 -41.50 21.23
N VAL C 263 1.65 -40.52 20.67
CA VAL C 263 0.25 -40.33 21.02
C VAL C 263 -0.58 -41.53 20.63
N GLU C 264 -0.39 -42.06 19.43
CA GLU C 264 -1.38 -43.02 18.92
C GLU C 264 -1.50 -44.24 19.83
N GLU C 265 -0.59 -44.40 20.78
CA GLU C 265 -0.62 -45.54 21.70
C GLU C 265 -1.54 -45.30 22.88
N GLY C 266 -2.46 -44.34 22.78
CA GLY C 266 -3.34 -44.02 23.89
C GLY C 266 -2.69 -43.19 24.98
N GLY C 267 -1.48 -42.68 24.73
CA GLY C 267 -0.79 -41.91 25.73
C GLY C 267 -1.05 -40.42 25.63
N HIS C 268 -0.69 -39.71 26.69
CA HIS C 268 -0.88 -38.27 26.79
C HIS C 268 0.46 -37.58 26.52
N VAL C 269 0.47 -36.70 25.52
CA VAL C 269 1.67 -35.98 25.11
C VAL C 269 1.39 -34.50 25.18
N MET C 270 2.35 -33.73 25.68
CA MET C 270 2.30 -32.27 25.68
C MET C 270 3.58 -31.74 25.05
N ILE C 271 3.42 -30.92 24.01
CA ILE C 271 4.54 -30.25 23.35
C ILE C 271 4.45 -28.76 23.63
N LEU C 272 5.54 -28.22 24.17
CA LEU C 272 5.66 -26.79 24.41
C LEU C 272 6.63 -26.23 23.37
N LEU C 273 6.10 -25.53 22.39
CA LEU C 273 6.84 -25.10 21.21
C LEU C 273 7.15 -23.60 21.30
N ASP C 274 8.39 -23.29 21.63
CA ASP C 274 8.90 -21.94 21.47
C ASP C 274 8.94 -21.59 19.99
N SER C 275 8.63 -20.33 19.67
CA SER C 275 8.83 -19.82 18.32
C SER C 275 7.95 -20.48 17.26
N ILE C 276 6.62 -20.36 17.39
CA ILE C 276 5.75 -20.87 16.35
C ILE C 276 5.61 -19.88 15.20
N THR C 277 5.52 -18.58 15.50
CA THR C 277 5.42 -17.60 14.42
C THR C 277 6.79 -17.32 13.83
N ARG C 278 7.84 -17.46 14.63
CA ARG C 278 9.17 -17.53 14.06
C ARG C 278 9.27 -18.72 13.12
N LEU C 279 8.67 -19.84 13.52
CA LEU C 279 8.61 -21.00 12.64
C LEU C 279 7.79 -20.71 11.38
N ALA C 280 6.76 -19.87 11.51
CA ALA C 280 5.98 -19.50 10.33
C ALA C 280 6.80 -18.65 9.37
N ARG C 281 7.55 -17.70 9.91
CA ARG C 281 8.48 -16.95 9.08
C ARG C 281 9.48 -17.89 8.43
N ALA C 282 9.96 -18.88 9.18
CA ALA C 282 10.90 -19.85 8.64
C ALA C 282 10.26 -20.64 7.50
N ASN C 283 9.00 -21.03 7.65
CA ASN C 283 8.29 -21.68 6.56
C ASN C 283 8.22 -20.77 5.34
N ASN C 284 7.83 -19.51 5.54
CA ASN C 284 7.80 -18.55 4.44
C ASN C 284 9.15 -18.54 3.72
N LEU C 285 10.24 -18.47 4.47
CA LEU C 285 11.56 -18.55 3.86
C LEU C 285 11.80 -19.90 3.20
N VAL C 286 11.03 -20.91 3.62
CA VAL C 286 11.25 -22.28 3.14
C VAL C 286 10.27 -22.64 2.03
N THR C 287 9.01 -22.25 2.16
CA THR C 287 8.00 -22.62 1.19
C THR C 287 8.50 -22.24 -0.22
N PRO C 288 8.86 -23.20 -1.05
CA PRO C 288 9.72 -22.88 -2.21
C PRO C 288 9.06 -21.92 -3.20
N PRO C 289 7.76 -22.10 -3.56
CA PRO C 289 7.09 -21.02 -4.29
C PRO C 289 5.68 -20.68 -3.80
N THR C 290 4.77 -21.65 -3.84
CA THR C 290 3.40 -21.48 -3.38
C THR C 290 2.59 -20.66 -4.37
N GLY C 291 3.21 -20.14 -5.41
CA GLY C 291 2.49 -19.35 -6.39
C GLY C 291 2.08 -18.00 -5.83
N ARG C 292 0.78 -17.83 -5.60
CA ARG C 292 0.27 -16.57 -5.10
C ARG C 292 0.80 -16.28 -3.70
N THR C 293 1.09 -15.00 -3.45
CA THR C 293 1.61 -14.55 -2.17
C THR C 293 0.50 -13.84 -1.40
N LEU C 294 0.24 -14.30 -0.18
CA LEU C 294 -0.75 -13.65 0.68
C LEU C 294 -0.36 -12.22 0.97
N SER C 295 -1.28 -11.47 1.57
CA SER C 295 -0.98 -10.12 2.02
C SER C 295 0.18 -10.14 2.99
N GLY C 296 1.13 -9.22 2.80
CA GLY C 296 2.27 -9.08 3.67
C GLY C 296 3.45 -9.97 3.33
N GLY C 297 3.46 -10.57 2.15
CA GLY C 297 4.55 -11.43 1.73
C GLY C 297 4.39 -12.88 2.09
N LEU C 298 3.22 -13.29 2.59
CA LEU C 298 3.00 -14.65 3.05
C LEU C 298 2.73 -15.60 1.89
N ASP C 299 3.15 -16.85 2.07
CA ASP C 299 2.83 -17.91 1.12
C ASP C 299 1.54 -18.61 1.56
N SER C 300 0.66 -18.84 0.59
CA SER C 300 -0.69 -19.31 0.93
C SER C 300 -0.64 -20.64 1.67
N ALA C 301 0.04 -21.63 1.10
CA ALA C 301 0.13 -22.96 1.69
C ALA C 301 1.30 -23.11 2.65
N ALA C 302 2.14 -22.08 2.77
CA ALA C 302 3.22 -22.14 3.75
C ALA C 302 2.67 -22.41 5.14
N LEU C 303 1.46 -21.93 5.43
CA LEU C 303 0.82 -22.19 6.71
C LEU C 303 0.10 -23.51 6.76
N TYR C 304 0.11 -24.29 5.67
CA TYR C 304 -0.59 -25.57 5.67
C TYR C 304 0.10 -26.58 6.59
N PHE C 305 1.42 -26.69 6.49
CA PHE C 305 2.13 -27.62 7.35
C PHE C 305 2.09 -27.24 8.81
N PRO C 306 2.35 -25.98 9.20
CA PRO C 306 2.09 -25.60 10.59
C PRO C 306 0.64 -25.76 10.99
N LYS C 307 -0.29 -25.57 10.06
CA LYS C 307 -1.70 -25.79 10.35
C LYS C 307 -1.94 -27.22 10.78
N ARG C 308 -1.46 -28.18 9.99
CA ARG C 308 -1.61 -29.58 10.36
C ARG C 308 -0.87 -29.87 11.66
N PHE C 309 0.32 -29.30 11.81
CA PHE C 309 1.10 -29.48 13.03
C PHE C 309 0.27 -29.11 14.25
N LEU C 310 -0.34 -27.94 14.24
CA LEU C 310 -1.11 -27.48 15.39
C LEU C 310 -2.43 -28.24 15.50
N GLY C 311 -3.06 -28.54 14.39
CA GLY C 311 -4.29 -29.31 14.41
C GLY C 311 -4.11 -30.73 14.88
N ALA C 312 -2.88 -31.22 14.93
CA ALA C 312 -2.64 -32.52 15.54
C ALA C 312 -3.17 -32.54 16.97
N ALA C 313 -2.99 -31.45 17.71
CA ALA C 313 -3.48 -31.37 19.07
C ALA C 313 -4.97 -31.63 19.13
N ARG C 314 -5.37 -32.63 19.92
CA ARG C 314 -6.76 -33.07 19.96
C ARG C 314 -6.97 -33.92 21.20
N ASN C 315 -8.23 -34.07 21.58
CA ASN C 315 -8.63 -35.01 22.62
C ASN C 315 -9.26 -36.23 21.96
N ILE C 316 -8.86 -37.42 22.43
CA ILE C 316 -9.31 -38.68 21.87
C ILE C 316 -10.22 -39.35 22.89
N ARG C 317 -11.34 -39.89 22.42
CA ARG C 317 -12.36 -40.48 23.29
C ARG C 317 -11.97 -41.85 23.80
N GLY C 318 -10.89 -42.44 23.31
CA GLY C 318 -10.52 -43.79 23.69
C GLY C 318 -9.30 -43.83 24.59
N GLY C 319 -8.83 -42.66 25.00
CA GLY C 319 -7.62 -42.57 25.80
C GLY C 319 -6.52 -41.86 25.05
N GLY C 320 -5.57 -41.27 25.76
CA GLY C 320 -4.50 -40.52 25.15
C GLY C 320 -4.98 -39.17 24.65
N SER C 321 -4.01 -38.29 24.42
CA SER C 321 -4.31 -36.95 23.92
C SER C 321 -3.00 -36.28 23.55
N LEU C 322 -3.12 -35.21 22.79
CA LEU C 322 -1.97 -34.42 22.35
C LEU C 322 -2.29 -32.95 22.54
N THR C 323 -1.50 -32.27 23.38
CA THR C 323 -1.70 -30.87 23.68
C THR C 323 -0.46 -30.08 23.27
N ILE C 324 -0.64 -29.12 22.38
CA ILE C 324 0.44 -28.26 21.92
C ILE C 324 0.16 -26.85 22.42
N LEU C 325 1.12 -26.29 23.14
CA LEU C 325 1.12 -24.86 23.46
C LEU C 325 2.33 -24.25 22.80
N ALA C 326 2.12 -23.22 21.98
CA ALA C 326 3.20 -22.65 21.20
C ALA C 326 3.14 -21.13 21.25
N THR C 327 4.30 -20.51 21.03
CA THR C 327 4.45 -19.06 21.20
C THR C 327 4.38 -18.37 19.84
N ALA C 328 3.43 -17.44 19.71
CA ALA C 328 3.19 -16.72 18.46
C ALA C 328 3.49 -15.24 18.63
N LEU C 329 3.93 -14.60 17.55
CA LEU C 329 4.29 -13.19 17.53
C LEU C 329 3.26 -12.38 16.76
N VAL C 330 2.87 -11.23 17.31
CA VAL C 330 1.97 -10.30 16.65
C VAL C 330 2.49 -8.88 16.89
N GLU C 331 1.89 -7.93 16.19
CA GLU C 331 2.24 -6.52 16.35
C GLU C 331 3.74 -6.30 16.09
N THR C 332 4.27 -7.00 15.09
CA THR C 332 5.66 -6.90 14.73
C THR C 332 5.92 -5.87 13.64
N GLY C 333 4.91 -5.10 13.25
CA GLY C 333 5.08 -4.09 12.24
C GLY C 333 5.05 -4.58 10.82
N SER C 334 4.89 -5.89 10.62
CA SER C 334 4.78 -6.48 9.29
C SER C 334 3.49 -7.27 9.20
N ARG C 335 2.76 -7.10 8.10
CA ARG C 335 1.49 -7.79 7.94
C ARG C 335 1.67 -9.31 7.99
N MET C 336 2.88 -9.79 7.71
CA MET C 336 3.13 -11.24 7.72
C MET C 336 2.68 -11.85 9.04
N ASP C 337 3.13 -11.27 10.15
CA ASP C 337 2.90 -11.88 11.45
C ASP C 337 1.43 -11.74 11.87
N ASP C 338 0.80 -10.61 11.57
CA ASP C 338 -0.62 -10.46 11.89
C ASP C 338 -1.45 -11.49 11.13
N VAL C 339 -1.15 -11.67 9.84
CA VAL C 339 -1.90 -12.64 9.04
C VAL C 339 -1.65 -14.06 9.56
N ILE C 340 -0.40 -14.36 9.93
CA ILE C 340 -0.10 -15.69 10.45
C ILE C 340 -0.89 -15.93 11.73
N PHE C 341 -0.89 -14.96 12.64
CA PHE C 341 -1.62 -15.14 13.89
C PHE C 341 -3.09 -15.37 13.63
N GLU C 342 -3.67 -14.58 12.73
CA GLU C 342 -5.09 -14.77 12.43
C GLU C 342 -5.34 -16.15 11.84
N GLU C 343 -4.45 -16.60 10.96
CA GLU C 343 -4.63 -17.92 10.35
C GLU C 343 -4.57 -19.03 11.38
N PHE C 344 -3.67 -18.93 12.34
CA PHE C 344 -3.59 -19.91 13.42
C PHE C 344 -4.76 -19.81 14.38
N LYS C 345 -5.29 -18.61 14.59
CA LYS C 345 -6.31 -18.42 15.62
C LYS C 345 -7.54 -19.27 15.32
N GLY C 346 -7.83 -19.52 14.04
CA GLY C 346 -8.97 -20.34 13.68
C GLY C 346 -8.77 -21.82 13.88
N THR C 347 -7.53 -22.27 14.11
CA THR C 347 -7.23 -23.68 14.24
C THR C 347 -7.03 -24.12 15.69
N GLY C 348 -6.57 -23.22 16.56
CA GLY C 348 -6.45 -23.56 17.96
C GLY C 348 -7.76 -23.39 18.70
N ASN C 349 -7.92 -24.19 19.75
CA ASN C 349 -9.14 -24.19 20.54
C ASN C 349 -9.06 -23.27 21.74
N MET C 350 -7.93 -22.62 21.95
CA MET C 350 -7.78 -21.64 23.01
C MET C 350 -6.58 -20.76 22.67
N GLU C 351 -6.78 -19.45 22.72
CA GLU C 351 -5.71 -18.52 22.42
C GLU C 351 -5.55 -17.56 23.58
N LEU C 352 -4.29 -17.27 23.91
CA LEU C 352 -3.94 -16.48 25.07
C LEU C 352 -3.22 -15.22 24.60
N HIS C 353 -3.95 -14.13 24.51
CA HIS C 353 -3.36 -12.85 24.18
C HIS C 353 -2.52 -12.38 25.35
N LEU C 354 -1.40 -11.74 25.06
CA LEU C 354 -0.65 -11.04 26.08
C LEU C 354 -0.52 -9.58 25.65
N SER C 355 -1.15 -8.69 26.42
CA SER C 355 -1.18 -7.28 26.06
C SER C 355 0.19 -6.66 26.33
N ARG C 356 0.71 -5.97 25.31
CA ARG C 356 2.05 -5.40 25.44
C ARG C 356 2.12 -4.42 26.60
N ARG C 357 1.05 -3.65 26.82
CA ARG C 357 1.06 -2.67 27.90
C ARG C 357 1.11 -3.32 29.28
N LEU C 358 0.40 -4.43 29.48
CA LEU C 358 0.47 -5.12 30.76
C LEU C 358 1.86 -5.63 31.05
N GLU C 359 2.54 -6.17 30.02
CA GLU C 359 3.93 -6.56 30.20
C GLU C 359 4.80 -5.36 30.50
N GLU C 360 4.56 -4.24 29.82
CA GLU C 360 5.31 -3.03 30.10
C GLU C 360 5.21 -2.64 31.57
N ARG C 361 4.09 -2.97 32.22
CA ARG C 361 3.95 -2.82 33.65
C ARG C 361 4.53 -4.00 34.42
N ARG C 362 5.00 -5.02 33.70
CA ARG C 362 5.72 -6.13 34.31
C ARG C 362 4.81 -6.94 35.24
N ILE C 363 3.58 -7.18 34.80
CA ILE C 363 2.65 -8.03 35.52
C ILE C 363 2.66 -9.39 34.84
N PHE C 364 2.97 -10.44 35.59
CA PHE C 364 3.04 -11.76 35.03
C PHE C 364 1.97 -12.66 35.62
N PRO C 365 1.12 -13.30 34.79
CA PRO C 365 1.05 -13.15 33.33
C PRO C 365 0.37 -11.85 32.91
N ALA C 366 0.91 -11.18 31.89
CA ALA C 366 0.36 -9.94 31.36
C ALA C 366 -0.76 -10.17 30.34
N ILE C 367 -1.81 -10.89 30.73
CA ILE C 367 -2.80 -11.34 29.77
C ILE C 367 -3.78 -10.23 29.46
N ASP C 368 -4.07 -10.02 28.17
CA ASP C 368 -5.19 -9.20 27.75
C ASP C 368 -6.45 -10.00 28.02
N ILE C 369 -7.02 -9.80 29.21
CA ILE C 369 -8.06 -10.69 29.70
C ILE C 369 -9.29 -10.65 28.79
N LEU C 370 -9.72 -9.46 28.39
CA LEU C 370 -10.90 -9.35 27.55
C LEU C 370 -10.68 -10.05 26.21
N LYS C 371 -9.54 -9.81 25.57
CA LYS C 371 -9.25 -10.45 24.29
C LYS C 371 -8.93 -11.92 24.44
N SER C 372 -8.39 -12.33 25.59
CA SER C 372 -8.05 -13.73 25.81
C SER C 372 -9.29 -14.52 26.20
N GLY C 373 -9.22 -15.82 25.98
CA GLY C 373 -10.35 -16.69 26.26
C GLY C 373 -10.14 -18.05 25.63
N THR C 374 -10.96 -18.99 26.09
CA THR C 374 -10.88 -20.37 25.63
C THR C 374 -12.22 -20.80 25.05
N ARG C 375 -12.19 -21.93 24.35
CA ARG C 375 -13.38 -22.52 23.76
C ARG C 375 -13.82 -23.72 24.59
N ARG C 376 -15.12 -23.77 24.91
CA ARG C 376 -15.70 -24.92 25.59
C ARG C 376 -15.12 -25.11 26.99
N GLU C 377 -15.17 -24.04 27.80
CA GLU C 377 -14.75 -24.15 29.19
C GLU C 377 -15.65 -25.12 29.96
N GLU C 378 -16.96 -25.03 29.73
CA GLU C 378 -17.90 -25.88 30.45
C GLU C 378 -17.58 -27.35 30.28
N LEU C 379 -17.05 -27.74 29.12
CA LEU C 379 -16.61 -29.12 28.95
C LEU C 379 -15.41 -29.42 29.83
N LEU C 380 -14.61 -28.41 30.16
CA LEU C 380 -13.58 -28.51 31.17
C LEU C 380 -14.04 -28.05 32.54
N LEU C 381 -15.07 -27.21 32.61
CA LEU C 381 -15.47 -26.55 33.85
C LEU C 381 -16.90 -26.94 34.20
N GLY C 382 -17.10 -27.35 35.44
CA GLY C 382 -18.40 -27.82 35.87
C GLY C 382 -19.47 -26.75 35.75
N GLU C 383 -20.70 -27.13 36.09
CA GLU C 383 -21.78 -26.16 36.17
C GLU C 383 -21.43 -25.04 37.14
N GLU C 384 -20.99 -25.40 38.35
CA GLU C 384 -20.63 -24.39 39.34
C GLU C 384 -19.53 -23.47 38.84
N VAL C 385 -18.45 -24.04 38.32
CA VAL C 385 -17.37 -23.21 37.79
C VAL C 385 -17.85 -22.41 36.58
N THR C 386 -18.64 -23.05 35.71
CA THR C 386 -19.18 -22.34 34.56
C THR C 386 -19.91 -21.08 35.01
N HIS C 387 -20.76 -21.21 36.03
CA HIS C 387 -21.56 -20.07 36.46
C HIS C 387 -20.69 -19.04 37.18
N LYS C 388 -19.73 -19.48 38.00
CA LYS C 388 -18.90 -18.53 38.72
C LYS C 388 -18.01 -17.75 37.76
N MET C 389 -17.55 -18.40 36.69
CA MET C 389 -16.75 -17.70 35.70
C MET C 389 -17.62 -16.81 34.82
N TRP C 390 -18.88 -17.19 34.63
CA TRP C 390 -19.81 -16.29 33.97
C TRP C 390 -20.02 -15.03 34.79
N LEU C 391 -20.17 -15.19 36.11
CA LEU C 391 -20.24 -14.02 36.99
C LEU C 391 -18.96 -13.20 36.89
N LEU C 392 -17.81 -13.87 36.86
CA LEU C 392 -16.53 -13.17 36.73
C LEU C 392 -16.46 -12.39 35.42
N ARG C 393 -17.01 -12.94 34.34
CA ARG C 393 -17.01 -12.21 33.07
C ARG C 393 -18.00 -11.04 33.12
N LYS C 394 -19.07 -11.18 33.90
CA LYS C 394 -19.99 -10.07 34.09
C LYS C 394 -19.30 -8.93 34.82
N VAL C 395 -18.57 -9.25 35.89
CA VAL C 395 -18.03 -8.21 36.76
C VAL C 395 -16.73 -7.65 36.20
N LEU C 396 -15.76 -8.51 35.95
CA LEU C 396 -14.40 -8.10 35.67
C LEU C 396 -14.25 -7.34 34.36
N ALA C 397 -15.26 -7.36 33.50
CA ALA C 397 -15.21 -6.56 32.27
C ALA C 397 -14.94 -5.10 32.59
N ASP C 398 -15.46 -4.63 33.72
CA ASP C 398 -15.37 -3.22 34.08
C ASP C 398 -14.00 -2.84 34.64
N MET C 399 -13.31 -3.76 35.31
CA MET C 399 -12.00 -3.46 35.85
C MET C 399 -10.99 -3.31 34.70
N ASP C 400 -10.25 -2.20 34.75
CA ASP C 400 -9.31 -1.89 33.67
C ASP C 400 -8.10 -2.83 33.75
N PRO C 401 -7.56 -3.24 32.59
CA PRO C 401 -6.52 -4.29 32.58
C PRO C 401 -5.43 -4.10 33.62
N ALA C 402 -4.84 -2.91 33.70
CA ALA C 402 -3.72 -2.71 34.61
C ALA C 402 -4.19 -2.74 36.07
N GLU C 403 -5.15 -1.88 36.41
CA GLU C 403 -5.68 -1.89 37.77
C GLU C 403 -6.40 -3.20 38.06
N ALA C 404 -7.05 -3.79 37.05
CA ALA C 404 -7.68 -5.08 37.25
C ALA C 404 -6.63 -6.13 37.64
N MET C 405 -5.48 -6.11 36.97
CA MET C 405 -4.45 -7.10 37.26
C MET C 405 -3.82 -6.87 38.62
N GLU C 406 -3.57 -5.60 38.98
CA GLU C 406 -3.02 -5.33 40.30
C GLU C 406 -4.00 -5.74 41.39
N MET C 407 -5.28 -5.41 41.22
CA MET C 407 -6.32 -5.83 42.15
C MET C 407 -6.35 -7.35 42.27
N LEU C 408 -6.27 -8.04 41.14
CA LEU C 408 -6.27 -9.50 41.15
C LEU C 408 -5.06 -10.03 41.90
N LEU C 409 -3.89 -9.44 41.67
CA LEU C 409 -2.68 -9.84 42.37
C LEU C 409 -2.87 -9.68 43.87
N ALA C 410 -3.63 -8.67 44.28
CA ALA C 410 -3.90 -8.50 45.70
C ALA C 410 -4.89 -9.54 46.21
N ARG C 411 -5.90 -9.86 45.41
CA ARG C 411 -7.00 -10.70 45.90
C ARG C 411 -6.65 -12.17 45.83
N LEU C 412 -6.39 -12.68 44.63
CA LEU C 412 -6.16 -14.11 44.45
C LEU C 412 -4.89 -14.60 45.13
N ALA C 413 -3.97 -13.69 45.47
CA ALA C 413 -2.82 -14.08 46.28
C ALA C 413 -3.27 -14.49 47.68
N ARG C 414 -4.49 -14.15 48.05
CA ARG C 414 -4.98 -14.53 49.38
C ARG C 414 -5.01 -16.05 49.55
N THR C 415 -5.46 -16.77 48.53
CA THR C 415 -5.79 -18.18 48.70
C THR C 415 -5.55 -18.94 47.40
N LYS C 416 -5.49 -20.26 47.52
CA LYS C 416 -5.41 -21.13 46.36
C LYS C 416 -6.67 -21.00 45.52
N ASN C 417 -6.57 -21.40 44.25
CA ASN C 417 -7.71 -21.39 43.33
C ASN C 417 -8.95 -21.99 43.98
N ASN C 418 -8.88 -23.28 44.31
CA ASN C 418 -10.05 -23.93 44.89
C ASN C 418 -10.36 -23.37 46.28
N LYS C 419 -9.32 -23.08 47.06
CA LYS C 419 -9.55 -22.43 48.35
C LYS C 419 -10.19 -21.06 48.18
N GLU C 420 -9.82 -20.34 47.12
CA GLU C 420 -10.53 -19.11 46.80
C GLU C 420 -11.99 -19.38 46.48
N PHE C 421 -12.26 -20.45 45.71
CA PHE C 421 -13.63 -20.86 45.47
C PHE C 421 -14.30 -21.32 46.77
N LEU C 422 -13.58 -22.07 47.59
CA LEU C 422 -14.10 -22.53 48.88
C LEU C 422 -14.33 -21.36 49.82
N ARG D 62 60.29 -17.37 12.09
CA ARG D 62 59.92 -16.37 11.09
C ARG D 62 58.42 -16.08 11.18
N LEU D 63 58.07 -14.81 11.42
CA LEU D 63 56.69 -14.42 11.67
C LEU D 63 56.34 -13.08 11.00
N VAL D 64 55.24 -13.09 10.24
CA VAL D 64 54.39 -11.91 10.09
C VAL D 64 53.19 -12.17 10.99
N LYS D 65 52.43 -11.11 11.24
CA LYS D 65 51.17 -11.24 11.95
C LYS D 65 50.09 -10.69 11.04
N GLY D 66 48.97 -11.40 10.97
CA GLY D 66 47.94 -11.02 10.03
C GLY D 66 46.68 -11.82 10.19
N TYR D 67 45.76 -11.59 9.25
CA TYR D 67 44.45 -12.21 9.24
C TYR D 67 44.34 -13.13 8.03
N LEU D 68 44.37 -14.43 8.27
CA LEU D 68 44.27 -15.39 7.18
C LEU D 68 42.87 -15.37 6.57
N GLU D 69 42.82 -15.34 5.24
CA GLU D 69 41.60 -15.57 4.48
C GLU D 69 41.88 -16.71 3.52
N ILE D 70 41.34 -17.88 3.82
CA ILE D 70 41.69 -19.10 3.08
C ILE D 70 40.90 -19.13 1.78
N SER D 71 41.61 -19.29 0.66
CA SER D 71 40.98 -19.49 -0.64
C SER D 71 40.60 -20.96 -0.80
N GLN D 72 39.85 -21.25 -1.86
CA GLN D 72 39.35 -22.62 -2.05
C GLN D 72 40.47 -23.63 -2.21
N ASP D 73 41.58 -23.23 -2.85
CA ASP D 73 42.65 -24.15 -3.19
C ASP D 73 43.63 -24.40 -2.06
N GLY D 74 43.26 -24.08 -0.83
CA GLY D 74 44.10 -24.39 0.32
C GLY D 74 45.09 -23.32 0.68
N TYR D 75 45.37 -22.38 -0.21
CA TYR D 75 46.22 -21.23 0.09
C TYR D 75 45.34 -20.00 0.28
N GLY D 76 45.83 -19.06 1.08
CA GLY D 76 45.04 -17.91 1.45
C GLY D 76 45.82 -16.62 1.32
N PHE D 77 45.21 -15.54 1.79
CA PHE D 77 45.76 -14.21 1.69
C PHE D 77 45.76 -13.53 3.06
N LEU D 78 46.70 -12.61 3.22
CA LEU D 78 46.86 -11.85 4.46
C LEU D 78 46.77 -10.36 4.14
N THR D 79 46.17 -9.60 5.05
CA THR D 79 46.05 -8.16 4.90
C THR D 79 46.90 -7.44 5.94
N GLU D 80 47.00 -6.12 5.79
CA GLU D 80 47.89 -5.29 6.61
C GLU D 80 47.08 -4.45 7.58
N ASN D 81 47.78 -3.62 8.36
CA ASN D 81 47.18 -2.90 9.48
C ASN D 81 46.12 -1.91 9.06
N LEU D 82 46.10 -1.46 7.80
CA LEU D 82 45.12 -0.46 7.41
C LEU D 82 43.69 -0.98 7.50
N HIS D 83 43.52 -2.29 7.72
CA HIS D 83 42.20 -2.90 7.83
C HIS D 83 41.37 -2.61 6.59
N ASN D 84 42.07 -2.53 5.46
CA ASN D 84 41.44 -2.47 4.14
C ASN D 84 42.46 -3.05 3.16
N LEU D 85 41.94 -3.72 2.13
CA LEU D 85 42.82 -4.43 1.21
C LEU D 85 43.86 -3.47 0.64
N GLU D 86 45.13 -3.86 0.72
CA GLU D 86 46.24 -3.05 0.25
C GLU D 86 47.18 -3.92 -0.58
N SER D 87 48.08 -3.26 -1.31
CA SER D 87 49.04 -3.96 -2.15
C SER D 87 50.01 -4.83 -1.36
N ARG D 88 49.93 -4.84 -0.03
CA ARG D 88 50.84 -5.61 0.79
C ARG D 88 50.31 -7.00 1.14
N VAL D 89 49.40 -7.54 0.32
CA VAL D 89 48.86 -8.87 0.59
C VAL D 89 49.97 -9.91 0.46
N ALA D 90 49.84 -10.99 1.22
CA ALA D 90 50.81 -12.09 1.23
C ALA D 90 50.08 -13.41 1.13
N ILE D 91 50.68 -14.37 0.43
CA ILE D 91 50.03 -15.67 0.24
C ILE D 91 50.44 -16.62 1.35
N VAL D 92 49.57 -17.57 1.66
CA VAL D 92 49.76 -18.54 2.74
C VAL D 92 49.54 -19.93 2.17
N SER D 93 50.53 -20.81 2.33
CA SER D 93 50.43 -22.18 1.81
C SER D 93 49.50 -23.02 2.66
N ALA D 94 48.96 -24.08 2.04
CA ALA D 94 48.07 -25.00 2.75
C ALA D 94 48.85 -25.92 3.67
N GLY D 95 50.06 -26.33 3.28
CA GLY D 95 50.75 -27.38 4.01
C GLY D 95 50.95 -27.07 5.48
N LEU D 96 51.39 -25.85 5.78
CA LEU D 96 51.62 -25.50 7.18
C LEU D 96 50.31 -25.43 7.95
N ILE D 97 49.25 -24.93 7.32
CA ILE D 97 47.96 -24.85 7.99
C ILE D 97 47.47 -26.26 8.34
N LYS D 98 47.64 -27.20 7.42
CA LYS D 98 47.34 -28.60 7.72
C LYS D 98 48.22 -29.11 8.85
N GLN D 99 49.51 -28.76 8.82
CA GLN D 99 50.43 -29.19 9.87
C GLN D 99 49.93 -28.76 11.24
N TYR D 100 49.43 -27.53 11.34
CA TYR D 100 48.93 -27.00 12.59
C TYR D 100 47.41 -27.04 12.68
N ALA D 101 46.72 -27.30 11.56
CA ALA D 101 45.30 -27.62 11.58
C ALA D 101 44.51 -26.56 12.35
N LEU D 102 44.67 -25.30 11.98
CA LEU D 102 43.95 -24.22 12.64
C LEU D 102 42.57 -24.04 12.03
N ARG D 103 41.82 -23.10 12.58
CA ARG D 103 40.43 -22.89 12.22
C ARG D 103 40.30 -21.56 11.50
N ALA D 104 39.29 -21.47 10.65
CA ALA D 104 39.12 -20.29 9.79
C ALA D 104 38.94 -19.04 10.64
N GLY D 105 39.69 -17.99 10.30
CA GLY D 105 39.63 -16.74 11.01
C GLY D 105 40.66 -16.57 12.11
N ASP D 106 41.47 -17.59 12.36
CA ASP D 106 42.48 -17.49 13.42
C ASP D 106 43.51 -16.43 13.08
N TYR D 107 43.80 -15.57 14.06
CA TYR D 107 44.86 -14.58 13.95
C TYR D 107 46.17 -15.32 13.68
N VAL D 108 46.73 -15.13 12.50
CA VAL D 108 47.83 -15.96 12.01
C VAL D 108 49.16 -15.30 12.33
N VAL D 109 50.11 -16.11 12.76
CA VAL D 109 51.47 -15.70 13.05
C VAL D 109 52.40 -16.70 12.38
N GLY D 110 53.38 -16.21 11.65
CA GLY D 110 54.21 -17.07 10.83
C GLY D 110 54.57 -16.33 9.56
N GLN D 111 55.69 -16.72 8.97
CA GLN D 111 56.19 -15.97 7.81
C GLN D 111 56.33 -16.86 6.58
N ALA D 112 56.92 -16.28 5.53
CA ALA D 112 56.94 -16.86 4.20
C ALA D 112 58.33 -16.68 3.60
N ARG D 113 58.44 -16.95 2.31
CA ARG D 113 59.64 -16.65 1.56
C ARG D 113 59.34 -15.64 0.45
N PRO D 114 60.31 -14.80 0.10
CA PRO D 114 60.06 -13.78 -0.93
C PRO D 114 59.57 -14.41 -2.21
N PRO D 115 58.88 -13.65 -3.06
CA PRO D 115 58.38 -14.23 -4.32
C PRO D 115 59.51 -14.86 -5.10
N ARG D 116 59.35 -16.14 -5.44
CA ARG D 116 60.37 -16.82 -6.22
C ARG D 116 60.26 -16.42 -7.69
N GLU D 117 61.32 -16.69 -8.43
CA GLU D 117 61.26 -16.54 -9.88
C GLU D 117 60.15 -17.43 -10.42
N ASN D 118 59.33 -16.86 -11.32
CA ASN D 118 58.08 -17.41 -11.81
C ASN D 118 56.95 -17.18 -10.81
N GLU D 119 57.23 -16.57 -9.66
CA GLU D 119 56.20 -16.25 -8.67
C GLU D 119 56.08 -14.75 -8.52
N ARG D 120 54.85 -14.24 -8.55
CA ARG D 120 54.59 -12.81 -8.52
C ARG D 120 54.39 -12.27 -7.11
N TYR D 121 54.05 -13.12 -6.15
CA TYR D 121 53.82 -12.70 -4.77
C TYR D 121 54.58 -13.61 -3.82
N ALA D 122 54.70 -13.16 -2.57
CA ALA D 122 55.38 -13.94 -1.55
C ALA D 122 54.68 -15.27 -1.34
N THR D 123 55.47 -16.32 -1.12
CA THR D 123 54.97 -17.67 -0.94
C THR D 123 55.52 -18.25 0.36
N LEU D 124 54.73 -19.09 0.99
CA LEU D 124 54.98 -19.50 2.38
C LEU D 124 56.04 -20.59 2.43
N LEU D 125 57.10 -20.35 3.21
CA LEU D 125 58.15 -21.35 3.38
C LEU D 125 57.94 -22.18 4.64
N LYS D 126 57.94 -21.52 5.81
CA LYS D 126 57.85 -22.24 7.08
C LYS D 126 57.26 -21.33 8.14
N VAL D 127 56.40 -21.90 8.98
CA VAL D 127 55.84 -21.20 10.13
C VAL D 127 56.63 -21.58 11.37
N GLU D 128 56.78 -20.65 12.31
CA GLU D 128 57.53 -20.88 13.53
C GLU D 128 56.67 -20.79 14.78
N ALA D 129 55.86 -19.73 14.92
CA ALA D 129 54.94 -19.58 16.03
C ALA D 129 53.61 -19.07 15.49
N VAL D 130 52.51 -19.60 16.00
CA VAL D 130 51.18 -19.35 15.49
C VAL D 130 50.29 -18.83 16.61
N ASN D 131 49.54 -17.76 16.32
CA ASN D 131 48.56 -17.19 17.24
C ASN D 131 49.19 -16.86 18.60
N ASN D 132 50.44 -16.45 18.61
CA ASN D 132 51.17 -16.11 19.83
C ASN D 132 51.38 -17.31 20.73
N LEU D 133 51.02 -18.52 20.28
CA LEU D 133 51.12 -19.71 21.10
C LEU D 133 51.84 -20.79 20.30
N ASP D 134 52.26 -21.84 21.00
CA ASP D 134 52.92 -22.94 20.32
C ASP D 134 51.96 -23.56 19.30
N PRO D 135 52.39 -23.72 18.04
CA PRO D 135 51.47 -24.27 17.03
C PRO D 135 50.94 -25.64 17.38
N GLU D 136 51.73 -26.51 18.00
CA GLU D 136 51.24 -27.84 18.34
C GLU D 136 50.00 -27.76 19.23
N ALA D 137 50.02 -26.85 20.20
CA ALA D 137 48.85 -26.70 21.06
C ALA D 137 47.62 -26.28 20.29
N ALA D 138 47.80 -25.54 19.19
CA ALA D 138 46.65 -25.15 18.37
C ALA D 138 45.96 -26.37 17.78
N LYS D 139 46.67 -27.50 17.72
CA LYS D 139 46.10 -28.70 17.08
C LYS D 139 44.85 -29.18 17.81
N ASN D 140 44.82 -29.03 19.13
CA ASN D 140 43.72 -29.53 19.97
C ASN D 140 43.13 -28.37 20.76
N ARG D 141 41.87 -28.03 20.46
CA ARG D 141 41.15 -27.00 21.19
C ARG D 141 39.67 -27.15 20.89
N PRO D 142 38.79 -26.61 21.75
CA PRO D 142 37.36 -26.60 21.42
C PRO D 142 37.08 -25.66 20.27
N ARG D 143 36.07 -26.01 19.47
CA ARG D 143 35.63 -25.13 18.40
C ARG D 143 34.68 -24.07 18.93
N PHE D 144 34.80 -22.86 18.36
CA PHE D 144 34.01 -21.74 18.86
C PHE D 144 32.52 -22.03 18.83
N ASP D 145 32.01 -22.55 17.70
CA ASP D 145 30.58 -22.79 17.59
C ASP D 145 30.12 -23.89 18.53
N GLU D 146 31.03 -24.67 19.09
CA GLU D 146 30.69 -25.70 20.05
C GLU D 146 30.85 -25.25 21.49
N LEU D 147 31.35 -24.04 21.73
CA LEU D 147 31.45 -23.53 23.08
C LEU D 147 30.06 -23.44 23.70
N THR D 148 29.92 -23.91 24.93
CA THR D 148 28.65 -23.87 25.62
C THR D 148 28.27 -22.44 25.95
N PRO D 149 27.32 -21.83 25.24
CA PRO D 149 26.93 -20.46 25.59
C PRO D 149 26.18 -20.42 26.90
N GLN D 150 26.33 -19.30 27.59
CA GLN D 150 25.64 -19.03 28.84
C GLN D 150 25.12 -17.61 28.79
N PHE D 151 24.32 -17.26 29.77
CA PHE D 151 24.05 -15.86 30.01
C PHE D 151 25.27 -15.22 30.65
N PRO D 152 25.45 -13.91 30.48
CA PRO D 152 26.62 -13.24 31.07
C PRO D 152 26.66 -13.45 32.57
N ASP D 153 27.67 -14.19 33.03
CA ASP D 153 27.87 -14.47 34.43
C ASP D 153 29.11 -13.78 34.99
N ARG D 154 29.97 -13.24 34.12
CA ARG D 154 31.11 -12.45 34.54
C ARG D 154 30.83 -11.03 34.12
N GLN D 155 30.25 -10.25 35.03
CA GLN D 155 29.81 -8.91 34.74
C GLN D 155 31.00 -7.95 34.72
N ILE D 156 30.85 -6.88 33.96
CA ILE D 156 31.82 -5.80 33.92
C ILE D 156 31.25 -4.68 34.77
N ARG D 157 31.73 -4.56 36.01
CA ARG D 157 31.26 -3.49 36.87
C ARG D 157 31.54 -2.16 36.20
N LEU D 158 30.55 -1.27 36.24
CA LEU D 158 30.54 -0.07 35.42
C LEU D 158 30.75 1.15 36.31
N GLU D 159 31.89 1.83 36.12
CA GLU D 159 32.20 3.07 36.79
C GLU D 159 33.25 3.80 35.96
N THR D 160 32.87 4.97 35.44
CA THR D 160 33.71 5.68 34.48
C THR D 160 33.62 7.17 34.73
N THR D 161 34.78 7.84 34.72
CA THR D 161 34.84 9.24 35.15
C THR D 161 34.38 10.27 34.11
N PRO D 162 34.68 10.15 32.82
CA PRO D 162 34.56 11.30 31.92
C PRO D 162 33.20 11.97 31.92
N ASP D 163 32.13 11.19 32.04
CA ASP D 163 30.83 11.70 32.44
C ASP D 163 30.18 10.68 33.36
N GLU D 164 30.38 10.83 34.66
CA GLU D 164 29.82 9.89 35.61
C GLU D 164 28.30 9.89 35.61
N LEU D 165 27.65 10.95 35.13
CA LEU D 165 26.19 11.04 35.22
C LEU D 165 25.52 10.36 34.03
N SER D 166 25.88 10.75 32.81
CA SER D 166 25.35 10.07 31.64
C SER D 166 25.75 8.60 31.65
N THR D 167 27.00 8.33 32.05
CA THR D 167 27.42 6.94 32.20
C THR D 167 26.67 6.26 33.33
N ARG D 168 26.27 7.03 34.35
CA ARG D 168 25.38 6.48 35.37
C ARG D 168 24.08 6.02 34.73
N VAL D 169 23.51 6.87 33.87
CA VAL D 169 22.28 6.50 33.17
C VAL D 169 22.50 5.23 32.37
N ILE D 170 23.62 5.17 31.66
CA ILE D 170 23.91 4.00 30.83
C ILE D 170 23.98 2.75 31.69
N ASP D 171 24.76 2.80 32.77
CA ASP D 171 24.91 1.64 33.64
C ASP D 171 23.58 1.24 34.26
N LEU D 172 22.79 2.21 34.70
CA LEU D 172 21.58 1.94 35.47
C LEU D 172 20.40 1.57 34.60
N LEU D 173 20.47 1.81 33.29
CA LEU D 173 19.40 1.46 32.38
C LEU D 173 19.76 0.26 31.50
N ALA D 174 21.01 0.17 31.07
CA ALA D 174 21.47 -0.91 30.19
C ALA D 174 22.79 -1.45 30.72
N PRO D 175 22.74 -2.46 31.58
CA PRO D 175 23.99 -3.06 32.06
C PRO D 175 24.80 -3.64 30.91
N ILE D 176 26.12 -3.60 31.06
CA ILE D 176 27.06 -4.20 30.12
C ILE D 176 27.83 -5.29 30.84
N GLY D 177 27.78 -6.51 30.30
CA GLY D 177 28.56 -7.62 30.79
C GLY D 177 29.34 -8.26 29.66
N ARG D 178 30.26 -9.14 30.06
CA ARG D 178 31.12 -9.83 29.11
C ARG D 178 30.27 -10.80 28.30
N GLY D 179 30.30 -10.65 26.98
CA GLY D 179 29.47 -11.47 26.12
C GLY D 179 28.08 -10.92 25.85
N GLN D 180 27.82 -9.69 26.25
CA GLN D 180 26.52 -9.06 26.03
C GLN D 180 26.27 -8.91 24.53
N ARG D 181 25.14 -9.43 24.04
CA ARG D 181 24.72 -9.18 22.66
C ARG D 181 23.74 -8.01 22.69
N GLY D 182 24.30 -6.81 22.65
CA GLY D 182 23.52 -5.60 22.83
C GLY D 182 23.18 -4.91 21.52
N LEU D 183 22.20 -4.02 21.57
CA LEU D 183 21.81 -3.23 20.40
C LEU D 183 21.19 -1.93 20.87
N ILE D 184 21.52 -0.82 20.21
CA ILE D 184 20.95 0.48 20.52
C ILE D 184 20.25 1.01 19.26
N VAL D 185 19.03 1.49 19.44
CA VAL D 185 18.14 1.81 18.33
C VAL D 185 17.67 3.25 18.50
N ALA D 186 17.86 4.06 17.46
CA ALA D 186 17.45 5.45 17.47
C ALA D 186 17.24 5.91 16.03
N PRO D 187 16.43 6.94 15.81
CA PRO D 187 16.29 7.48 14.46
C PRO D 187 17.55 8.24 14.07
N PRO D 188 17.62 8.72 12.82
CA PRO D 188 18.81 9.47 12.41
C PRO D 188 19.01 10.71 13.25
N LYS D 189 20.27 11.01 13.56
CA LYS D 189 20.65 12.23 14.25
C LYS D 189 20.00 12.31 15.63
N ALA D 190 20.08 11.21 16.36
CA ALA D 190 19.47 11.13 17.68
C ALA D 190 20.46 10.69 18.75
N GLY D 191 21.75 10.94 18.55
CA GLY D 191 22.71 10.81 19.62
C GLY D 191 23.50 9.53 19.67
N LYS D 192 23.92 8.98 18.52
CA LYS D 192 24.47 7.62 18.51
C LYS D 192 25.99 7.62 18.59
N THR D 193 26.66 8.16 17.57
CA THR D 193 28.08 7.87 17.40
C THR D 193 28.90 8.36 18.58
N THR D 194 28.64 9.56 19.09
CA THR D 194 29.41 10.03 20.23
C THR D 194 29.10 9.21 21.47
N LEU D 195 27.89 8.67 21.55
CA LEU D 195 27.58 7.74 22.64
C LEU D 195 28.44 6.49 22.55
N LEU D 196 28.59 5.94 21.34
CA LEU D 196 29.51 4.83 21.15
C LEU D 196 30.92 5.23 21.52
N LYS D 197 31.32 6.45 21.17
CA LYS D 197 32.64 6.95 21.51
C LYS D 197 32.84 6.95 23.01
N LYS D 198 31.86 7.47 23.74
CA LYS D 198 31.96 7.53 25.20
C LYS D 198 32.07 6.14 25.78
N ILE D 199 31.27 5.20 25.26
CA ILE D 199 31.34 3.83 25.76
C ILE D 199 32.72 3.26 25.55
N ALA D 200 33.28 3.46 24.35
CA ALA D 200 34.61 2.93 24.06
C ALA D 200 35.65 3.54 24.99
N ASN D 201 35.58 4.86 25.19
CA ASN D 201 36.53 5.52 26.05
C ASN D 201 36.45 4.99 27.47
N ALA D 202 35.24 4.81 27.99
CA ALA D 202 35.09 4.28 29.33
C ALA D 202 35.67 2.88 29.44
N VAL D 203 35.36 2.03 28.46
CA VAL D 203 35.85 0.65 28.51
C VAL D 203 37.37 0.63 28.45
N LEU D 204 37.95 1.55 27.71
CA LEU D 204 39.41 1.60 27.62
C LEU D 204 40.07 2.06 28.91
N LYS D 205 39.29 2.32 29.97
CA LYS D 205 39.85 2.68 31.26
C LYS D 205 39.43 1.67 32.31
N ASN D 206 38.23 1.11 32.17
CA ASN D 206 37.70 0.19 33.17
C ASN D 206 38.34 -1.19 33.11
N GLU D 207 38.64 -1.69 31.92
CA GLU D 207 39.18 -3.04 31.73
C GLU D 207 40.30 -3.01 30.71
N PRO D 208 41.50 -2.58 31.12
CA PRO D 208 42.62 -2.54 30.17
C PRO D 208 42.97 -3.90 29.59
N ASP D 209 42.55 -5.00 30.24
CA ASP D 209 42.86 -6.32 29.74
C ASP D 209 42.03 -6.71 28.52
N ILE D 210 40.90 -6.05 28.30
CA ILE D 210 39.98 -6.44 27.24
C ILE D 210 40.46 -5.83 25.93
N LYS D 211 40.52 -6.65 24.88
CA LYS D 211 40.84 -6.18 23.55
C LYS D 211 39.59 -5.53 22.95
N VAL D 212 39.63 -4.20 22.78
CA VAL D 212 38.48 -3.43 22.37
C VAL D 212 38.68 -3.04 20.90
N ILE D 213 37.68 -3.32 20.07
CA ILE D 213 37.72 -3.03 18.65
C ILE D 213 36.49 -2.23 18.28
N VAL D 214 36.69 -1.19 17.47
CA VAL D 214 35.61 -0.33 17.01
C VAL D 214 35.53 -0.41 15.50
N LEU D 215 34.34 -0.66 14.98
CA LEU D 215 34.11 -0.82 13.55
C LEU D 215 33.08 0.22 13.11
N LEU D 216 33.40 0.94 12.03
CA LEU D 216 32.56 2.02 11.52
C LEU D 216 32.23 1.73 10.05
N ILE D 217 30.94 1.55 9.77
CA ILE D 217 30.46 1.25 8.43
C ILE D 217 29.65 2.42 7.93
N ASP D 218 29.87 2.82 6.67
CA ASP D 218 28.98 3.71 5.96
C ASP D 218 28.85 5.07 6.63
N GLU D 219 29.92 5.59 7.20
CA GLU D 219 29.87 6.83 7.98
C GLU D 219 30.72 7.92 7.35
N ARG D 220 30.63 9.09 7.96
CA ARG D 220 31.34 10.27 7.48
C ARG D 220 32.82 10.16 7.82
N PRO D 221 33.72 10.60 6.92
CA PRO D 221 35.15 10.49 7.23
C PRO D 221 35.57 11.27 8.46
N GLU D 222 35.01 12.46 8.69
CA GLU D 222 35.41 13.26 9.83
C GLU D 222 35.19 12.52 11.13
N GLU D 223 34.09 11.77 11.25
CA GLU D 223 33.90 10.94 12.43
C GLU D 223 35.03 9.93 12.55
N VAL D 224 35.46 9.35 11.43
CA VAL D 224 36.54 8.37 11.44
C VAL D 224 37.80 9.00 12.03
N THR D 225 38.18 10.17 11.52
CA THR D 225 39.39 10.81 12.03
C THR D 225 39.23 11.21 13.48
N ASP D 226 38.04 11.68 13.86
CA ASP D 226 37.80 12.06 15.24
C ASP D 226 38.04 10.88 16.17
N PHE D 227 37.52 9.71 15.80
CA PHE D 227 37.77 8.53 16.61
C PHE D 227 39.24 8.17 16.62
N ARG D 228 39.85 8.06 15.44
CA ARG D 228 41.22 7.60 15.36
C ARG D 228 42.14 8.45 16.22
N GLU D 229 41.87 9.76 16.28
CA GLU D 229 42.62 10.62 17.16
C GLU D 229 42.21 10.46 18.62
N SER D 230 40.92 10.24 18.87
CA SER D 230 40.39 10.28 20.22
C SER D 230 40.29 8.91 20.88
N VAL D 231 40.65 7.84 20.18
CA VAL D 231 40.53 6.50 20.75
C VAL D 231 41.73 6.13 21.61
N GLN D 232 42.84 6.86 21.51
CA GLN D 232 44.02 6.58 22.31
C GLN D 232 44.53 5.16 22.09
N GLY D 233 44.70 4.79 20.82
CA GLY D 233 45.44 3.61 20.45
C GLY D 233 44.65 2.33 20.32
N ALA D 234 43.38 2.32 20.73
CA ALA D 234 42.58 1.12 20.53
C ALA D 234 42.29 0.94 19.04
N GLU D 235 42.08 -0.32 18.64
CA GLU D 235 41.95 -0.64 17.22
C GLU D 235 40.68 0.01 16.68
N VAL D 236 40.85 1.05 15.90
CA VAL D 236 39.74 1.76 15.27
C VAL D 236 39.73 1.41 13.80
N ILE D 237 38.66 0.75 13.36
CA ILE D 237 38.47 0.35 11.97
C ILE D 237 37.29 1.12 11.42
N ALA D 238 37.43 1.67 10.22
CA ALA D 238 36.38 2.45 9.61
C ALA D 238 36.32 2.15 8.12
N SER D 239 35.12 2.35 7.56
CA SER D 239 34.91 2.25 6.12
C SER D 239 33.86 3.30 5.77
N THR D 240 34.32 4.46 5.32
CA THR D 240 33.43 5.59 5.08
C THR D 240 32.40 5.23 4.02
N PHE D 241 31.35 6.02 3.92
CA PHE D 241 30.36 5.75 2.88
C PHE D 241 30.93 5.98 1.49
N ASP D 242 32.12 6.60 1.39
CA ASP D 242 32.73 6.81 0.09
C ASP D 242 33.01 5.49 -0.62
N GLU D 243 33.23 4.42 0.15
CA GLU D 243 33.57 3.14 -0.46
C GLU D 243 32.30 2.45 -0.97
N PRO D 244 32.39 1.66 -2.03
CA PRO D 244 31.23 0.88 -2.48
C PRO D 244 30.86 -0.17 -1.44
N PRO D 245 29.62 -0.64 -1.46
CA PRO D 245 29.15 -1.52 -0.37
C PRO D 245 29.97 -2.79 -0.24
N GLN D 246 30.53 -3.29 -1.34
CA GLN D 246 31.37 -4.48 -1.25
C GLN D 246 32.50 -4.28 -0.26
N ASN D 247 33.07 -3.07 -0.21
CA ASN D 247 34.11 -2.78 0.77
C ASN D 247 33.55 -2.91 2.18
N HIS D 248 32.35 -2.38 2.41
CA HIS D 248 31.71 -2.55 3.72
C HIS D 248 31.62 -4.02 4.10
N ILE D 249 31.10 -4.84 3.20
CA ILE D 249 30.90 -6.25 3.51
C ILE D 249 32.24 -6.92 3.78
N ARG D 250 33.24 -6.64 2.94
CA ARG D 250 34.55 -7.24 3.13
C ARG D 250 35.09 -6.94 4.51
N VAL D 251 35.12 -5.66 4.88
CA VAL D 251 35.68 -5.27 6.17
C VAL D 251 34.87 -5.88 7.30
N ALA D 252 33.55 -5.85 7.18
CA ALA D 252 32.70 -6.34 8.25
C ALA D 252 32.95 -7.82 8.51
N GLU D 253 32.96 -8.64 7.46
CA GLU D 253 33.16 -10.07 7.65
C GLU D 253 34.58 -10.36 8.10
N PHE D 254 35.56 -9.59 7.61
CA PHE D 254 36.92 -9.76 8.11
C PHE D 254 36.97 -9.60 9.62
N VAL D 255 36.40 -8.50 10.12
CA VAL D 255 36.44 -8.24 11.55
C VAL D 255 35.62 -9.30 12.29
N HIS D 256 34.52 -9.74 11.69
CA HIS D 256 33.69 -10.76 12.32
C HIS D 256 34.52 -12.01 12.59
N GLU D 257 35.18 -12.54 11.56
CA GLU D 257 35.96 -13.76 11.74
C GLU D 257 37.13 -13.52 12.69
N ARG D 258 37.81 -12.38 12.56
CA ARG D 258 38.93 -12.10 13.44
C ARG D 258 38.50 -12.14 14.90
N ALA D 259 37.43 -11.41 15.23
CA ALA D 259 36.96 -11.39 16.61
C ALA D 259 36.51 -12.76 17.05
N LYS D 260 35.82 -13.49 16.18
CA LYS D 260 35.34 -14.82 16.56
C LYS D 260 36.50 -15.72 16.97
N ARG D 261 37.53 -15.79 16.15
CA ARG D 261 38.61 -16.72 16.46
C ARG D 261 39.51 -16.18 17.56
N ILE D 262 39.50 -14.86 17.78
CA ILE D 262 40.22 -14.32 18.92
C ILE D 262 39.54 -14.72 20.21
N VAL D 263 38.21 -14.61 20.25
CA VAL D 263 37.45 -15.04 21.43
C VAL D 263 37.58 -16.54 21.62
N GLU D 264 37.73 -17.29 20.52
CA GLU D 264 37.85 -18.74 20.64
C GLU D 264 39.00 -19.13 21.54
N GLU D 265 39.97 -18.23 21.72
CA GLU D 265 41.11 -18.47 22.60
C GLU D 265 40.79 -18.16 24.06
N GLY D 266 39.51 -18.08 24.41
CA GLY D 266 39.12 -17.80 25.79
C GLY D 266 39.27 -16.37 26.22
N GLY D 267 39.43 -15.44 25.27
CA GLY D 267 39.59 -14.05 25.60
C GLY D 267 38.28 -13.27 25.56
N HIS D 268 38.33 -12.07 26.12
CA HIS D 268 37.18 -11.16 26.16
C HIS D 268 37.35 -10.11 25.06
N VAL D 269 36.39 -10.06 24.15
CA VAL D 269 36.39 -9.12 23.03
C VAL D 269 35.11 -8.32 23.05
N MET D 270 35.22 -7.02 22.78
CA MET D 270 34.08 -6.14 22.65
C MET D 270 34.18 -5.39 21.33
N ILE D 271 33.13 -5.47 20.53
CA ILE D 271 33.05 -4.77 19.24
C ILE D 271 31.97 -3.71 19.33
N LEU D 272 32.35 -2.47 19.06
CA LEU D 272 31.43 -1.34 18.99
C LEU D 272 31.23 -0.99 17.53
N LEU D 273 30.05 -1.31 17.00
CA LEU D 273 29.76 -1.22 15.58
C LEU D 273 28.84 -0.03 15.31
N ASP D 274 29.41 1.04 14.80
CA ASP D 274 28.63 2.12 14.22
C ASP D 274 27.88 1.57 13.01
N SER D 275 26.65 2.05 12.81
CA SER D 275 25.96 1.80 11.55
C SER D 275 25.60 0.34 11.31
N ILE D 276 24.81 -0.27 12.22
CA ILE D 276 24.41 -1.66 11.98
C ILE D 276 23.15 -1.73 11.13
N THR D 277 22.17 -0.85 11.36
CA THR D 277 21.04 -0.81 10.44
C THR D 277 21.41 -0.11 9.15
N ARG D 278 22.32 0.87 9.24
CA ARG D 278 23.00 1.34 8.04
C ARG D 278 23.69 0.17 7.34
N LEU D 279 24.28 -0.73 8.11
CA LEU D 279 24.90 -1.92 7.52
C LEU D 279 23.84 -2.83 6.91
N ALA D 280 22.63 -2.84 7.47
CA ALA D 280 21.58 -3.69 6.93
C ALA D 280 21.09 -3.14 5.60
N ARG D 281 20.93 -1.81 5.53
CA ARG D 281 20.66 -1.17 4.25
C ARG D 281 21.79 -1.47 3.27
N ALA D 282 23.03 -1.48 3.75
CA ALA D 282 24.17 -1.80 2.90
C ALA D 282 24.09 -3.22 2.37
N ASN D 283 23.66 -4.16 3.22
CA ASN D 283 23.44 -5.53 2.76
C ASN D 283 22.38 -5.56 1.67
N ASN D 284 21.28 -4.86 1.90
CA ASN D 284 20.26 -4.73 0.88
C ASN D 284 20.86 -4.28 -0.44
N LEU D 285 21.72 -3.26 -0.39
CA LEU D 285 22.45 -2.88 -1.59
C LEU D 285 23.27 -4.04 -2.12
N VAL D 286 23.80 -4.86 -1.21
CA VAL D 286 24.57 -6.03 -1.59
C VAL D 286 23.65 -7.21 -1.86
N THR D 287 22.48 -7.21 -1.26
CA THR D 287 21.62 -8.39 -1.27
C THR D 287 21.33 -8.82 -2.71
N PRO D 288 21.90 -9.92 -3.18
CA PRO D 288 21.94 -10.15 -4.65
C PRO D 288 20.57 -10.51 -5.22
N PRO D 289 19.97 -11.72 -4.96
CA PRO D 289 18.50 -11.78 -5.03
C PRO D 289 17.82 -11.93 -3.67
N THR D 290 18.40 -12.79 -2.81
CA THR D 290 17.89 -13.12 -1.48
C THR D 290 16.47 -13.69 -1.48
N GLY D 291 15.82 -13.78 -2.63
CA GLY D 291 14.49 -14.36 -2.67
C GLY D 291 13.34 -13.37 -2.59
N ARG D 292 12.50 -13.50 -1.57
CA ARG D 292 11.20 -12.82 -1.53
C ARG D 292 11.31 -11.42 -0.93
N THR D 293 10.39 -10.55 -1.33
CA THR D 293 10.34 -9.17 -0.84
C THR D 293 9.54 -9.10 0.45
N LEU D 294 10.20 -8.79 1.55
CA LEU D 294 9.50 -8.48 2.79
C LEU D 294 8.85 -7.10 2.70
N SER D 295 8.01 -6.79 3.69
CA SER D 295 7.39 -5.48 3.76
C SER D 295 8.46 -4.39 3.80
N GLY D 296 8.24 -3.33 3.01
CA GLY D 296 9.09 -2.16 3.02
C GLY D 296 10.26 -2.22 2.07
N GLY D 297 10.23 -3.12 1.08
CA GLY D 297 11.33 -3.26 0.16
C GLY D 297 12.48 -4.08 0.67
N LEU D 298 12.35 -4.67 1.86
CA LEU D 298 13.41 -5.45 2.47
C LEU D 298 13.65 -6.74 1.68
N ASP D 299 14.80 -7.35 1.92
CA ASP D 299 15.08 -8.65 1.34
C ASP D 299 15.29 -9.69 2.45
N SER D 300 14.58 -10.81 2.32
CA SER D 300 14.35 -11.70 3.45
C SER D 300 15.65 -12.26 4.03
N ALA D 301 16.33 -13.13 3.28
CA ALA D 301 17.43 -13.92 3.79
C ALA D 301 18.72 -13.14 4.00
N ALA D 302 18.90 -12.00 3.33
CA ALA D 302 20.13 -11.24 3.49
C ALA D 302 20.33 -10.83 4.95
N LEU D 303 19.26 -10.77 5.72
CA LEU D 303 19.38 -10.54 7.15
C LEU D 303 20.02 -11.71 7.88
N TYR D 304 20.16 -12.86 7.23
CA TYR D 304 20.77 -14.01 7.91
C TYR D 304 22.21 -13.71 8.29
N PHE D 305 22.95 -13.07 7.40
CA PHE D 305 24.36 -12.78 7.69
C PHE D 305 24.54 -11.77 8.81
N PRO D 306 23.88 -10.61 8.79
CA PRO D 306 23.95 -9.75 10.00
C PRO D 306 23.38 -10.44 11.22
N LYS D 307 22.38 -11.30 11.05
CA LYS D 307 21.84 -12.04 12.18
C LYS D 307 22.91 -12.88 12.85
N ARG D 308 23.64 -13.68 12.05
CA ARG D 308 24.73 -14.46 12.60
C ARG D 308 25.81 -13.57 13.18
N PHE D 309 26.11 -12.47 12.48
CA PHE D 309 27.12 -11.53 12.96
C PHE D 309 26.80 -11.09 14.38
N LEU D 310 25.56 -10.66 14.62
CA LEU D 310 25.19 -10.19 15.95
C LEU D 310 25.05 -11.35 16.92
N GLY D 311 24.53 -12.48 16.47
CA GLY D 311 24.42 -13.64 17.31
C GLY D 311 25.73 -14.22 17.76
N ALA D 312 26.82 -13.83 17.11
CA ALA D 312 28.14 -14.22 17.61
C ALA D 312 28.31 -13.79 19.06
N ALA D 313 27.79 -12.63 19.43
CA ALA D 313 27.91 -12.15 20.79
C ALA D 313 27.31 -13.15 21.75
N ARG D 314 28.10 -13.56 22.74
CA ARG D 314 27.68 -14.61 23.66
C ARG D 314 28.63 -14.64 24.85
N ASN D 315 28.17 -15.26 25.92
CA ASN D 315 29.00 -15.57 27.08
C ASN D 315 29.35 -17.05 27.04
N ILE D 316 30.62 -17.35 27.33
CA ILE D 316 31.13 -18.71 27.30
C ILE D 316 31.50 -19.10 28.73
N ARG D 317 31.10 -20.29 29.14
CA ARG D 317 31.26 -20.75 30.52
C ARG D 317 32.69 -21.12 30.86
N GLY D 318 33.57 -21.23 29.87
CA GLY D 318 34.92 -21.67 30.12
C GLY D 318 35.93 -20.53 30.12
N GLY D 319 35.43 -19.30 30.05
CA GLY D 319 36.29 -18.14 29.98
C GLY D 319 36.13 -17.42 28.66
N GLY D 320 36.42 -16.12 28.66
CA GLY D 320 36.29 -15.33 27.45
C GLY D 320 34.83 -15.04 27.11
N SER D 321 34.64 -14.06 26.25
CA SER D 321 33.31 -13.66 25.83
C SER D 321 33.43 -12.73 24.63
N LEU D 322 32.31 -12.51 23.97
CA LEU D 322 32.23 -11.60 22.83
C LEU D 322 30.99 -10.73 22.99
N THR D 323 31.19 -9.44 23.21
CA THR D 323 30.10 -8.50 23.39
C THR D 323 30.09 -7.52 22.22
N ILE D 324 28.95 -7.42 21.54
CA ILE D 324 28.77 -6.49 20.44
C ILE D 324 27.72 -5.47 20.83
N LEU D 325 28.06 -4.20 20.74
CA LEU D 325 27.09 -3.11 20.82
C LEU D 325 27.10 -2.39 19.48
N ALA D 326 25.94 -2.25 18.87
CA ALA D 326 25.86 -1.68 17.54
C ALA D 326 24.69 -0.71 17.44
N THR D 327 24.80 0.22 16.50
CA THR D 327 23.85 1.32 16.37
C THR D 327 22.83 1.02 15.28
N ALA D 328 21.55 1.03 15.66
CA ALA D 328 20.44 0.68 14.77
C ALA D 328 19.55 1.89 14.51
N LEU D 329 18.97 1.95 13.33
CA LEU D 329 18.12 3.06 12.90
C LEU D 329 16.67 2.60 12.77
N VAL D 330 15.74 3.42 13.26
CA VAL D 330 14.31 3.18 13.15
C VAL D 330 13.62 4.51 12.86
N GLU D 331 12.32 4.43 12.55
CA GLU D 331 11.52 5.63 12.31
C GLU D 331 12.12 6.47 11.19
N THR D 332 12.65 5.80 10.17
CA THR D 332 13.26 6.47 9.04
C THR D 332 12.27 6.77 7.92
N GLY D 333 10.99 6.51 8.13
CA GLY D 333 9.99 6.74 7.11
C GLY D 333 9.87 5.64 6.08
N SER D 334 10.71 4.62 6.15
CA SER D 334 10.64 3.48 5.25
C SER D 334 10.49 2.21 6.08
N ARG D 335 9.50 1.38 5.72
CA ARG D 335 9.24 0.17 6.50
C ARG D 335 10.45 -0.75 6.52
N MET D 336 11.36 -0.60 5.56
CA MET D 336 12.55 -1.45 5.52
C MET D 336 13.28 -1.44 6.85
N ASP D 337 13.55 -0.24 7.37
CA ASP D 337 14.35 -0.13 8.58
C ASP D 337 13.59 -0.60 9.80
N ASP D 338 12.28 -0.34 9.85
CA ASP D 338 11.48 -0.83 10.97
C ASP D 338 11.50 -2.36 11.01
N VAL D 339 11.36 -3.00 9.85
CA VAL D 339 11.37 -4.45 9.80
C VAL D 339 12.75 -4.98 10.16
N ILE D 340 13.80 -4.30 9.70
CA ILE D 340 15.16 -4.72 10.04
C ILE D 340 15.37 -4.65 11.55
N PHE D 341 14.95 -3.54 12.17
CA PHE D 341 15.11 -3.42 13.61
C PHE D 341 14.35 -4.50 14.34
N GLU D 342 13.12 -4.78 13.91
CA GLU D 342 12.38 -5.85 14.56
C GLU D 342 13.08 -7.19 14.40
N GLU D 343 13.64 -7.44 13.21
CA GLU D 343 14.34 -8.69 12.98
C GLU D 343 15.55 -8.84 13.88
N PHE D 344 16.30 -7.77 14.10
CA PHE D 344 17.41 -7.80 15.03
C PHE D 344 16.97 -7.91 16.48
N LYS D 345 15.84 -7.28 16.83
CA LYS D 345 15.46 -7.18 18.24
C LYS D 345 15.26 -8.57 18.84
N GLY D 346 14.86 -9.55 18.02
CA GLY D 346 14.70 -10.90 18.52
C GLY D 346 16.01 -11.65 18.73
N THR D 347 17.12 -11.11 18.24
CA THR D 347 18.41 -11.78 18.34
C THR D 347 19.32 -11.20 19.41
N GLY D 348 19.23 -9.90 19.67
CA GLY D 348 20.00 -9.31 20.73
C GLY D 348 19.40 -9.56 22.10
N ASN D 349 20.25 -9.56 23.11
CA ASN D 349 19.83 -9.87 24.47
C ASN D 349 19.55 -8.61 25.28
N MET D 350 19.75 -7.44 24.69
CA MET D 350 19.46 -6.17 25.35
C MET D 350 19.32 -5.12 24.26
N GLU D 351 18.24 -4.34 24.35
CA GLU D 351 17.99 -3.31 23.35
C GLU D 351 17.73 -1.99 24.06
N LEU D 352 18.29 -0.93 23.49
CA LEU D 352 18.27 0.40 24.10
C LEU D 352 17.57 1.35 23.13
N HIS D 353 16.30 1.62 23.40
CA HIS D 353 15.56 2.59 22.61
C HIS D 353 15.98 3.99 23.04
N LEU D 354 16.24 4.84 22.06
CA LEU D 354 16.46 6.25 22.33
C LEU D 354 15.30 7.02 21.72
N SER D 355 14.52 7.68 22.57
CA SER D 355 13.31 8.35 22.12
C SER D 355 13.70 9.63 21.40
N ARG D 356 13.13 9.81 20.21
CA ARG D 356 13.48 10.98 19.41
C ARG D 356 13.13 12.27 20.14
N ARG D 357 12.03 12.27 20.89
CA ARG D 357 11.62 13.47 21.60
C ARG D 357 12.57 13.83 22.72
N LEU D 358 13.15 12.84 23.41
CA LEU D 358 14.12 13.12 24.45
C LEU D 358 15.35 13.82 23.89
N GLU D 359 15.82 13.40 22.72
CA GLU D 359 16.89 14.14 22.06
C GLU D 359 16.41 15.52 21.62
N GLU D 360 15.18 15.60 21.11
CA GLU D 360 14.62 16.91 20.78
C GLU D 360 14.65 17.82 21.99
N ARG D 361 14.55 17.24 23.19
CA ARG D 361 14.73 17.97 24.44
C ARG D 361 16.19 18.01 24.89
N ARG D 362 17.11 17.49 24.08
CA ARG D 362 18.54 17.56 24.38
C ARG D 362 18.86 16.91 25.72
N ILE D 363 18.17 15.81 26.02
CA ILE D 363 18.42 15.03 27.23
C ILE D 363 19.35 13.89 26.86
N PHE D 364 20.53 13.86 27.46
CA PHE D 364 21.50 12.83 27.16
C PHE D 364 21.80 11.98 28.40
N PRO D 365 21.66 10.65 28.32
CA PRO D 365 21.18 9.91 27.13
C PRO D 365 19.67 10.02 26.95
N ALA D 366 19.21 10.21 25.71
CA ALA D 366 17.80 10.36 25.40
C ALA D 366 17.06 9.03 25.35
N ILE D 367 17.10 8.28 26.45
CA ILE D 367 16.65 6.89 26.42
C ILE D 367 15.15 6.81 26.67
N ASP D 368 14.45 6.08 25.80
CA ASP D 368 13.06 5.70 26.05
C ASP D 368 13.08 4.59 27.10
N ILE D 369 12.94 5.00 28.36
CA ILE D 369 13.18 4.07 29.46
C ILE D 369 12.17 2.93 29.43
N LEU D 370 10.90 3.24 29.19
CA LEU D 370 9.88 2.20 29.21
C LEU D 370 10.13 1.16 28.11
N LYS D 371 10.37 1.62 26.88
CA LYS D 371 10.64 0.69 25.79
C LYS D 371 12.00 0.04 25.90
N SER D 372 12.93 0.65 26.63
CA SER D 372 14.25 0.07 26.83
C SER D 372 14.21 -0.96 27.94
N GLY D 373 15.14 -1.91 27.88
CA GLY D 373 15.20 -2.97 28.86
C GLY D 373 16.18 -4.03 28.42
N THR D 374 16.52 -4.89 29.38
CA THR D 374 17.48 -5.95 29.16
C THR D 374 16.87 -7.29 29.52
N ARG D 375 17.55 -8.35 29.10
CA ARG D 375 17.14 -9.71 29.41
C ARG D 375 18.06 -10.27 30.50
N ARG D 376 17.46 -10.92 31.50
CA ARG D 376 18.21 -11.59 32.56
C ARG D 376 19.05 -10.59 33.35
N GLU D 377 18.40 -9.55 33.87
CA GLU D 377 19.08 -8.63 34.78
C GLU D 377 19.57 -9.36 36.02
N GLU D 378 18.75 -10.26 36.56
CA GLU D 378 19.09 -10.95 37.80
C GLU D 378 20.42 -11.68 37.69
N LEU D 379 20.75 -12.19 36.50
CA LEU D 379 22.04 -12.83 36.32
C LEU D 379 23.19 -11.83 36.39
N LEU D 380 22.92 -10.57 36.05
CA LEU D 380 23.87 -9.48 36.26
C LEU D 380 23.59 -8.70 37.53
N LEU D 381 22.38 -8.77 38.07
CA LEU D 381 21.98 -7.96 39.20
C LEU D 381 21.46 -8.86 40.33
N GLY D 382 21.94 -8.61 41.54
CA GLY D 382 21.51 -9.41 42.67
C GLY D 382 20.05 -9.23 42.99
N GLU D 383 19.55 -10.10 43.87
CA GLU D 383 18.16 -9.98 44.30
C GLU D 383 17.90 -8.62 44.93
N GLU D 384 18.89 -8.06 45.64
CA GLU D 384 18.73 -6.74 46.21
C GLU D 384 18.59 -5.69 45.12
N VAL D 385 19.50 -5.66 44.16
CA VAL D 385 19.36 -4.76 43.03
C VAL D 385 18.14 -5.13 42.21
N THR D 386 17.84 -6.43 42.11
CA THR D 386 16.63 -6.86 41.40
C THR D 386 15.41 -6.16 41.97
N HIS D 387 15.26 -6.19 43.29
CA HIS D 387 14.08 -5.60 43.91
C HIS D 387 14.14 -4.07 43.88
N LYS D 388 15.32 -3.49 44.04
CA LYS D 388 15.43 -2.04 44.00
C LYS D 388 15.04 -1.51 42.62
N MET D 389 15.46 -2.21 41.57
CA MET D 389 15.10 -1.77 40.22
C MET D 389 13.67 -2.14 39.91
N TRP D 390 13.13 -3.18 40.54
CA TRP D 390 11.70 -3.45 40.45
C TRP D 390 10.90 -2.28 41.02
N LEU D 391 11.31 -1.78 42.18
CA LEU D 391 10.69 -0.59 42.76
C LEU D 391 10.86 0.60 41.84
N LEU D 392 12.05 0.73 41.23
CA LEU D 392 12.30 1.84 40.33
C LEU D 392 11.39 1.78 39.11
N ARG D 393 11.11 0.57 38.63
CA ARG D 393 10.21 0.42 37.49
C ARG D 393 8.77 0.69 37.89
N LYS D 394 8.40 0.34 39.13
CA LYS D 394 7.05 0.65 39.58
C LYS D 394 6.87 2.16 39.75
N VAL D 395 7.94 2.85 40.14
CA VAL D 395 7.86 4.29 40.41
C VAL D 395 7.99 5.09 39.13
N LEU D 396 9.14 4.97 38.45
CA LEU D 396 9.47 5.81 37.31
C LEU D 396 8.48 5.65 36.16
N ALA D 397 7.78 4.52 36.08
CA ALA D 397 6.71 4.40 35.11
C ALA D 397 5.72 5.55 35.27
N ASP D 398 5.55 6.03 36.50
CA ASP D 398 4.72 7.19 36.75
C ASP D 398 5.42 8.50 36.38
N MET D 399 6.73 8.56 36.48
CA MET D 399 7.47 9.75 36.10
C MET D 399 7.62 9.82 34.59
N ASP D 400 7.31 10.98 34.02
CA ASP D 400 7.41 11.14 32.59
C ASP D 400 8.89 11.08 32.16
N PRO D 401 9.17 10.59 30.95
CA PRO D 401 10.57 10.37 30.56
C PRO D 401 11.45 11.59 30.79
N ALA D 402 11.00 12.76 30.34
CA ALA D 402 11.81 13.95 30.51
C ALA D 402 11.96 14.31 31.98
N GLU D 403 10.84 14.41 32.70
CA GLU D 403 10.90 14.77 34.12
C GLU D 403 11.57 13.67 34.93
N ALA D 404 11.33 12.40 34.58
CA ALA D 404 12.03 11.30 35.23
C ALA D 404 13.54 11.43 35.05
N MET D 405 13.98 11.70 33.82
CA MET D 405 15.41 11.82 33.56
C MET D 405 16.00 12.98 34.34
N GLU D 406 15.33 14.13 34.31
CA GLU D 406 15.84 15.30 35.02
C GLU D 406 15.90 15.04 36.53
N MET D 407 14.88 14.37 37.06
CA MET D 407 14.88 13.98 38.47
C MET D 407 16.06 13.08 38.79
N LEU D 408 16.29 12.07 37.95
CA LEU D 408 17.44 11.19 38.15
C LEU D 408 18.73 11.99 38.09
N LEU D 409 18.81 12.95 37.18
CA LEU D 409 19.99 13.80 37.09
C LEU D 409 20.22 14.53 38.40
N ALA D 410 19.15 15.07 38.98
CA ALA D 410 19.27 15.75 40.26
C ALA D 410 19.73 14.79 41.36
N ARG D 411 19.19 13.57 41.36
CA ARG D 411 19.42 12.65 42.48
C ARG D 411 20.81 12.04 42.42
N LEU D 412 21.17 11.45 41.29
CA LEU D 412 22.43 10.73 41.18
C LEU D 412 23.63 11.66 41.10
N ALA D 413 23.43 12.92 40.73
CA ALA D 413 24.51 13.89 40.85
C ALA D 413 24.98 13.98 42.29
N ARG D 414 24.12 13.63 43.24
CA ARG D 414 24.53 13.63 44.65
C ARG D 414 25.48 12.48 44.95
N THR D 415 25.18 11.29 44.46
CA THR D 415 25.89 10.09 44.90
C THR D 415 26.09 9.15 43.73
N LYS D 416 27.07 8.27 43.88
CA LYS D 416 27.30 7.22 42.91
C LYS D 416 26.18 6.19 42.98
N ASN D 417 26.06 5.37 41.93
CA ASN D 417 25.03 4.35 41.88
C ASN D 417 25.09 3.45 43.11
N ASN D 418 26.28 2.91 43.41
CA ASN D 418 26.41 2.04 44.58
C ASN D 418 26.17 2.84 45.85
N LYS D 419 26.72 4.06 45.91
CA LYS D 419 26.47 4.91 47.07
C LYS D 419 25.00 5.26 47.19
N GLU D 420 24.31 5.47 46.08
CA GLU D 420 22.87 5.68 46.12
C GLU D 420 22.17 4.46 46.69
N PHE D 421 22.59 3.25 46.29
CA PHE D 421 22.03 2.04 46.87
C PHE D 421 22.32 1.96 48.35
N LEU D 422 23.54 2.29 48.75
CA LEU D 422 23.92 2.30 50.16
C LEU D 422 23.18 3.41 50.90
N ARG E 62 50.64 29.90 -25.39
CA ARG E 62 49.19 29.89 -25.55
C ARG E 62 48.52 29.07 -24.46
N LEU E 63 47.52 29.67 -23.81
CA LEU E 63 46.77 29.01 -22.75
C LEU E 63 45.33 28.79 -23.16
N VAL E 64 44.86 27.56 -22.94
CA VAL E 64 43.44 27.25 -22.84
C VAL E 64 43.25 26.59 -21.49
N LYS E 65 42.24 27.07 -20.77
CA LYS E 65 42.07 26.73 -19.36
C LYS E 65 40.70 26.11 -19.17
N GLY E 66 40.60 25.22 -18.20
CA GLY E 66 39.33 24.62 -17.90
C GLY E 66 39.47 23.29 -17.20
N TYR E 67 38.64 22.37 -17.66
CA TYR E 67 38.36 21.12 -16.97
C TYR E 67 38.19 20.01 -18.00
N LEU E 68 39.15 19.09 -18.02
CA LEU E 68 39.14 18.02 -19.00
C LEU E 68 37.97 17.09 -18.76
N GLU E 69 37.33 16.65 -19.85
CA GLU E 69 36.32 15.60 -19.81
C GLU E 69 36.80 14.49 -20.71
N ILE E 70 37.43 13.47 -20.12
CA ILE E 70 38.13 12.45 -20.89
C ILE E 70 37.10 11.52 -21.53
N SER E 71 37.29 11.24 -22.82
CA SER E 71 36.50 10.24 -23.52
C SER E 71 37.12 8.86 -23.30
N GLN E 72 36.50 7.84 -23.89
CA GLN E 72 36.96 6.47 -23.67
C GLN E 72 38.36 6.23 -24.22
N ASP E 73 38.69 6.84 -25.35
CA ASP E 73 39.90 6.50 -26.10
C ASP E 73 41.12 7.33 -25.70
N GLY E 74 41.12 7.91 -24.50
CA GLY E 74 42.28 8.66 -24.05
C GLY E 74 42.33 10.10 -24.51
N TYR E 75 41.36 10.55 -25.30
CA TYR E 75 41.22 11.95 -25.67
C TYR E 75 39.98 12.52 -25.00
N GLY E 76 40.05 13.81 -24.68
CA GLY E 76 38.98 14.44 -23.93
C GLY E 76 38.48 15.69 -24.63
N PHE E 77 37.53 16.35 -23.99
CA PHE E 77 36.92 17.57 -24.51
C PHE E 77 36.87 18.63 -23.42
N LEU E 78 36.71 19.86 -23.88
CA LEU E 78 36.55 21.04 -23.02
C LEU E 78 35.24 21.72 -23.38
N THR E 79 34.72 22.53 -22.46
CA THR E 79 33.50 23.30 -22.71
C THR E 79 33.76 24.79 -22.55
N GLU E 80 32.71 25.59 -22.73
CA GLU E 80 32.78 27.03 -22.75
C GLU E 80 32.12 27.63 -21.50
N ASN E 81 32.05 28.95 -21.45
CA ASN E 81 31.55 29.65 -20.28
C ASN E 81 30.06 29.43 -20.04
N LEU E 82 29.27 29.12 -21.07
CA LEU E 82 27.85 28.88 -20.85
C LEU E 82 27.60 27.73 -19.88
N HIS E 83 28.62 26.95 -19.57
CA HIS E 83 28.49 25.85 -18.62
C HIS E 83 27.45 24.84 -19.09
N ASN E 84 27.40 24.66 -20.41
CA ASN E 84 26.54 23.66 -21.03
C ASN E 84 27.22 23.20 -22.32
N LEU E 85 26.86 22.00 -22.76
CA LEU E 85 27.45 21.46 -23.97
C LEU E 85 27.18 22.40 -25.14
N GLU E 86 28.25 22.92 -25.75
CA GLU E 86 28.14 23.86 -26.85
C GLU E 86 29.04 23.40 -27.99
N SER E 87 28.86 24.04 -29.14
CA SER E 87 29.69 23.74 -30.31
C SER E 87 31.13 24.22 -30.15
N ARG E 88 31.49 24.81 -29.01
CA ARG E 88 32.81 25.35 -28.80
C ARG E 88 33.75 24.38 -28.10
N VAL E 89 33.38 23.11 -28.00
CA VAL E 89 34.24 22.13 -27.33
C VAL E 89 35.53 21.95 -28.14
N ALA E 90 36.62 21.73 -27.42
CA ALA E 90 37.94 21.51 -28.02
C ALA E 90 38.51 20.20 -27.52
N ILE E 91 39.33 19.55 -28.34
CA ILE E 91 39.83 18.22 -28.03
C ILE E 91 41.14 18.32 -27.27
N VAL E 92 41.44 17.30 -26.47
CA VAL E 92 42.59 17.28 -25.57
C VAL E 92 43.25 15.91 -25.69
N SER E 93 44.58 15.90 -25.77
CA SER E 93 45.34 14.66 -25.91
C SER E 93 45.86 14.20 -24.56
N ALA E 94 46.30 12.93 -24.51
CA ALA E 94 46.68 12.33 -23.24
C ALA E 94 48.14 12.60 -22.89
N GLY E 95 49.03 12.64 -23.89
CA GLY E 95 50.45 12.62 -23.61
C GLY E 95 50.91 13.73 -22.68
N LEU E 96 50.41 14.95 -22.91
CA LEU E 96 50.82 16.08 -22.08
C LEU E 96 50.35 15.91 -20.64
N ILE E 97 49.12 15.40 -20.46
CA ILE E 97 48.61 15.16 -19.12
C ILE E 97 49.45 14.10 -18.42
N LYS E 98 49.81 13.04 -19.15
CA LYS E 98 50.73 12.05 -18.60
C LYS E 98 52.03 12.70 -18.18
N GLN E 99 52.53 13.63 -19.00
CA GLN E 99 53.75 14.35 -18.63
C GLN E 99 53.56 15.07 -17.30
N TYR E 100 52.41 15.72 -17.12
CA TYR E 100 52.12 16.47 -15.90
C TYR E 100 51.26 15.69 -14.92
N ALA E 101 50.84 14.47 -15.26
CA ALA E 101 50.18 13.57 -14.31
C ALA E 101 49.02 14.25 -13.60
N LEU E 102 47.95 14.56 -14.33
CA LEU E 102 46.80 15.16 -13.69
C LEU E 102 45.81 14.10 -13.26
N ARG E 103 44.74 14.57 -12.62
CA ARG E 103 43.77 13.76 -11.92
C ARG E 103 42.52 14.63 -11.81
N ALA E 104 41.63 14.28 -10.89
CA ALA E 104 40.64 15.24 -10.45
C ALA E 104 41.20 16.02 -9.25
N GLY E 105 41.07 17.35 -9.27
CA GLY E 105 41.44 18.16 -8.13
C GLY E 105 42.07 19.51 -8.44
N ASP E 106 42.75 19.65 -9.58
CA ASP E 106 43.48 20.90 -9.85
C ASP E 106 43.28 21.36 -11.29
N TYR E 107 43.22 22.68 -11.48
CA TYR E 107 42.81 23.26 -12.76
C TYR E 107 43.58 22.61 -13.91
N VAL E 108 42.97 22.59 -15.10
CA VAL E 108 43.61 22.09 -16.31
C VAL E 108 43.95 23.31 -17.17
N VAL E 109 45.16 23.33 -17.72
CA VAL E 109 45.55 24.34 -18.69
C VAL E 109 46.52 23.69 -19.66
N GLY E 110 46.51 24.15 -20.89
CA GLY E 110 47.37 23.56 -21.90
C GLY E 110 47.38 24.37 -23.17
N GLN E 111 48.27 23.97 -24.07
CA GLN E 111 48.31 24.58 -25.38
C GLN E 111 47.81 23.59 -26.42
N ALA E 112 47.45 24.09 -27.59
CA ALA E 112 46.87 23.26 -28.63
C ALA E 112 47.07 23.92 -29.99
N ARG E 113 46.80 23.15 -31.04
CA ARG E 113 46.95 23.60 -32.41
C ARG E 113 45.64 23.46 -33.17
N PRO E 114 45.45 24.24 -34.24
CA PRO E 114 44.21 24.13 -35.02
C PRO E 114 44.06 22.74 -35.62
N PRO E 115 42.86 22.36 -36.02
CA PRO E 115 42.68 21.04 -36.63
C PRO E 115 43.54 20.88 -37.87
N ARG E 116 44.12 19.70 -38.02
CA ARG E 116 44.86 19.39 -39.24
C ARG E 116 43.89 18.93 -40.33
N GLU E 117 44.38 18.96 -41.57
CA GLU E 117 43.57 18.46 -42.67
C GLU E 117 43.20 17.01 -42.41
N ASN E 118 41.95 16.66 -42.71
CA ASN E 118 41.31 15.38 -42.42
C ASN E 118 40.87 15.32 -40.97
N GLU E 119 41.09 16.37 -40.18
CA GLU E 119 40.67 16.40 -38.78
C GLU E 119 39.48 17.33 -38.62
N ARG E 120 38.43 16.82 -37.98
CA ARG E 120 37.18 17.56 -37.82
C ARG E 120 37.21 18.52 -36.64
N TYR E 121 38.10 18.32 -35.67
CA TYR E 121 38.16 19.14 -34.48
C TYR E 121 39.61 19.47 -34.15
N ALA E 122 39.79 20.42 -33.24
CA ALA E 122 41.12 20.87 -32.85
C ALA E 122 41.97 19.71 -32.34
N THR E 123 43.28 19.93 -32.33
CA THR E 123 44.25 18.94 -31.85
C THR E 123 45.26 19.63 -30.94
N LEU E 124 45.92 18.83 -30.11
CA LEU E 124 46.89 19.35 -29.15
C LEU E 124 48.30 19.24 -29.73
N LEU E 125 49.08 20.30 -29.56
CA LEU E 125 50.47 20.28 -30.02
C LEU E 125 51.44 20.28 -28.86
N LYS E 126 51.21 21.13 -27.86
CA LYS E 126 52.13 21.27 -26.74
C LYS E 126 51.36 21.78 -25.54
N VAL E 127 52.05 21.94 -24.41
CA VAL E 127 51.51 22.64 -23.26
C VAL E 127 52.56 23.62 -22.74
N GLU E 128 52.11 24.78 -22.27
CA GLU E 128 52.99 25.85 -21.82
C GLU E 128 52.91 26.10 -20.33
N ALA E 129 51.70 26.26 -19.80
CA ALA E 129 51.47 26.35 -18.36
C ALA E 129 50.28 25.49 -18.01
N VAL E 130 50.30 24.88 -16.82
CA VAL E 130 49.26 23.97 -16.39
C VAL E 130 48.80 24.40 -14.99
N ASN E 131 47.50 24.31 -14.75
CA ASN E 131 46.92 24.65 -13.45
C ASN E 131 47.12 26.12 -13.10
N ASN E 132 47.52 26.93 -14.08
CA ASN E 132 47.98 28.30 -13.89
C ASN E 132 49.23 28.32 -13.01
N LEU E 133 49.86 27.17 -12.80
CA LEU E 133 51.04 27.05 -11.95
C LEU E 133 52.14 26.34 -12.73
N ASP E 134 53.31 26.24 -12.11
CA ASP E 134 54.40 25.52 -12.73
C ASP E 134 54.03 24.04 -12.85
N PRO E 135 54.04 23.49 -14.07
CA PRO E 135 53.69 22.06 -14.21
C PRO E 135 54.58 21.12 -13.43
N GLU E 136 55.86 21.40 -13.31
CA GLU E 136 56.76 20.50 -12.60
C GLU E 136 56.29 20.29 -11.16
N ALA E 137 55.90 21.37 -10.48
CA ALA E 137 55.41 21.24 -9.12
C ALA E 137 54.16 20.38 -9.05
N ALA E 138 53.34 20.40 -10.10
CA ALA E 138 52.15 19.55 -10.12
C ALA E 138 52.51 18.07 -10.08
N LYS E 139 53.74 17.73 -10.50
CA LYS E 139 54.14 16.33 -10.55
C LYS E 139 54.10 15.69 -9.16
N ASN E 140 54.27 16.49 -8.11
CA ASN E 140 54.34 15.98 -6.74
C ASN E 140 53.43 16.85 -5.86
N ARG E 141 52.32 16.28 -5.41
CA ARG E 141 51.38 16.99 -4.55
C ARG E 141 50.43 15.97 -3.93
N PRO E 142 49.82 16.31 -2.80
CA PRO E 142 48.80 15.41 -2.22
C PRO E 142 47.56 15.36 -3.09
N ARG E 143 46.86 14.24 -3.01
CA ARG E 143 45.66 14.04 -3.80
C ARG E 143 44.41 14.32 -2.98
N PHE E 144 43.31 14.62 -3.68
CA PHE E 144 42.10 15.08 -3.01
C PHE E 144 41.54 14.02 -2.08
N ASP E 145 41.32 12.80 -2.58
CA ASP E 145 40.68 11.77 -1.78
C ASP E 145 41.53 11.34 -0.60
N GLU E 146 42.83 11.68 -0.60
CA GLU E 146 43.71 11.35 0.50
C GLU E 146 43.83 12.47 1.53
N LEU E 147 43.23 13.63 1.26
CA LEU E 147 43.27 14.71 2.23
C LEU E 147 42.60 14.30 3.53
N THR E 148 43.24 14.61 4.65
CA THR E 148 42.71 14.27 5.95
C THR E 148 41.52 15.17 6.28
N PRO E 149 40.29 14.68 6.19
CA PRO E 149 39.15 15.55 6.49
C PRO E 149 38.99 15.74 7.99
N GLN E 150 38.53 16.93 8.35
CA GLN E 150 38.29 17.30 9.73
C GLN E 150 36.89 17.90 9.82
N PHE E 151 36.47 18.20 11.04
CA PHE E 151 35.30 19.02 11.19
C PHE E 151 35.64 20.47 10.88
N PRO E 152 34.68 21.24 10.38
CA PRO E 152 34.96 22.65 10.06
C PRO E 152 35.46 23.39 11.29
N ASP E 153 36.73 23.79 11.25
CA ASP E 153 37.35 24.54 12.33
C ASP E 153 37.91 25.87 11.87
N ARG E 154 37.93 26.13 10.56
CA ARG E 154 38.21 27.45 10.03
C ARG E 154 36.85 28.06 9.69
N GLN E 155 36.19 28.57 10.70
CA GLN E 155 34.84 29.10 10.58
C GLN E 155 34.85 30.38 9.75
N ILE E 156 33.76 30.59 9.03
CA ILE E 156 33.54 31.81 8.28
C ILE E 156 32.68 32.70 9.17
N ARG E 157 33.31 33.66 9.83
CA ARG E 157 32.56 34.56 10.70
C ARG E 157 31.45 35.21 9.90
N LEU E 158 30.25 35.19 10.46
CA LEU E 158 29.04 35.53 9.73
C LEU E 158 28.56 36.90 10.17
N GLU E 159 28.72 37.89 9.29
CA GLU E 159 28.20 39.23 9.48
C GLU E 159 27.96 39.83 8.11
N THR E 160 26.69 39.96 7.74
CA THR E 160 26.31 40.35 6.39
C THR E 160 25.27 41.46 6.46
N THR E 161 25.45 42.49 5.63
CA THR E 161 24.62 43.70 5.70
C THR E 161 23.25 43.58 5.03
N PRO E 162 23.11 43.02 3.84
CA PRO E 162 21.86 43.19 3.08
C PRO E 162 20.60 42.80 3.81
N ASP E 163 20.65 41.81 4.68
CA ASP E 163 19.59 41.58 5.66
C ASP E 163 20.22 41.05 6.94
N GLU E 164 20.52 41.93 7.87
CA GLU E 164 21.18 41.52 9.09
C GLU E 164 20.29 40.66 9.97
N LEU E 165 18.97 40.78 9.84
CA LEU E 165 18.06 40.06 10.73
C LEU E 165 17.83 38.64 10.25
N SER E 166 17.37 38.47 9.01
CA SER E 166 17.19 37.13 8.47
C SER E 166 18.51 36.37 8.45
N THR E 167 19.58 37.07 8.09
CA THR E 167 20.91 36.47 8.13
C THR E 167 21.31 36.17 9.58
N ARG E 168 20.84 36.99 10.53
CA ARG E 168 21.04 36.66 11.93
C ARG E 168 20.39 35.33 12.26
N VAL E 169 19.15 35.15 11.80
CA VAL E 169 18.45 33.88 12.03
C VAL E 169 19.25 32.74 11.44
N ILE E 170 19.70 32.91 10.20
CA ILE E 170 20.46 31.86 9.52
C ILE E 170 21.71 31.51 10.32
N ASP E 171 22.51 32.53 10.67
CA ASP E 171 23.75 32.29 11.40
C ASP E 171 23.49 31.64 12.75
N LEU E 172 22.48 32.11 13.46
CA LEU E 172 22.25 31.71 14.84
C LEU E 172 21.50 30.39 14.96
N LEU E 173 20.92 29.90 13.87
CA LEU E 173 20.22 28.62 13.87
C LEU E 173 21.03 27.51 13.20
N ALA E 174 21.89 27.86 12.25
CA ALA E 174 22.72 26.88 11.56
C ALA E 174 23.97 27.58 11.01
N PRO E 175 25.08 27.53 11.74
CA PRO E 175 26.29 28.19 11.25
C PRO E 175 26.79 27.57 9.95
N ILE E 176 27.49 28.40 9.18
CA ILE E 176 28.16 27.97 7.95
C ILE E 176 29.65 28.12 8.14
N GLY E 177 30.40 27.04 7.92
CA GLY E 177 31.83 27.05 7.99
C GLY E 177 32.46 26.56 6.69
N ARG E 178 33.77 26.75 6.60
CA ARG E 178 34.53 26.33 5.43
C ARG E 178 34.53 24.81 5.38
N GLY E 179 33.98 24.25 4.30
CA GLY E 179 33.86 22.82 4.17
C GLY E 179 32.59 22.23 4.73
N GLN E 180 31.60 23.07 5.03
CA GLN E 180 30.33 22.61 5.59
C GLN E 180 29.59 21.77 4.56
N ARG E 181 29.24 20.53 4.91
CA ARG E 181 28.37 19.72 4.07
C ARG E 181 26.94 19.92 4.53
N GLY E 182 26.33 20.99 4.02
CA GLY E 182 25.03 21.42 4.48
C GLY E 182 23.89 20.99 3.59
N LEU E 183 22.67 21.04 4.12
CA LEU E 183 21.49 20.68 3.37
C LEU E 183 20.30 21.43 3.95
N ILE E 184 19.42 21.95 3.10
CA ILE E 184 18.22 22.64 3.54
C ILE E 184 17.01 21.97 2.90
N VAL E 185 15.96 21.78 3.68
CA VAL E 185 14.82 20.96 3.31
C VAL E 185 13.56 21.79 3.47
N ALA E 186 12.65 21.69 2.51
CA ALA E 186 11.38 22.40 2.57
C ALA E 186 10.46 21.86 1.49
N PRO E 187 9.15 21.84 1.73
CA PRO E 187 8.22 21.49 0.66
C PRO E 187 8.27 22.52 -0.44
N PRO E 188 7.61 22.28 -1.57
CA PRO E 188 7.67 23.24 -2.67
C PRO E 188 7.08 24.59 -2.29
N LYS E 189 7.71 25.65 -2.78
CA LYS E 189 7.21 27.02 -2.59
C LYS E 189 7.20 27.38 -1.12
N ALA E 190 8.34 27.18 -0.47
CA ALA E 190 8.44 27.38 0.97
C ALA E 190 9.71 28.11 1.36
N GLY E 191 10.24 28.97 0.51
CA GLY E 191 11.29 29.89 0.93
C GLY E 191 12.70 29.48 0.59
N LYS E 192 12.91 28.74 -0.50
CA LYS E 192 14.23 28.19 -0.79
C LYS E 192 15.05 29.10 -1.69
N THR E 193 14.58 29.32 -2.92
CA THR E 193 15.42 29.93 -3.95
C THR E 193 15.94 31.29 -3.52
N THR E 194 15.06 32.17 -3.04
CA THR E 194 15.53 33.50 -2.67
C THR E 194 16.43 33.44 -1.44
N LEU E 195 16.22 32.45 -0.58
CA LEU E 195 17.13 32.23 0.54
C LEU E 195 18.53 31.88 0.05
N LEU E 196 18.62 30.97 -0.92
CA LEU E 196 19.91 30.64 -1.51
C LEU E 196 20.53 31.88 -2.15
N LYS E 197 19.71 32.67 -2.83
CA LYS E 197 20.20 33.90 -3.42
C LYS E 197 20.81 34.83 -2.37
N LYS E 198 20.09 35.01 -1.25
CA LYS E 198 20.58 35.89 -0.21
C LYS E 198 21.88 35.36 0.37
N ILE E 199 21.97 34.06 0.58
CA ILE E 199 23.21 33.48 1.11
C ILE E 199 24.36 33.75 0.16
N ALA E 200 24.14 33.54 -1.14
CA ALA E 200 25.18 33.77 -2.12
C ALA E 200 25.62 35.23 -2.11
N ASN E 201 24.65 36.14 -2.08
CA ASN E 201 24.98 37.56 -2.09
C ASN E 201 25.80 37.93 -0.85
N ALA E 202 25.40 37.43 0.32
CA ALA E 202 26.15 37.71 1.54
C ALA E 202 27.58 37.20 1.41
N VAL E 203 27.74 35.95 0.97
CA VAL E 203 29.07 35.36 0.90
C VAL E 203 29.93 36.13 -0.08
N LEU E 204 29.34 36.63 -1.15
CA LEU E 204 30.10 37.41 -2.12
C LEU E 204 30.55 38.75 -1.58
N LYS E 205 30.27 39.07 -0.31
CA LYS E 205 30.77 40.27 0.31
C LYS E 205 31.64 39.93 1.51
N ASN E 206 31.27 38.86 2.22
CA ASN E 206 31.97 38.53 3.46
C ASN E 206 33.36 37.96 3.22
N GLU E 207 33.55 37.18 2.16
CA GLU E 207 34.82 36.52 1.88
C GLU E 207 35.12 36.62 0.39
N PRO E 208 35.64 37.78 -0.06
CA PRO E 208 35.97 37.93 -1.48
C PRO E 208 36.97 36.92 -1.99
N ASP E 209 37.78 36.32 -1.11
CA ASP E 209 38.76 35.34 -1.54
C ASP E 209 38.14 34.02 -1.97
N ILE E 210 36.94 33.71 -1.49
CA ILE E 210 36.32 32.42 -1.77
C ILE E 210 35.67 32.46 -3.15
N LYS E 211 35.97 31.47 -3.97
CA LYS E 211 35.36 31.35 -5.28
C LYS E 211 33.97 30.73 -5.11
N VAL E 212 32.93 31.50 -5.38
CA VAL E 212 31.56 31.10 -5.12
C VAL E 212 30.93 30.71 -6.44
N ILE E 213 30.36 29.51 -6.49
CA ILE E 213 29.70 28.98 -7.68
C ILE E 213 28.28 28.59 -7.31
N VAL E 214 27.33 28.95 -8.15
CA VAL E 214 25.92 28.66 -7.92
C VAL E 214 25.43 27.77 -9.04
N LEU E 215 24.83 26.64 -8.68
CA LEU E 215 24.36 25.65 -9.63
C LEU E 215 22.85 25.50 -9.50
N LEU E 216 22.16 25.58 -10.64
CA LEU E 216 20.70 25.54 -10.68
C LEU E 216 20.27 24.40 -11.60
N ILE E 217 19.55 23.43 -11.04
CA ILE E 217 19.08 22.26 -11.77
C ILE E 217 17.57 22.30 -11.84
N ASP E 218 17.02 22.02 -13.03
CA ASP E 218 15.62 21.69 -13.21
C ASP E 218 14.68 22.80 -12.74
N GLU E 219 15.00 24.06 -13.01
CA GLU E 219 14.22 25.19 -12.53
C GLU E 219 13.81 26.11 -13.67
N ARG E 220 13.00 27.09 -13.31
CA ARG E 220 12.40 27.98 -14.29
C ARG E 220 13.44 28.94 -14.85
N PRO E 221 13.39 29.27 -16.14
CA PRO E 221 14.42 30.17 -16.69
C PRO E 221 14.45 31.55 -16.05
N GLU E 222 13.29 32.08 -15.67
CA GLU E 222 13.26 33.43 -15.13
C GLU E 222 14.10 33.53 -13.86
N GLU E 223 14.09 32.50 -13.03
CA GLU E 223 14.99 32.48 -11.88
C GLU E 223 16.45 32.53 -12.34
N VAL E 224 16.76 31.81 -13.42
CA VAL E 224 18.12 31.82 -13.95
C VAL E 224 18.55 33.23 -14.31
N THR E 225 17.71 33.93 -15.07
CA THR E 225 18.08 35.29 -15.47
C THR E 225 18.16 36.21 -14.27
N ASP E 226 17.22 36.05 -13.32
CA ASP E 226 17.24 36.89 -12.13
C ASP E 226 18.55 36.74 -11.39
N PHE E 227 19.01 35.50 -11.20
CA PHE E 227 20.29 35.29 -10.55
C PHE E 227 21.43 35.88 -11.36
N ARG E 228 21.50 35.52 -12.64
CA ARG E 228 22.63 35.92 -13.46
C ARG E 228 22.79 37.44 -13.45
N GLU E 229 21.67 38.16 -13.42
CA GLU E 229 21.76 39.60 -13.30
C GLU E 229 22.09 40.04 -11.87
N SER E 230 21.59 39.31 -10.88
CA SER E 230 21.69 39.75 -9.49
C SER E 230 22.89 39.18 -8.76
N VAL E 231 23.68 38.30 -9.39
CA VAL E 231 24.80 37.67 -8.70
C VAL E 231 26.05 38.54 -8.70
N GLN E 232 26.13 39.53 -9.57
CA GLN E 232 27.28 40.42 -9.65
C GLN E 232 28.56 39.64 -9.96
N GLY E 233 28.51 38.86 -11.05
CA GLY E 233 29.70 38.31 -11.65
C GLY E 233 30.17 36.97 -11.12
N ALA E 234 29.60 36.47 -10.03
CA ALA E 234 29.99 35.14 -9.57
C ALA E 234 29.49 34.09 -10.56
N GLU E 235 30.22 32.99 -10.65
CA GLU E 235 29.94 31.96 -11.65
C GLU E 235 28.56 31.39 -11.38
N VAL E 236 27.60 31.72 -12.24
CA VAL E 236 26.23 31.24 -12.11
C VAL E 236 26.00 30.18 -13.18
N ILE E 237 25.67 28.97 -12.74
CA ILE E 237 25.41 27.84 -13.61
C ILE E 237 23.93 27.52 -13.51
N ALA E 238 23.29 27.29 -14.65
CA ALA E 238 21.87 26.97 -14.67
C ALA E 238 21.60 25.90 -15.71
N SER E 239 20.56 25.10 -15.44
CA SER E 239 20.06 24.13 -16.41
C SER E 239 18.56 24.06 -16.19
N THR E 240 17.82 24.82 -16.99
CA THR E 240 16.37 24.94 -16.81
C THR E 240 15.72 23.58 -16.96
N PHE E 241 14.48 23.46 -16.51
CA PHE E 241 13.77 22.20 -16.73
C PHE E 241 13.49 21.96 -18.20
N ASP E 242 13.68 22.97 -19.05
CA ASP E 242 13.46 22.79 -20.47
C ASP E 242 14.35 21.71 -21.04
N GLU E 243 15.52 21.50 -20.45
CA GLU E 243 16.44 20.51 -21.00
C GLU E 243 16.06 19.11 -20.53
N PRO E 244 16.34 18.08 -21.33
CA PRO E 244 16.08 16.71 -20.88
C PRO E 244 16.97 16.34 -19.71
N PRO E 245 16.60 15.30 -18.96
CA PRO E 245 17.36 14.97 -17.75
C PRO E 245 18.82 14.66 -18.02
N GLN E 246 19.14 14.14 -19.21
CA GLN E 246 20.54 13.91 -19.55
C GLN E 246 21.34 15.19 -19.43
N ASN E 247 20.78 16.31 -19.88
CA ASN E 247 21.47 17.59 -19.74
C ASN E 247 21.68 17.94 -18.28
N HIS E 248 20.66 17.70 -17.44
CA HIS E 248 20.82 17.94 -16.01
C HIS E 248 22.00 17.17 -15.46
N ILE E 249 22.06 15.87 -15.74
CA ILE E 249 23.13 15.04 -15.20
C ILE E 249 24.49 15.50 -15.74
N ARG E 250 24.55 15.79 -17.04
CA ARG E 250 25.80 16.24 -17.62
C ARG E 250 26.32 17.48 -16.90
N VAL E 251 25.48 18.49 -16.77
CA VAL E 251 25.92 19.74 -16.14
C VAL E 251 26.29 19.50 -14.68
N ALA E 252 25.49 18.70 -13.98
CA ALA E 252 25.76 18.47 -12.57
C ALA E 252 27.11 17.82 -12.35
N GLU E 253 27.39 16.75 -13.09
CA GLU E 253 28.66 16.06 -12.92
C GLU E 253 29.82 16.91 -13.41
N PHE E 254 29.59 17.71 -14.46
CA PHE E 254 30.62 18.64 -14.88
C PHE E 254 30.98 19.59 -13.74
N VAL E 255 29.97 20.14 -13.08
CA VAL E 255 30.24 21.08 -11.99
C VAL E 255 30.92 20.37 -10.84
N HIS E 256 30.54 19.12 -10.59
CA HIS E 256 31.21 18.34 -9.53
C HIS E 256 32.69 18.22 -9.81
N GLU E 257 33.03 17.79 -11.03
CA GLU E 257 34.44 17.62 -11.38
C GLU E 257 35.18 18.94 -11.35
N ARG E 258 34.53 20.01 -11.80
CA ARG E 258 35.15 21.33 -11.74
C ARG E 258 35.41 21.74 -10.30
N ALA E 259 34.45 21.48 -9.42
CA ALA E 259 34.59 21.86 -8.03
C ALA E 259 35.80 21.18 -7.41
N LYS E 260 35.93 19.87 -7.66
CA LYS E 260 37.10 19.17 -7.18
C LYS E 260 38.37 19.73 -7.82
N ARG E 261 38.32 19.97 -9.13
CA ARG E 261 39.51 20.41 -9.87
C ARG E 261 39.95 21.78 -9.39
N ILE E 262 39.11 22.48 -8.64
CA ILE E 262 39.50 23.76 -8.08
C ILE E 262 39.87 23.60 -6.61
N VAL E 263 39.17 22.73 -5.91
CA VAL E 263 39.37 22.60 -4.46
C VAL E 263 40.74 22.04 -4.16
N GLU E 264 41.14 20.97 -4.84
CA GLU E 264 42.32 20.23 -4.39
C GLU E 264 43.55 21.12 -4.27
N GLU E 265 43.50 22.33 -4.84
CA GLU E 265 44.59 23.28 -4.72
C GLU E 265 44.65 23.95 -3.36
N GLY E 266 43.96 23.39 -2.37
CA GLY E 266 43.94 23.98 -1.04
C GLY E 266 43.08 25.21 -0.91
N GLY E 267 42.25 25.49 -1.92
CA GLY E 267 41.39 26.65 -1.87
C GLY E 267 40.04 26.39 -1.23
N HIS E 268 39.34 27.48 -0.93
CA HIS E 268 38.02 27.42 -0.33
C HIS E 268 36.97 27.64 -1.42
N VAL E 269 36.08 26.66 -1.57
CA VAL E 269 35.04 26.67 -2.59
C VAL E 269 33.69 26.49 -1.92
N MET E 270 32.69 27.22 -2.39
CA MET E 270 31.32 27.08 -1.93
C MET E 270 30.40 26.92 -3.14
N ILE E 271 29.59 25.87 -3.12
CA ILE E 271 28.62 25.60 -4.16
C ILE E 271 27.23 25.70 -3.56
N LEU E 272 26.37 26.47 -4.21
CA LEU E 272 24.98 26.62 -3.81
C LEU E 272 24.12 25.94 -4.88
N LEU E 273 23.56 24.80 -4.54
CA LEU E 273 22.87 23.92 -5.47
C LEU E 273 21.36 24.03 -5.27
N ASP E 274 20.72 24.79 -6.14
CA ASP E 274 19.27 24.74 -6.26
C ASP E 274 18.86 23.34 -6.72
N SER E 275 17.77 22.82 -6.17
CA SER E 275 17.14 21.63 -6.72
C SER E 275 17.92 20.34 -6.49
N ILE E 276 18.24 19.99 -5.24
CA ILE E 276 18.95 18.73 -5.00
C ILE E 276 17.99 17.56 -4.99
N THR E 277 16.82 17.68 -4.35
CA THR E 277 15.86 16.59 -4.41
C THR E 277 15.16 16.57 -5.76
N ARG E 278 14.97 17.75 -6.36
CA ARG E 278 14.64 17.80 -7.78
C ARG E 278 15.69 17.07 -8.60
N LEU E 279 16.95 17.23 -8.23
CA LEU E 279 18.02 16.51 -8.92
C LEU E 279 17.92 15.02 -8.69
N ALA E 280 17.51 14.61 -7.48
CA ALA E 280 17.35 13.18 -7.21
C ALA E 280 16.21 12.61 -8.03
N ARG E 281 15.12 13.37 -8.19
CA ARG E 281 14.06 12.98 -9.10
C ARG E 281 14.60 12.86 -10.52
N ALA E 282 15.47 13.78 -10.91
CA ALA E 282 16.06 13.73 -12.24
C ALA E 282 16.89 12.47 -12.42
N ASN E 283 17.63 12.09 -11.37
CA ASN E 283 18.38 10.84 -11.43
C ASN E 283 17.45 9.65 -11.56
N ASN E 284 16.41 9.61 -10.74
CA ASN E 284 15.41 8.55 -10.84
C ASN E 284 14.91 8.42 -12.26
N LEU E 285 14.59 9.54 -12.91
CA LEU E 285 14.26 9.50 -14.32
C LEU E 285 15.41 8.95 -15.14
N VAL E 286 16.64 9.34 -14.82
CA VAL E 286 17.81 8.81 -15.50
C VAL E 286 18.14 7.41 -14.99
N THR E 287 17.61 7.04 -13.83
CA THR E 287 18.06 5.84 -13.16
C THR E 287 17.75 4.60 -14.01
N PRO E 288 18.76 3.82 -14.42
CA PRO E 288 18.52 2.77 -15.41
C PRO E 288 17.74 1.58 -14.85
N PRO E 289 18.15 0.92 -13.71
CA PRO E 289 17.19 0.03 -13.05
C PRO E 289 17.24 -0.07 -11.53
N THR E 290 18.36 -0.56 -10.97
CA THR E 290 18.57 -0.88 -9.57
C THR E 290 17.90 -2.16 -9.11
N GLY E 291 17.03 -2.73 -9.94
CA GLY E 291 16.31 -3.92 -9.52
C GLY E 291 15.24 -3.61 -8.50
N ARG E 292 15.53 -3.87 -7.23
CA ARG E 292 14.59 -3.61 -6.16
C ARG E 292 14.25 -2.12 -6.08
N THR E 293 12.96 -1.83 -6.13
CA THR E 293 12.47 -0.45 -6.06
C THR E 293 12.14 -0.08 -4.63
N LEU E 294 12.88 0.89 -4.09
CA LEU E 294 12.64 1.35 -2.73
C LEU E 294 11.22 1.91 -2.61
N SER E 295 10.80 2.15 -1.36
CA SER E 295 9.49 2.72 -1.11
C SER E 295 9.34 4.04 -1.84
N GLY E 296 8.20 4.22 -2.50
CA GLY E 296 7.88 5.44 -3.20
C GLY E 296 8.37 5.53 -4.62
N GLY E 297 8.88 4.44 -5.19
CA GLY E 297 9.39 4.47 -6.55
C GLY E 297 10.87 4.78 -6.65
N LEU E 298 11.61 4.69 -5.55
CA LEU E 298 12.98 5.17 -5.47
C LEU E 298 13.97 4.10 -5.90
N ASP E 299 15.14 4.56 -6.35
CA ASP E 299 16.25 3.69 -6.67
C ASP E 299 17.17 3.51 -5.46
N SER E 300 17.92 2.41 -5.46
CA SER E 300 18.88 2.18 -4.39
C SER E 300 20.21 2.86 -4.69
N ALA E 301 20.77 2.60 -5.87
CA ALA E 301 22.12 3.06 -6.22
C ALA E 301 22.14 4.41 -6.91
N ALA E 302 20.99 4.98 -7.24
CA ALA E 302 20.97 6.29 -7.88
C ALA E 302 21.34 7.38 -6.89
N LEU E 303 20.96 7.21 -5.63
CA LEU E 303 21.35 8.12 -4.58
C LEU E 303 22.82 8.00 -4.23
N TYR E 304 23.53 7.00 -4.77
CA TYR E 304 24.95 6.87 -4.50
C TYR E 304 25.72 8.04 -5.11
N PHE E 305 25.37 8.43 -6.33
CA PHE E 305 26.09 9.52 -6.98
C PHE E 305 25.83 10.86 -6.33
N PRO E 306 24.59 11.28 -6.07
CA PRO E 306 24.41 12.49 -5.25
C PRO E 306 24.99 12.35 -3.86
N LYS E 307 25.01 11.12 -3.32
CA LYS E 307 25.63 10.92 -2.02
C LYS E 307 27.10 11.30 -2.05
N ARG E 308 27.84 10.77 -3.03
CA ARG E 308 29.24 11.14 -3.18
C ARG E 308 29.37 12.63 -3.47
N PHE E 309 28.48 13.16 -4.32
CA PHE E 309 28.50 14.57 -4.65
C PHE E 309 28.45 15.42 -3.40
N LEU E 310 27.52 15.12 -2.50
CA LEU E 310 27.38 15.91 -1.28
C LEU E 310 28.51 15.60 -0.31
N GLY E 311 28.92 14.35 -0.22
CA GLY E 311 30.04 13.97 0.62
C GLY E 311 31.34 14.60 0.22
N ALA E 312 31.44 15.12 -1.00
CA ALA E 312 32.59 15.91 -1.37
C ALA E 312 32.80 17.04 -0.39
N ALA E 313 31.73 17.66 0.08
CA ALA E 313 31.85 18.74 1.05
C ALA E 313 32.57 18.28 2.30
N ARG E 314 33.65 18.96 2.63
CA ARG E 314 34.49 18.55 3.75
C ARG E 314 35.42 19.69 4.13
N ASN E 315 35.92 19.62 5.35
CA ASN E 315 36.97 20.51 5.83
C ASN E 315 38.29 19.75 5.84
N ILE E 316 39.34 20.39 5.33
CA ILE E 316 40.66 19.76 5.18
C ILE E 316 41.61 20.41 6.17
N ARG E 317 42.38 19.58 6.88
CA ARG E 317 43.28 20.04 7.92
C ARG E 317 44.50 20.76 7.37
N GLY E 318 44.76 20.68 6.08
CA GLY E 318 45.95 21.29 5.50
C GLY E 318 45.64 22.57 4.78
N GLY E 319 44.41 23.04 4.89
CA GLY E 319 43.99 24.24 4.19
C GLY E 319 42.96 23.93 3.11
N GLY E 320 42.17 24.91 2.74
CA GLY E 320 41.14 24.71 1.74
C GLY E 320 39.92 24.01 2.31
N SER E 321 38.82 24.10 1.56
CA SER E 321 37.59 23.48 1.98
C SER E 321 36.61 23.52 0.82
N LEU E 322 35.57 22.70 0.93
CA LEU E 322 34.49 22.67 -0.04
C LEU E 322 33.16 22.57 0.72
N THR E 323 32.34 23.60 0.61
CA THR E 323 31.06 23.65 1.29
C THR E 323 29.94 23.68 0.26
N ILE E 324 28.98 22.76 0.39
CA ILE E 324 27.84 22.70 -0.50
C ILE E 324 26.59 22.92 0.33
N LEU E 325 25.76 23.88 -0.08
CA LEU E 325 24.43 24.05 0.46
C LEU E 325 23.43 23.81 -0.66
N ALA E 326 22.49 22.90 -0.45
CA ALA E 326 21.60 22.47 -1.52
C ALA E 326 20.18 22.39 -1.03
N THR E 327 19.24 22.54 -1.96
CA THR E 327 17.82 22.68 -1.64
C THR E 327 17.11 21.34 -1.84
N ALA E 328 16.46 20.85 -0.78
CA ALA E 328 15.80 19.54 -0.78
C ALA E 328 14.30 19.70 -0.55
N LEU E 329 13.52 18.80 -1.14
CA LEU E 329 12.07 18.81 -1.04
C LEU E 329 11.58 17.64 -0.20
N VAL E 330 10.61 17.91 0.68
CA VAL E 330 9.93 16.89 1.47
C VAL E 330 8.44 17.20 1.49
N GLU E 331 7.66 16.26 2.03
CA GLU E 331 6.22 16.44 2.19
C GLU E 331 5.57 16.75 0.83
N THR E 332 6.03 16.06 -0.21
CA THR E 332 5.52 16.25 -1.56
C THR E 332 4.39 15.29 -1.90
N GLY E 333 3.90 14.52 -0.93
CA GLY E 333 2.84 13.57 -1.19
C GLY E 333 3.30 12.27 -1.82
N SER E 334 4.59 12.12 -2.10
CA SER E 334 5.15 10.90 -2.64
C SER E 334 6.27 10.43 -1.73
N ARG E 335 6.25 9.14 -1.38
CA ARG E 335 7.26 8.61 -0.47
C ARG E 335 8.66 8.76 -1.05
N MET E 336 8.77 8.91 -2.37
CA MET E 336 10.08 9.04 -3.00
C MET E 336 10.88 10.17 -2.35
N ASP E 337 10.26 11.35 -2.24
CA ASP E 337 10.98 12.52 -1.75
C ASP E 337 11.31 12.39 -0.27
N ASP E 338 10.39 11.83 0.52
CA ASP E 338 10.67 11.63 1.93
C ASP E 338 11.86 10.70 2.12
N VAL E 339 11.89 9.60 1.35
CA VAL E 339 13.00 8.65 1.47
C VAL E 339 14.31 9.30 1.01
N ILE E 340 14.25 10.08 -0.06
CA ILE E 340 15.46 10.75 -0.55
C ILE E 340 15.99 11.71 0.50
N PHE E 341 15.09 12.51 1.10
CA PHE E 341 15.53 13.44 2.14
C PHE E 341 16.17 12.71 3.29
N GLU E 342 15.54 11.61 3.74
CA GLU E 342 16.13 10.86 4.85
C GLU E 342 17.49 10.31 4.46
N GLU E 343 17.62 9.81 3.24
CA GLU E 343 18.90 9.25 2.80
C GLU E 343 19.99 10.30 2.78
N PHE E 344 19.68 11.52 2.34
CA PHE E 344 20.64 12.61 2.38
C PHE E 344 20.93 13.06 3.81
N LYS E 345 19.93 13.00 4.69
CA LYS E 345 20.11 13.56 6.02
C LYS E 345 21.25 12.88 6.76
N GLY E 346 21.49 11.61 6.46
CA GLY E 346 22.60 10.90 7.07
C GLY E 346 23.96 11.22 6.47
N THR E 347 24.00 11.91 5.33
CA THR E 347 25.26 12.25 4.68
C THR E 347 25.71 13.68 4.94
N GLY E 348 24.77 14.60 5.17
CA GLY E 348 25.15 15.97 5.46
C GLY E 348 25.50 16.17 6.92
N ASN E 349 26.28 17.21 7.17
CA ASN E 349 26.73 17.53 8.53
C ASN E 349 25.88 18.60 9.18
N MET E 350 24.87 19.11 8.49
CA MET E 350 23.95 20.07 9.06
C MET E 350 22.74 20.15 8.14
N GLU E 351 21.55 20.03 8.72
CA GLU E 351 20.32 20.04 7.94
C GLU E 351 19.39 21.09 8.51
N LEU E 352 18.72 21.81 7.62
CA LEU E 352 17.89 22.96 7.98
C LEU E 352 16.47 22.67 7.54
N HIS E 353 15.63 22.23 8.48
CA HIS E 353 14.22 22.05 8.19
C HIS E 353 13.57 23.42 8.04
N LEU E 354 12.65 23.52 7.10
CA LEU E 354 11.81 24.70 6.99
C LEU E 354 10.36 24.24 7.09
N SER E 355 9.69 24.64 8.17
CA SER E 355 8.35 24.17 8.44
C SER E 355 7.37 24.88 7.53
N ARG E 356 6.49 24.10 6.89
CA ARG E 356 5.57 24.69 5.93
C ARG E 356 4.65 25.70 6.59
N ARG E 357 4.20 25.41 7.80
CA ARG E 357 3.31 26.32 8.51
C ARG E 357 3.97 27.66 8.83
N LEU E 358 5.26 27.65 9.18
CA LEU E 358 5.96 28.90 9.44
C LEU E 358 6.07 29.75 8.19
N GLU E 359 6.32 29.14 7.03
CA GLU E 359 6.33 29.89 5.79
C GLU E 359 4.93 30.40 5.45
N GLU E 360 3.91 29.60 5.71
CA GLU E 360 2.54 30.05 5.47
C GLU E 360 2.27 31.36 6.19
N ARG E 361 2.93 31.58 7.32
CA ARG E 361 2.81 32.82 8.07
C ARG E 361 3.81 33.86 7.61
N ARG E 362 4.58 33.58 6.57
CA ARG E 362 5.52 34.55 6.00
C ARG E 362 6.60 34.91 7.01
N ILE E 363 7.16 33.92 7.67
CA ILE E 363 8.30 34.09 8.56
C ILE E 363 9.54 33.76 7.73
N PHE E 364 10.37 34.77 7.47
CA PHE E 364 11.58 34.55 6.71
C PHE E 364 12.80 34.76 7.61
N PRO E 365 13.60 33.71 7.89
CA PRO E 365 13.42 32.33 7.44
C PRO E 365 12.37 31.57 8.28
N ALA E 366 11.54 30.77 7.61
CA ALA E 366 10.53 29.95 8.30
C ALA E 366 11.11 28.65 8.83
N ILE E 367 12.15 28.72 9.66
CA ILE E 367 12.88 27.52 10.06
C ILE E 367 12.10 26.78 11.15
N ASP E 368 11.96 25.47 10.97
CA ASP E 368 11.48 24.59 12.04
C ASP E 368 12.62 24.43 13.03
N ILE E 369 12.67 25.33 14.01
CA ILE E 369 13.84 25.45 14.86
C ILE E 369 14.07 24.16 15.64
N LEU E 370 13.01 23.56 16.17
CA LEU E 370 13.18 22.32 16.94
C LEU E 370 13.75 21.21 16.06
N LYS E 371 13.19 21.02 14.87
CA LYS E 371 13.68 19.97 13.98
C LYS E 371 15.04 20.31 13.38
N SER E 372 15.33 21.59 13.18
CA SER E 372 16.58 21.99 12.56
C SER E 372 17.71 21.99 13.59
N GLY E 373 18.93 21.86 13.10
CA GLY E 373 20.09 21.79 13.96
C GLY E 373 21.31 21.38 13.18
N THR E 374 22.46 21.53 13.82
CA THR E 374 23.74 21.23 13.20
C THR E 374 24.50 20.21 14.03
N ARG E 375 25.51 19.62 13.40
CA ARG E 375 26.39 18.66 14.05
C ARG E 375 27.69 19.36 14.45
N ARG E 376 28.13 19.12 15.69
CA ARG E 376 29.39 19.65 16.20
C ARG E 376 29.38 21.19 16.22
N GLU E 377 28.35 21.74 16.86
CA GLU E 377 28.30 23.17 17.06
C GLU E 377 29.49 23.65 17.87
N GLU E 378 29.88 22.89 18.88
CA GLU E 378 30.95 23.31 19.78
C GLU E 378 32.24 23.62 19.03
N LEU E 379 32.54 22.86 17.97
CA LEU E 379 33.69 23.17 17.15
C LEU E 379 33.52 24.50 16.43
N LEU E 380 32.29 24.96 16.29
CA LEU E 380 31.98 26.25 15.69
C LEU E 380 31.45 27.25 16.70
N LEU E 381 30.94 26.80 17.83
CA LEU E 381 30.33 27.66 18.84
C LEU E 381 30.96 27.38 20.19
N GLY E 382 31.06 28.41 21.01
CA GLY E 382 31.58 28.24 22.35
C GLY E 382 30.57 27.58 23.28
N GLU E 383 31.09 27.08 24.41
CA GLU E 383 30.20 26.52 25.42
C GLU E 383 29.17 27.53 25.88
N GLU E 384 29.52 28.82 25.85
CA GLU E 384 28.57 29.85 26.20
C GLU E 384 27.40 29.87 25.21
N VAL E 385 27.71 29.83 23.91
CA VAL E 385 26.67 29.73 22.91
C VAL E 385 25.91 28.43 23.07
N THR E 386 26.62 27.34 23.39
CA THR E 386 25.94 26.08 23.66
C THR E 386 24.88 26.26 24.74
N HIS E 387 25.26 26.88 25.85
CA HIS E 387 24.35 27.06 26.96
C HIS E 387 23.19 27.96 26.59
N LYS E 388 23.46 29.06 25.88
CA LYS E 388 22.39 30.00 25.55
C LYS E 388 21.42 29.39 24.56
N MET E 389 21.92 28.62 23.60
CA MET E 389 21.04 27.92 22.66
C MET E 389 20.25 26.83 23.37
N TRP E 390 20.87 26.16 24.35
CA TRP E 390 20.15 25.17 25.15
C TRP E 390 18.98 25.83 25.87
N LEU E 391 19.24 26.96 26.51
CA LEU E 391 18.19 27.70 27.20
C LEU E 391 17.11 28.14 26.22
N LEU E 392 17.51 28.59 25.03
CA LEU E 392 16.55 29.05 24.04
C LEU E 392 15.66 27.89 23.58
N ARG E 393 16.25 26.71 23.38
CA ARG E 393 15.46 25.55 23.00
C ARG E 393 14.48 25.18 24.10
N LYS E 394 14.93 25.25 25.36
CA LYS E 394 14.01 25.00 26.46
C LYS E 394 12.84 25.98 26.43
N VAL E 395 13.14 27.27 26.26
CA VAL E 395 12.11 28.29 26.41
C VAL E 395 11.14 28.28 25.23
N LEU E 396 11.67 28.33 24.01
CA LEU E 396 10.83 28.39 22.83
C LEU E 396 10.07 27.09 22.61
N ALA E 397 10.41 26.02 23.33
CA ALA E 397 9.60 24.82 23.30
C ALA E 397 8.15 25.14 23.65
N ASP E 398 7.95 26.09 24.55
CA ASP E 398 6.60 26.53 24.90
C ASP E 398 6.07 27.59 23.95
N MET E 399 6.93 28.45 23.42
CA MET E 399 6.48 29.47 22.49
C MET E 399 6.26 28.86 21.12
N ASP E 400 5.19 29.28 20.46
CA ASP E 400 4.88 28.76 19.14
C ASP E 400 5.94 29.24 18.14
N PRO E 401 6.16 28.49 17.06
CA PRO E 401 7.24 28.86 16.13
C PRO E 401 7.12 30.30 15.63
N ALA E 402 5.91 30.69 15.24
CA ALA E 402 5.69 32.06 14.78
C ALA E 402 5.88 33.06 15.90
N GLU E 403 5.25 32.83 17.04
CA GLU E 403 5.44 33.70 18.19
C GLU E 403 6.88 33.67 18.67
N ALA E 404 7.49 32.48 18.68
CA ALA E 404 8.90 32.38 19.02
C ALA E 404 9.75 33.26 18.12
N MET E 405 9.55 33.17 16.81
CA MET E 405 10.37 33.93 15.87
C MET E 405 10.09 35.42 15.96
N GLU E 406 8.84 35.80 16.19
CA GLU E 406 8.51 37.21 16.38
C GLU E 406 9.20 37.76 17.63
N MET E 407 9.22 36.97 18.71
CA MET E 407 9.95 37.35 19.92
C MET E 407 11.45 37.47 19.64
N LEU E 408 11.98 36.50 18.89
CA LEU E 408 13.40 36.54 18.52
C LEU E 408 13.69 37.77 17.68
N LEU E 409 12.72 38.18 16.86
CA LEU E 409 12.85 39.40 16.08
C LEU E 409 12.95 40.60 17.01
N ALA E 410 12.01 40.72 17.94
CA ALA E 410 12.02 41.85 18.86
C ALA E 410 13.28 41.88 19.72
N ARG E 411 13.91 40.71 19.91
CA ARG E 411 15.05 40.65 20.83
C ARG E 411 16.37 40.86 20.09
N LEU E 412 16.63 40.07 19.05
CA LEU E 412 17.89 40.13 18.34
C LEU E 412 17.97 41.27 17.35
N ALA E 413 16.84 41.79 16.88
CA ALA E 413 16.89 42.97 16.03
C ALA E 413 17.50 44.16 16.76
N ARG E 414 17.49 44.12 18.09
CA ARG E 414 18.09 45.20 18.87
C ARG E 414 19.59 45.31 18.62
N THR E 415 20.28 44.17 18.57
CA THR E 415 21.73 44.18 18.54
C THR E 415 22.23 43.05 17.66
N LYS E 416 23.49 43.17 17.25
CA LYS E 416 24.14 42.13 16.48
C LYS E 416 24.26 40.86 17.32
N ASN E 417 24.46 39.72 16.65
CA ASN E 417 24.64 38.44 17.32
C ASN E 417 25.60 38.57 18.49
N ASN E 418 26.85 38.94 18.23
CA ASN E 418 27.81 39.08 19.30
C ASN E 418 27.40 40.20 20.25
N LYS E 419 26.89 41.30 19.71
CA LYS E 419 26.41 42.38 20.56
C LYS E 419 25.28 41.91 21.47
N GLU E 420 24.39 41.06 20.95
CA GLU E 420 23.39 40.45 21.82
C GLU E 420 24.04 39.59 22.88
N PHE E 421 25.06 38.81 22.50
CA PHE E 421 25.80 38.05 23.50
C PHE E 421 26.47 38.97 24.51
N LEU E 422 27.06 40.05 24.02
CA LEU E 422 27.68 41.05 24.89
C LEU E 422 26.64 41.68 25.80
N ARG F 62 0.96 33.15 -53.29
CA ARG F 62 -0.05 32.19 -52.92
C ARG F 62 -0.49 32.45 -51.48
N LEU F 63 -1.80 32.33 -51.20
CA LEU F 63 -2.34 32.74 -49.91
C LEU F 63 -3.63 32.01 -49.55
N VAL F 64 -3.54 31.10 -48.57
CA VAL F 64 -4.62 30.73 -47.67
C VAL F 64 -4.04 30.84 -46.27
N LYS F 65 -4.84 30.52 -45.27
CA LYS F 65 -4.35 30.61 -43.90
C LYS F 65 -4.51 29.24 -43.23
N GLY F 66 -3.57 28.92 -42.36
CA GLY F 66 -3.58 27.64 -41.69
C GLY F 66 -2.36 27.45 -40.83
N TYR F 67 -2.21 26.23 -40.31
CA TYR F 67 -1.06 25.87 -39.49
C TYR F 67 -0.38 24.62 -40.05
N LEU F 68 0.94 24.71 -40.24
CA LEU F 68 1.68 23.63 -40.87
C LEU F 68 1.98 22.53 -39.88
N GLU F 69 1.81 21.29 -40.34
CA GLU F 69 2.25 20.09 -39.63
C GLU F 69 3.18 19.36 -40.60
N ILE F 70 4.49 19.45 -40.36
CA ILE F 70 5.47 18.97 -41.32
C ILE F 70 5.56 17.46 -41.25
N SER F 71 5.44 16.80 -42.39
CA SER F 71 5.62 15.36 -42.48
C SER F 71 7.13 15.04 -42.51
N GLN F 72 7.44 13.75 -42.39
CA GLN F 72 8.84 13.34 -42.30
C GLN F 72 9.63 13.68 -43.56
N ASP F 73 8.96 13.71 -44.72
CA ASP F 73 9.63 13.84 -46.00
C ASP F 73 9.78 15.28 -46.48
N GLY F 74 9.69 16.25 -45.57
CA GLY F 74 9.93 17.63 -45.94
C GLY F 74 8.69 18.39 -46.37
N TYR F 75 7.57 17.72 -46.59
CA TYR F 75 6.30 18.36 -46.86
C TYR F 75 5.38 18.19 -45.66
N GLY F 76 4.34 19.01 -45.59
CA GLY F 76 3.44 19.00 -44.46
C GLY F 76 2.00 19.17 -44.88
N PHE F 77 1.12 19.27 -43.89
CA PHE F 77 -0.31 19.41 -44.10
C PHE F 77 -0.85 20.58 -43.29
N LEU F 78 -2.00 21.08 -43.73
CA LEU F 78 -2.68 22.20 -43.10
C LEU F 78 -4.10 21.75 -42.72
N THR F 79 -4.57 22.20 -41.56
CA THR F 79 -5.92 21.88 -41.11
C THR F 79 -6.80 23.13 -41.13
N GLU F 80 -8.10 22.92 -40.91
CA GLU F 80 -9.10 23.96 -41.05
C GLU F 80 -9.50 24.49 -39.67
N ASN F 81 -10.53 25.35 -39.66
CA ASN F 81 -11.00 25.98 -38.43
C ASN F 81 -11.39 24.98 -37.36
N LEU F 82 -11.82 23.78 -37.73
CA LEU F 82 -12.21 22.79 -36.74
C LEU F 82 -11.06 22.34 -35.87
N HIS F 83 -9.82 22.65 -36.25
CA HIS F 83 -8.64 22.24 -35.49
C HIS F 83 -8.63 20.73 -35.29
N ASN F 84 -9.08 20.02 -36.32
CA ASN F 84 -9.07 18.56 -36.34
C ASN F 84 -8.99 18.14 -37.81
N LEU F 85 -8.55 16.91 -38.04
CA LEU F 85 -8.38 16.43 -39.39
C LEU F 85 -9.71 16.52 -40.15
N GLU F 86 -9.68 17.14 -41.33
CA GLU F 86 -10.85 17.27 -42.17
C GLU F 86 -10.45 17.08 -43.62
N SER F 87 -11.47 16.93 -44.48
CA SER F 87 -11.22 16.74 -45.90
C SER F 87 -10.58 17.96 -46.55
N ARG F 88 -10.58 19.11 -45.89
CA ARG F 88 -10.10 20.36 -46.48
C ARG F 88 -8.63 20.62 -46.17
N VAL F 89 -7.87 19.59 -45.80
CA VAL F 89 -6.44 19.80 -45.57
C VAL F 89 -5.73 20.02 -46.90
N ALA F 90 -4.58 20.68 -46.84
CA ALA F 90 -3.77 21.00 -48.02
C ALA F 90 -2.32 20.65 -47.74
N ILE F 91 -1.57 20.38 -48.80
CA ILE F 91 -0.16 20.00 -48.67
C ILE F 91 0.71 21.25 -48.75
N VAL F 92 1.92 21.17 -48.20
CA VAL F 92 2.87 22.27 -48.18
C VAL F 92 4.24 21.70 -48.53
N SER F 93 4.99 22.42 -49.36
CA SER F 93 6.24 21.92 -49.91
C SER F 93 7.44 22.51 -49.18
N ALA F 94 8.57 21.82 -49.26
CA ALA F 94 9.78 22.24 -48.56
C ALA F 94 10.44 23.45 -49.23
N GLY F 95 10.48 23.47 -50.56
CA GLY F 95 11.34 24.40 -51.25
C GLY F 95 11.10 25.86 -50.88
N LEU F 96 9.83 26.25 -50.82
CA LEU F 96 9.52 27.65 -50.54
C LEU F 96 9.85 28.00 -49.10
N ILE F 97 9.63 27.07 -48.17
CA ILE F 97 9.99 27.29 -46.77
C ILE F 97 11.50 27.49 -46.67
N LYS F 98 12.27 26.65 -47.37
CA LYS F 98 13.71 26.86 -47.44
C LYS F 98 14.03 28.24 -48.00
N GLN F 99 13.33 28.64 -49.05
CA GLN F 99 13.55 29.95 -49.65
C GLN F 99 13.43 31.04 -48.60
N TYR F 100 12.38 30.96 -47.77
CA TYR F 100 12.15 31.96 -46.74
C TYR F 100 12.44 31.44 -45.33
N ALA F 101 12.95 30.22 -45.20
CA ALA F 101 13.46 29.70 -43.93
C ALA F 101 12.45 29.91 -42.80
N LEU F 102 11.19 29.56 -43.05
CA LEU F 102 10.17 29.75 -42.03
C LEU F 102 10.29 28.69 -40.93
N ARG F 103 9.59 28.94 -39.83
CA ARG F 103 9.71 28.11 -38.64
C ARG F 103 8.40 27.37 -38.42
N ALA F 104 8.51 26.16 -37.90
CA ALA F 104 7.33 25.33 -37.68
C ALA F 104 6.40 25.99 -36.66
N GLY F 105 5.09 25.87 -36.88
CA GLY F 105 4.12 26.46 -35.99
C GLY F 105 3.72 27.88 -36.35
N ASP F 106 4.40 28.50 -37.29
CA ASP F 106 4.03 29.85 -37.70
C ASP F 106 2.62 29.85 -38.28
N TYR F 107 2.02 31.04 -38.35
CA TYR F 107 0.73 31.19 -38.99
C TYR F 107 0.97 31.05 -40.49
N VAL F 108 0.84 29.83 -41.00
CA VAL F 108 1.31 29.49 -42.33
C VAL F 108 0.33 30.02 -43.35
N VAL F 109 0.85 30.74 -44.33
CA VAL F 109 0.04 31.42 -45.33
C VAL F 109 0.52 30.98 -46.70
N GLY F 110 -0.41 30.53 -47.52
CA GLY F 110 -0.07 30.09 -48.86
C GLY F 110 -1.22 29.36 -49.50
N GLN F 111 -1.34 29.52 -50.81
CA GLN F 111 -2.38 28.83 -51.57
C GLN F 111 -1.98 27.39 -51.85
N ALA F 112 -2.91 26.66 -52.48
CA ALA F 112 -2.56 25.48 -53.27
C ALA F 112 -3.11 25.69 -54.66
N ARG F 113 -2.40 25.17 -55.66
CA ARG F 113 -2.81 25.33 -57.04
C ARG F 113 -3.78 24.24 -57.43
N PRO F 114 -4.53 24.42 -58.51
CA PRO F 114 -5.38 23.33 -59.00
C PRO F 114 -4.57 22.07 -59.11
N PRO F 115 -4.84 21.06 -58.28
CA PRO F 115 -3.92 19.91 -58.23
C PRO F 115 -3.82 19.25 -59.59
N ARG F 116 -2.60 18.86 -59.95
CA ARG F 116 -2.37 18.18 -61.21
C ARG F 116 -2.95 16.77 -61.16
N GLU F 117 -3.03 16.14 -62.33
CA GLU F 117 -3.43 14.75 -62.39
C GLU F 117 -2.27 13.88 -61.92
N ASN F 118 -2.60 12.69 -61.42
CA ASN F 118 -1.70 11.76 -60.75
C ASN F 118 -1.44 12.21 -59.31
N GLU F 119 -2.02 13.32 -58.86
CA GLU F 119 -1.86 13.77 -57.49
C GLU F 119 -3.14 13.47 -56.71
N ARG F 120 -2.99 12.71 -55.62
CA ARG F 120 -4.11 12.40 -54.74
C ARG F 120 -4.44 13.53 -53.78
N TYR F 121 -3.56 14.52 -53.64
CA TYR F 121 -3.77 15.66 -52.76
C TYR F 121 -3.23 16.92 -53.42
N ALA F 122 -3.76 18.06 -52.98
CA ALA F 122 -3.34 19.35 -53.51
C ALA F 122 -1.84 19.55 -53.39
N THR F 123 -1.32 20.46 -54.22
CA THR F 123 0.09 20.83 -54.21
C THR F 123 0.23 22.34 -54.37
N LEU F 124 1.45 22.83 -54.20
CA LEU F 124 1.72 24.27 -54.16
C LEU F 124 2.38 24.72 -55.46
N LEU F 125 2.31 26.03 -55.72
CA LEU F 125 2.93 26.58 -56.92
C LEU F 125 4.01 27.61 -56.59
N LYS F 126 3.67 28.62 -55.79
CA LYS F 126 4.53 29.79 -55.63
C LYS F 126 4.50 30.24 -54.18
N VAL F 127 5.05 31.43 -53.92
CA VAL F 127 4.86 32.11 -52.64
C VAL F 127 4.87 33.61 -52.88
N GLU F 128 3.98 34.33 -52.20
CA GLU F 128 3.88 35.78 -52.31
C GLU F 128 4.09 36.50 -50.99
N ALA F 129 3.36 36.10 -49.94
CA ALA F 129 3.46 36.74 -48.64
C ALA F 129 3.10 35.74 -47.55
N VAL F 130 3.86 35.75 -46.47
CA VAL F 130 3.75 34.75 -45.41
C VAL F 130 3.63 35.45 -44.07
N ASN F 131 2.75 34.94 -43.21
CA ASN F 131 2.60 35.43 -41.84
C ASN F 131 2.21 36.90 -41.80
N ASN F 132 1.50 37.37 -42.82
CA ASN F 132 1.07 38.76 -42.93
C ASN F 132 2.24 39.73 -43.01
N LEU F 133 3.47 39.22 -43.16
CA LEU F 133 4.66 40.04 -43.23
C LEU F 133 5.48 39.64 -44.44
N ASP F 134 6.47 40.46 -44.77
CA ASP F 134 7.33 40.13 -45.89
C ASP F 134 8.09 38.83 -45.59
N PRO F 135 7.95 37.81 -46.44
CA PRO F 135 8.65 36.54 -46.17
C PRO F 135 10.15 36.70 -46.05
N GLU F 136 10.77 37.61 -46.81
CA GLU F 136 12.21 37.79 -46.70
C GLU F 136 12.61 38.19 -45.28
N ALA F 137 11.83 39.07 -44.65
CA ALA F 137 12.12 39.45 -43.27
C ALA F 137 12.03 38.25 -42.34
N ALA F 138 11.16 37.28 -42.65
CA ALA F 138 11.08 36.07 -41.84
C ALA F 138 12.40 35.31 -41.85
N LYS F 139 13.21 35.51 -42.90
CA LYS F 139 14.49 34.82 -42.98
C LYS F 139 15.39 35.16 -41.80
N ASN F 140 15.25 36.37 -41.25
CA ASN F 140 16.09 36.84 -40.13
C ASN F 140 15.16 37.31 -39.02
N ARG F 141 15.07 36.52 -37.95
CA ARG F 141 14.28 36.88 -36.78
C ARG F 141 14.79 36.08 -35.60
N PRO F 142 14.58 36.57 -34.37
CA PRO F 142 14.98 35.78 -33.20
C PRO F 142 14.12 34.54 -33.05
N ARG F 143 14.71 33.50 -32.47
CA ARG F 143 13.98 32.27 -32.21
C ARG F 143 13.36 32.29 -30.82
N PHE F 144 12.20 31.65 -30.70
CA PHE F 144 11.42 31.74 -29.47
C PHE F 144 12.18 31.19 -28.28
N ASP F 145 12.78 30.01 -28.41
CA ASP F 145 13.41 29.37 -27.26
C ASP F 145 14.63 30.14 -26.77
N GLU F 146 15.13 31.07 -27.57
CA GLU F 146 16.28 31.88 -27.20
C GLU F 146 15.89 33.22 -26.59
N LEU F 147 14.60 33.53 -26.53
CA LEU F 147 14.15 34.79 -25.94
C LEU F 147 14.55 34.84 -24.46
N THR F 148 15.04 35.99 -24.03
CA THR F 148 15.44 36.18 -22.65
C THR F 148 14.19 36.27 -21.76
N PRO F 149 13.88 35.25 -20.97
CA PRO F 149 12.68 35.33 -20.13
C PRO F 149 12.91 36.22 -18.92
N GLN F 150 11.84 36.88 -18.51
CA GLN F 150 11.84 37.71 -17.32
C GLN F 150 10.64 37.33 -16.48
N PHE F 151 10.52 37.95 -15.32
CA PHE F 151 9.26 37.90 -14.62
C PHE F 151 8.29 38.88 -15.24
N PRO F 152 6.98 38.62 -15.13
CA PRO F 152 6.01 39.53 -15.74
C PRO F 152 6.19 40.95 -15.25
N ASP F 153 6.45 41.86 -16.19
CA ASP F 153 6.63 43.27 -15.88
C ASP F 153 5.63 44.15 -16.62
N ARG F 154 4.90 43.60 -17.58
CA ARG F 154 3.81 44.30 -18.23
C ARG F 154 2.51 43.71 -17.70
N GLN F 155 2.11 44.19 -16.53
CA GLN F 155 0.91 43.70 -15.87
C GLN F 155 -0.31 44.12 -16.65
N ILE F 156 -1.33 43.26 -16.63
CA ILE F 156 -2.60 43.53 -17.28
C ILE F 156 -3.54 44.01 -16.19
N ARG F 157 -3.70 45.32 -16.08
CA ARG F 157 -4.60 45.87 -15.09
C ARG F 157 -6.00 45.30 -15.29
N LEU F 158 -6.62 44.89 -14.20
CA LEU F 158 -7.84 44.09 -14.24
C LEU F 158 -9.00 44.90 -13.69
N GLU F 159 -9.98 45.18 -14.56
CA GLU F 159 -11.22 45.83 -14.17
C GLU F 159 -12.30 45.40 -15.13
N THR F 160 -13.34 44.76 -14.60
CA THR F 160 -14.39 44.16 -15.43
C THR F 160 -15.75 44.45 -14.81
N THR F 161 -16.63 45.06 -15.59
CA THR F 161 -17.95 45.44 -15.11
C THR F 161 -18.85 44.25 -14.72
N PRO F 162 -18.99 43.20 -15.50
CA PRO F 162 -20.08 42.23 -15.27
C PRO F 162 -20.13 41.63 -13.88
N ASP F 163 -19.00 41.37 -13.23
CA ASP F 163 -19.00 41.01 -11.81
C ASP F 163 -17.78 41.60 -11.15
N GLU F 164 -17.92 42.80 -10.59
CA GLU F 164 -16.78 43.49 -10.02
C GLU F 164 -16.31 42.86 -8.71
N LEU F 165 -17.17 42.11 -8.01
CA LEU F 165 -16.79 41.58 -6.70
C LEU F 165 -15.95 40.31 -6.83
N SER F 166 -16.48 39.30 -7.49
CA SER F 166 -15.72 38.07 -7.69
C SER F 166 -14.45 38.36 -8.48
N THR F 167 -14.56 39.20 -9.50
CA THR F 167 -13.39 39.61 -10.25
C THR F 167 -12.43 40.40 -9.38
N ARG F 168 -12.96 41.15 -8.41
CA ARG F 168 -12.10 41.79 -7.42
C ARG F 168 -11.32 40.74 -6.65
N VAL F 169 -12.00 39.68 -6.21
CA VAL F 169 -11.33 38.60 -5.50
C VAL F 169 -10.22 38.03 -6.37
N ILE F 170 -10.53 37.79 -7.65
CA ILE F 170 -9.56 37.19 -8.56
C ILE F 170 -8.34 38.10 -8.69
N ASP F 171 -8.56 39.39 -8.96
CA ASP F 171 -7.46 40.32 -9.12
C ASP F 171 -6.64 40.43 -7.85
N LEU F 172 -7.31 40.49 -6.70
CA LEU F 172 -6.65 40.74 -5.43
C LEU F 172 -5.96 39.52 -4.86
N LEU F 173 -6.26 38.32 -5.37
CA LEU F 173 -5.63 37.10 -4.90
C LEU F 173 -4.58 36.56 -5.85
N ALA F 174 -4.73 36.79 -7.16
CA ALA F 174 -3.78 36.32 -8.15
C ALA F 174 -3.78 37.27 -9.34
N PRO F 175 -2.89 38.26 -9.35
CA PRO F 175 -2.87 39.19 -10.48
C PRO F 175 -2.53 38.49 -11.78
N ILE F 176 -2.97 39.09 -12.88
CA ILE F 176 -2.69 38.61 -14.23
C ILE F 176 -1.78 39.61 -14.92
N GLY F 177 -0.63 39.14 -15.38
CA GLY F 177 0.25 39.91 -16.22
C GLY F 177 0.54 39.19 -17.52
N ARG F 178 1.10 39.94 -18.46
CA ARG F 178 1.39 39.40 -19.78
C ARG F 178 2.53 38.40 -19.64
N GLY F 179 2.24 37.12 -19.90
CA GLY F 179 3.21 36.08 -19.71
C GLY F 179 3.11 35.32 -18.41
N GLN F 180 1.98 35.40 -17.72
CA GLN F 180 1.78 34.71 -16.45
C GLN F 180 1.68 33.21 -16.69
N ARG F 181 2.56 32.43 -16.06
CA ARG F 181 2.45 30.97 -16.12
C ARG F 181 1.71 30.49 -14.88
N GLY F 182 0.38 30.61 -14.95
CA GLY F 182 -0.47 30.31 -13.81
C GLY F 182 -1.11 28.95 -13.89
N LEU F 183 -1.66 28.49 -12.76
CA LEU F 183 -2.33 27.20 -12.68
C LEU F 183 -3.35 27.25 -11.56
N ILE F 184 -4.57 26.79 -11.82
CA ILE F 184 -5.64 26.78 -10.83
C ILE F 184 -6.01 25.33 -10.56
N VAL F 185 -6.20 25.02 -9.28
CA VAL F 185 -6.35 23.65 -8.81
C VAL F 185 -7.63 23.56 -8.01
N ALA F 186 -8.38 22.47 -8.21
CA ALA F 186 -9.62 22.26 -7.48
C ALA F 186 -9.99 20.78 -7.59
N PRO F 187 -10.79 20.27 -6.65
CA PRO F 187 -11.31 18.91 -6.79
C PRO F 187 -12.42 18.88 -7.83
N PRO F 188 -12.96 17.70 -8.12
CA PRO F 188 -14.03 17.60 -9.13
C PRO F 188 -15.24 18.44 -8.76
N LYS F 189 -15.85 19.06 -9.77
CA LYS F 189 -17.08 19.82 -9.60
C LYS F 189 -16.94 20.85 -8.48
N ALA F 190 -15.91 21.68 -8.57
CA ALA F 190 -15.67 22.66 -7.52
C ALA F 190 -15.41 24.06 -8.09
N GLY F 191 -16.01 24.39 -9.23
CA GLY F 191 -16.00 25.76 -9.68
C GLY F 191 -15.01 26.12 -10.76
N LYS F 192 -14.75 25.23 -11.72
CA LYS F 192 -13.66 25.47 -12.66
C LYS F 192 -14.14 26.12 -13.96
N THR F 193 -14.97 25.40 -14.72
CA THR F 193 -15.17 25.76 -16.12
C THR F 193 -15.73 27.16 -16.26
N THR F 194 -16.82 27.46 -15.57
CA THR F 194 -17.42 28.78 -15.74
C THR F 194 -16.53 29.88 -15.14
N LEU F 195 -15.67 29.52 -14.20
CA LEU F 195 -14.68 30.46 -13.72
C LEU F 195 -13.71 30.83 -14.84
N LEU F 196 -13.20 29.83 -15.54
CA LEU F 196 -12.38 30.08 -16.73
C LEU F 196 -13.17 30.92 -17.74
N LYS F 197 -14.46 30.63 -17.89
CA LYS F 197 -15.31 31.39 -18.79
C LYS F 197 -15.34 32.86 -18.42
N LYS F 198 -15.55 33.14 -17.14
CA LYS F 198 -15.59 34.52 -16.67
C LYS F 198 -14.26 35.22 -16.93
N ILE F 199 -13.16 34.51 -16.67
CA ILE F 199 -11.84 35.11 -16.93
C ILE F 199 -11.70 35.47 -18.39
N ALA F 200 -12.08 34.54 -19.28
CA ALA F 200 -11.94 34.80 -20.72
C ALA F 200 -12.82 35.97 -21.13
N ASN F 201 -14.05 36.02 -20.62
CA ASN F 201 -14.94 37.11 -20.98
C ASN F 201 -14.37 38.45 -20.55
N ALA F 202 -13.86 38.54 -19.33
CA ALA F 202 -13.28 39.79 -18.87
C ALA F 202 -12.10 40.19 -19.73
N VAL F 203 -11.21 39.23 -20.04
CA VAL F 203 -10.03 39.56 -20.82
C VAL F 203 -10.45 40.06 -22.20
N LEU F 204 -11.50 39.49 -22.77
CA LEU F 204 -11.94 39.94 -24.08
C LEU F 204 -12.51 41.35 -24.08
N LYS F 205 -12.54 42.03 -22.93
CA LYS F 205 -12.97 43.41 -22.87
C LYS F 205 -11.83 44.30 -22.38
N ASN F 206 -10.98 43.76 -21.50
CA ASN F 206 -9.90 44.56 -20.93
C ASN F 206 -8.79 44.85 -21.92
N GLU F 207 -8.45 43.90 -22.79
CA GLU F 207 -7.33 44.03 -23.72
C GLU F 207 -7.74 43.48 -25.07
N PRO F 208 -8.47 44.26 -25.87
CA PRO F 208 -8.88 43.78 -27.20
C PRO F 208 -7.71 43.45 -28.12
N ASP F 209 -6.52 43.98 -27.82
CA ASP F 209 -5.36 43.71 -28.66
C ASP F 209 -4.81 42.30 -28.49
N ILE F 210 -5.14 41.63 -27.40
CA ILE F 210 -4.54 40.34 -27.08
C ILE F 210 -5.32 39.23 -27.79
N LYS F 211 -4.58 38.35 -28.46
CA LYS F 211 -5.19 37.19 -29.11
C LYS F 211 -5.46 36.14 -28.05
N VAL F 212 -6.74 35.89 -27.76
CA VAL F 212 -7.15 35.02 -26.66
C VAL F 212 -7.63 33.72 -27.27
N ILE F 213 -7.09 32.60 -26.79
CA ILE F 213 -7.44 31.27 -27.27
C ILE F 213 -7.87 30.44 -26.08
N VAL F 214 -8.96 29.68 -26.26
CA VAL F 214 -9.50 28.82 -25.22
C VAL F 214 -9.46 27.38 -25.72
N LEU F 215 -8.87 26.49 -24.92
CA LEU F 215 -8.70 25.09 -25.28
C LEU F 215 -9.38 24.23 -24.22
N LEU F 216 -10.23 23.32 -24.69
CA LEU F 216 -11.02 22.46 -23.81
C LEU F 216 -10.69 21.00 -24.13
N ILE F 217 -10.13 20.29 -23.16
CA ILE F 217 -9.74 18.90 -23.32
C ILE F 217 -10.63 18.04 -22.46
N ASP F 218 -11.14 16.95 -23.03
CA ASP F 218 -11.78 15.87 -22.28
C ASP F 218 -13.01 16.33 -21.52
N GLU F 219 -13.80 17.24 -22.07
CA GLU F 219 -14.91 17.84 -21.35
C GLU F 219 -16.25 17.55 -22.02
N ARG F 220 -17.30 17.96 -21.32
CA ARG F 220 -18.66 17.68 -21.75
C ARG F 220 -19.02 18.55 -22.95
N PRO F 221 -19.71 18.00 -23.96
CA PRO F 221 -20.02 18.81 -25.15
C PRO F 221 -20.86 20.05 -24.85
N GLU F 222 -21.83 19.95 -23.94
CA GLU F 222 -22.67 21.10 -23.64
C GLU F 222 -21.83 22.28 -23.17
N GLU F 223 -20.80 22.05 -22.38
CA GLU F 223 -19.89 23.13 -22.01
C GLU F 223 -19.26 23.74 -23.25
N VAL F 224 -18.88 22.89 -24.22
CA VAL F 224 -18.26 23.38 -25.44
C VAL F 224 -19.21 24.33 -26.17
N THR F 225 -20.46 23.91 -26.36
CA THR F 225 -21.41 24.75 -27.06
C THR F 225 -21.69 26.02 -26.27
N ASP F 226 -21.78 25.91 -24.95
CA ASP F 226 -22.02 27.08 -24.11
C ASP F 226 -20.92 28.11 -24.33
N PHE F 227 -19.66 27.67 -24.33
CA PHE F 227 -18.57 28.61 -24.59
C PHE F 227 -18.67 29.17 -26.00
N ARG F 228 -18.78 28.30 -27.01
CA ARG F 228 -18.74 28.76 -28.38
C ARG F 228 -19.80 29.82 -28.63
N GLU F 229 -20.96 29.68 -27.99
CA GLU F 229 -21.97 30.71 -28.10
C GLU F 229 -21.64 31.93 -27.24
N SER F 230 -21.03 31.72 -26.08
CA SER F 230 -20.87 32.78 -25.10
C SER F 230 -19.51 33.47 -25.18
N VAL F 231 -18.62 33.03 -26.06
CA VAL F 231 -17.28 33.62 -26.15
C VAL F 231 -17.27 34.89 -26.99
N GLN F 232 -18.29 35.13 -27.79
CA GLN F 232 -18.37 36.33 -28.63
C GLN F 232 -17.19 36.40 -29.59
N GLY F 233 -16.97 35.31 -30.33
CA GLY F 233 -16.10 35.32 -31.47
C GLY F 233 -14.63 35.01 -31.21
N ALA F 234 -14.21 34.95 -29.95
CA ALA F 234 -12.82 34.58 -29.68
C ALA F 234 -12.60 33.10 -30.00
N GLU F 235 -11.36 32.77 -30.32
CA GLU F 235 -11.03 31.42 -30.81
C GLU F 235 -11.31 30.42 -29.70
N VAL F 236 -12.38 29.66 -29.85
CA VAL F 236 -12.75 28.60 -28.91
C VAL F 236 -12.50 27.27 -29.60
N ILE F 237 -11.54 26.52 -29.08
CA ILE F 237 -11.22 25.17 -29.55
C ILE F 237 -11.55 24.20 -28.43
N ALA F 238 -12.20 23.10 -28.78
CA ALA F 238 -12.60 22.12 -27.78
C ALA F 238 -12.42 20.72 -28.35
N SER F 239 -12.28 19.76 -27.44
CA SER F 239 -12.20 18.35 -27.82
C SER F 239 -12.90 17.57 -26.71
N THR F 240 -14.16 17.22 -26.94
CA THR F 240 -14.98 16.58 -25.93
C THR F 240 -14.34 15.26 -25.50
N PHE F 241 -14.82 14.69 -24.40
CA PHE F 241 -14.31 13.39 -24.00
C PHE F 241 -14.71 12.28 -24.97
N ASP F 242 -15.61 12.58 -25.90
CA ASP F 242 -16.03 11.57 -26.86
C ASP F 242 -14.88 11.06 -27.70
N GLU F 243 -13.85 11.88 -27.89
CA GLU F 243 -12.76 11.49 -28.76
C GLU F 243 -11.72 10.67 -27.98
N PRO F 244 -10.99 9.78 -28.65
CA PRO F 244 -9.92 9.04 -27.97
C PRO F 244 -8.80 9.96 -27.54
N PRO F 245 -7.96 9.52 -26.61
CA PRO F 245 -6.91 10.43 -26.09
C PRO F 245 -5.97 10.93 -27.15
N GLN F 246 -5.77 10.15 -28.22
CA GLN F 246 -4.89 10.59 -29.29
C GLN F 246 -5.37 11.92 -29.86
N ASN F 247 -6.68 12.08 -30.03
CA ASN F 247 -7.20 13.35 -30.51
C ASN F 247 -6.88 14.48 -29.55
N HIS F 248 -7.03 14.22 -28.24
CA HIS F 248 -6.65 15.22 -27.25
C HIS F 248 -5.21 15.65 -27.43
N ILE F 249 -4.30 14.69 -27.54
CA ILE F 249 -2.89 15.01 -27.66
C ILE F 249 -2.63 15.80 -28.94
N ARG F 250 -3.24 15.36 -30.04
CA ARG F 250 -3.05 16.04 -31.32
C ARG F 250 -3.44 17.50 -31.20
N VAL F 251 -4.66 17.76 -30.72
CA VAL F 251 -5.14 19.14 -30.65
C VAL F 251 -4.28 19.95 -29.68
N ALA F 252 -3.93 19.35 -28.55
CA ALA F 252 -3.16 20.09 -27.55
C ALA F 252 -1.81 20.53 -28.10
N GLU F 253 -1.08 19.61 -28.73
CA GLU F 253 0.23 19.96 -29.25
C GLU F 253 0.11 20.92 -30.44
N PHE F 254 -0.93 20.76 -31.26
CA PHE F 254 -1.16 21.71 -32.33
C PHE F 254 -1.27 23.12 -31.77
N VAL F 255 -2.14 23.30 -30.78
CA VAL F 255 -2.33 24.63 -30.21
C VAL F 255 -1.05 25.10 -29.53
N HIS F 256 -0.33 24.17 -28.91
CA HIS F 256 0.92 24.54 -28.25
C HIS F 256 1.87 25.18 -29.24
N GLU F 257 2.13 24.49 -30.36
CA GLU F 257 3.07 25.02 -31.35
C GLU F 257 2.55 26.31 -31.98
N ARG F 258 1.25 26.34 -32.30
CA ARG F 258 0.68 27.55 -32.89
C ARG F 258 0.91 28.76 -31.98
N ALA F 259 0.57 28.62 -30.70
CA ALA F 259 0.74 29.72 -29.77
C ALA F 259 2.21 30.09 -29.63
N LYS F 260 3.08 29.08 -29.54
CA LYS F 260 4.50 29.37 -29.41
C LYS F 260 4.99 30.23 -30.56
N ARG F 261 4.68 29.84 -31.79
CA ARG F 261 5.22 30.58 -32.92
C ARG F 261 4.54 31.94 -33.06
N ILE F 262 3.27 32.03 -32.67
CA ILE F 262 2.61 33.34 -32.69
C ILE F 262 3.28 34.29 -31.71
N VAL F 263 3.56 33.81 -30.50
CA VAL F 263 4.25 34.65 -29.53
C VAL F 263 5.65 34.98 -30.02
N GLU F 264 6.26 34.09 -30.80
CA GLU F 264 7.60 34.36 -31.30
C GLU F 264 7.64 35.66 -32.09
N GLU F 265 6.50 36.09 -32.63
CA GLU F 265 6.42 37.33 -33.37
C GLU F 265 6.25 38.55 -32.47
N GLY F 266 6.58 38.41 -31.18
CA GLY F 266 6.47 39.52 -30.24
C GLY F 266 5.07 39.83 -29.78
N GLY F 267 4.13 38.92 -29.99
CA GLY F 267 2.75 39.15 -29.60
C GLY F 267 2.41 38.63 -28.22
N HIS F 268 1.29 39.10 -27.70
CA HIS F 268 0.77 38.68 -26.41
C HIS F 268 -0.33 37.65 -26.63
N VAL F 269 -0.13 36.45 -26.09
CA VAL F 269 -1.04 35.33 -26.23
C VAL F 269 -1.47 34.86 -24.85
N MET F 270 -2.75 34.54 -24.71
CA MET F 270 -3.28 33.95 -23.49
C MET F 270 -4.07 32.70 -23.86
N ILE F 271 -3.69 31.57 -23.27
CA ILE F 271 -4.36 30.30 -23.47
C ILE F 271 -5.03 29.90 -22.16
N LEU F 272 -6.33 29.63 -22.23
CA LEU F 272 -7.11 29.16 -21.09
C LEU F 272 -7.46 27.69 -21.34
N LEU F 273 -6.84 26.79 -20.59
CA LEU F 273 -6.89 25.35 -20.84
C LEU F 273 -7.75 24.68 -19.79
N ASP F 274 -8.93 24.24 -20.19
CA ASP F 274 -9.77 23.41 -19.35
C ASP F 274 -9.16 22.01 -19.22
N SER F 275 -9.24 21.43 -18.02
CA SER F 275 -8.91 20.04 -17.83
C SER F 275 -7.44 19.71 -18.11
N ILE F 276 -6.52 20.34 -17.37
CA ILE F 276 -5.11 20.02 -17.57
C ILE F 276 -4.76 18.66 -16.97
N THR F 277 -5.29 18.35 -15.77
CA THR F 277 -4.94 17.07 -15.16
C THR F 277 -5.59 15.93 -15.92
N ARG F 278 -6.74 16.18 -16.53
CA ARG F 278 -7.29 15.21 -17.48
C ARG F 278 -6.34 15.01 -18.64
N LEU F 279 -5.72 16.10 -19.11
CA LEU F 279 -4.75 15.97 -20.20
C LEU F 279 -3.53 15.18 -19.76
N ALA F 280 -3.09 15.36 -18.51
CA ALA F 280 -1.99 14.56 -17.99
C ALA F 280 -2.39 13.09 -17.91
N ARG F 281 -3.62 12.82 -17.49
CA ARG F 281 -4.12 11.46 -17.52
C ARG F 281 -4.08 10.89 -18.93
N ALA F 282 -4.48 11.70 -19.91
CA ALA F 282 -4.47 11.26 -21.29
C ALA F 282 -3.05 10.95 -21.74
N ASN F 283 -2.09 11.80 -21.38
CA ASN F 283 -0.69 11.53 -21.74
C ASN F 283 -0.21 10.24 -21.10
N ASN F 284 -0.55 10.03 -19.84
CA ASN F 284 -0.19 8.78 -19.18
C ASN F 284 -0.79 7.59 -19.91
N LEU F 285 -2.05 7.71 -20.33
CA LEU F 285 -2.66 6.69 -21.17
C LEU F 285 -1.89 6.51 -22.47
N VAL F 286 -1.27 7.58 -22.97
CA VAL F 286 -0.60 7.52 -24.26
C VAL F 286 0.88 7.20 -24.11
N THR F 287 1.49 7.63 -23.01
CA THR F 287 2.91 7.34 -22.81
C THR F 287 3.10 5.83 -22.74
N PRO F 288 3.90 5.23 -23.62
CA PRO F 288 3.90 3.76 -23.74
C PRO F 288 4.52 3.07 -22.53
N PRO F 289 5.64 3.59 -21.97
CA PRO F 289 6.31 2.82 -20.90
C PRO F 289 6.64 3.59 -19.64
N THR F 290 7.46 4.64 -19.76
CA THR F 290 7.92 5.43 -18.62
C THR F 290 8.93 4.66 -17.78
N GLY F 291 9.14 3.38 -18.09
CA GLY F 291 9.99 2.54 -17.28
C GLY F 291 9.39 2.32 -15.90
N ARG F 292 9.98 2.93 -14.88
CA ARG F 292 9.45 2.85 -13.53
C ARG F 292 8.21 3.72 -13.40
N THR F 293 7.14 3.13 -12.88
CA THR F 293 5.86 3.82 -12.73
C THR F 293 5.83 4.60 -11.42
N LEU F 294 5.65 5.91 -11.52
CA LEU F 294 5.56 6.76 -10.33
C LEU F 294 4.44 6.28 -9.41
N SER F 295 4.48 6.75 -8.18
CA SER F 295 3.43 6.42 -7.22
C SER F 295 2.06 6.84 -7.76
N GLY F 296 1.10 5.92 -7.65
CA GLY F 296 -0.26 6.18 -8.07
C GLY F 296 -0.58 5.74 -9.49
N GLY F 297 0.36 5.13 -10.19
CA GLY F 297 0.12 4.67 -11.54
C GLY F 297 0.48 5.67 -12.61
N LEU F 298 1.51 6.48 -12.40
CA LEU F 298 1.82 7.59 -13.28
C LEU F 298 2.94 7.26 -14.25
N ASP F 299 2.88 7.89 -15.43
CA ASP F 299 3.96 7.77 -16.39
C ASP F 299 4.95 8.90 -16.19
N SER F 300 6.21 8.55 -15.96
CA SER F 300 7.22 9.54 -15.63
C SER F 300 7.42 10.53 -16.78
N ALA F 301 7.49 10.03 -18.01
CA ALA F 301 7.67 10.87 -19.18
C ALA F 301 6.35 11.43 -19.69
N ALA F 302 5.22 10.95 -19.19
CA ALA F 302 3.93 11.53 -19.58
C ALA F 302 3.84 12.99 -19.14
N LEU F 303 4.48 13.34 -18.03
CA LEU F 303 4.44 14.70 -17.53
C LEU F 303 5.48 15.60 -18.20
N TYR F 304 6.37 15.06 -19.01
CA TYR F 304 7.38 15.89 -19.66
C TYR F 304 6.74 16.82 -20.70
N PHE F 305 5.87 16.28 -21.53
CA PHE F 305 5.23 17.11 -22.56
C PHE F 305 4.30 18.16 -21.95
N PRO F 306 3.40 17.82 -21.02
CA PRO F 306 2.66 18.89 -20.35
C PRO F 306 3.56 19.84 -19.58
N LYS F 307 4.68 19.35 -19.04
CA LYS F 307 5.62 20.24 -18.36
C LYS F 307 6.13 21.30 -19.31
N ARG F 308 6.61 20.89 -20.48
CA ARG F 308 7.07 21.86 -21.47
C ARG F 308 5.92 22.75 -21.91
N PHE F 309 4.74 22.17 -22.10
CA PHE F 309 3.57 22.94 -22.49
C PHE F 309 3.33 24.09 -21.54
N LEU F 310 3.31 23.80 -20.23
CA LEU F 310 3.03 24.84 -19.25
C LEU F 310 4.22 25.77 -19.09
N GLY F 311 5.44 25.25 -19.18
CA GLY F 311 6.61 26.07 -19.10
C GLY F 311 6.79 27.00 -20.27
N ALA F 312 6.05 26.78 -21.36
CA ALA F 312 6.07 27.74 -22.44
C ALA F 312 5.67 29.13 -21.95
N ALA F 313 4.71 29.20 -21.04
CA ALA F 313 4.28 30.48 -20.50
C ALA F 313 5.46 31.22 -19.89
N ARG F 314 5.65 32.47 -20.29
CA ARG F 314 6.80 33.24 -19.87
C ARG F 314 6.59 34.70 -20.24
N ASN F 315 7.37 35.57 -19.60
CA ASN F 315 7.45 36.97 -19.98
C ASN F 315 8.75 37.20 -20.74
N ILE F 316 8.66 37.96 -21.83
CA ILE F 316 9.81 38.23 -22.69
C ILE F 316 10.17 39.70 -22.55
N ARG F 317 11.46 39.97 -22.41
CA ARG F 317 11.95 41.32 -22.16
C ARG F 317 11.90 42.21 -23.38
N GLY F 318 11.64 41.66 -24.57
CA GLY F 318 11.67 42.45 -25.78
C GLY F 318 10.30 42.72 -26.35
N GLY F 319 9.26 42.31 -25.61
CA GLY F 319 7.90 42.44 -26.09
C GLY F 319 7.26 41.09 -26.31
N GLY F 320 5.94 41.04 -26.29
CA GLY F 320 5.24 39.78 -26.43
C GLY F 320 5.26 39.00 -25.14
N SER F 321 4.36 38.02 -25.02
CA SER F 321 4.31 37.19 -23.83
C SER F 321 3.33 36.06 -24.08
N LEU F 322 3.43 35.02 -23.26
CA LEU F 322 2.54 33.86 -23.34
C LEU F 322 2.07 33.51 -21.93
N THR F 323 0.77 33.60 -21.70
CA THR F 323 0.18 33.31 -20.40
C THR F 323 -0.78 32.14 -20.52
N ILE F 324 -0.53 31.08 -19.77
CA ILE F 324 -1.39 29.91 -19.75
C ILE F 324 -2.02 29.81 -18.37
N LEU F 325 -3.34 29.76 -18.33
CA LEU F 325 -4.07 29.40 -17.12
C LEU F 325 -4.83 28.11 -17.40
N ALA F 326 -4.62 27.10 -16.56
CA ALA F 326 -5.18 25.79 -16.81
C ALA F 326 -5.78 25.24 -15.53
N THR F 327 -6.75 24.34 -15.70
CA THR F 327 -7.52 23.79 -14.59
C THR F 327 -7.00 22.40 -14.23
N ALA F 328 -6.57 22.23 -12.97
CA ALA F 328 -6.01 20.97 -12.49
C ALA F 328 -6.91 20.35 -11.42
N LEU F 329 -6.99 19.03 -11.42
CA LEU F 329 -7.81 18.28 -10.49
C LEU F 329 -6.95 17.65 -9.40
N VAL F 330 -7.37 17.78 -8.14
CA VAL F 330 -6.70 17.17 -7.00
C VAL F 330 -7.75 16.53 -6.10
N GLU F 331 -7.27 15.76 -5.13
CA GLU F 331 -8.14 15.13 -4.13
C GLU F 331 -9.18 14.23 -4.81
N THR F 332 -8.75 13.53 -5.84
CA THR F 332 -9.63 12.64 -6.60
C THR F 332 -9.60 11.21 -6.07
N GLY F 333 -8.96 10.97 -4.93
CA GLY F 333 -8.90 9.64 -4.36
C GLY F 333 -7.84 8.74 -4.97
N SER F 334 -7.07 9.23 -5.95
CA SER F 334 -6.01 8.47 -6.57
C SER F 334 -4.71 9.25 -6.43
N ARG F 335 -3.65 8.57 -5.97
CA ARG F 335 -2.37 9.24 -5.79
C ARG F 335 -1.87 9.87 -7.09
N MET F 336 -2.30 9.32 -8.23
CA MET F 336 -1.84 9.84 -9.52
C MET F 336 -2.12 11.33 -9.64
N ASP F 337 -3.34 11.75 -9.28
CA ASP F 337 -3.70 13.15 -9.47
C ASP F 337 -2.94 14.06 -8.52
N ASP F 338 -2.73 13.63 -7.28
CA ASP F 338 -1.94 14.42 -6.36
C ASP F 338 -0.51 14.57 -6.86
N VAL F 339 0.06 13.48 -7.37
CA VAL F 339 1.43 13.54 -7.89
C VAL F 339 1.50 14.49 -9.07
N ILE F 340 0.52 14.42 -9.98
CA ILE F 340 0.51 15.31 -11.13
C ILE F 340 0.42 16.76 -10.68
N PHE F 341 -0.47 17.04 -9.73
CA PHE F 341 -0.62 18.41 -9.25
C PHE F 341 0.70 18.92 -8.66
N GLU F 342 1.36 18.10 -7.85
CA GLU F 342 2.63 18.53 -7.28
C GLU F 342 3.66 18.76 -8.37
N GLU F 343 3.69 17.87 -9.38
CA GLU F 343 4.67 18.03 -10.45
C GLU F 343 4.45 19.32 -11.21
N PHE F 344 3.20 19.70 -11.44
CA PHE F 344 2.93 20.98 -12.09
C PHE F 344 3.18 22.16 -11.17
N LYS F 345 3.02 21.97 -9.86
CA LYS F 345 3.14 23.09 -8.94
C LYS F 345 4.53 23.72 -9.01
N GLY F 346 5.56 22.91 -9.23
CA GLY F 346 6.90 23.43 -9.31
C GLY F 346 7.22 24.14 -10.61
N THR F 347 6.35 24.05 -11.61
CA THR F 347 6.60 24.67 -12.91
C THR F 347 5.83 25.96 -13.13
N GLY F 348 4.65 26.10 -12.52
CA GLY F 348 3.92 27.34 -12.64
C GLY F 348 4.39 28.39 -11.65
N ASN F 349 4.22 29.65 -12.03
CA ASN F 349 4.67 30.76 -11.21
C ASN F 349 3.58 31.35 -10.36
N MET F 350 2.36 30.80 -10.44
CA MET F 350 1.26 31.20 -9.59
C MET F 350 0.30 30.04 -9.50
N GLU F 351 -0.11 29.70 -8.29
CA GLU F 351 -1.01 28.59 -8.06
C GLU F 351 -2.22 29.10 -7.31
N LEU F 352 -3.41 28.69 -7.77
CA LEU F 352 -4.67 29.15 -7.20
C LEU F 352 -5.40 27.94 -6.66
N HIS F 353 -5.27 27.70 -5.36
CA HIS F 353 -6.00 26.62 -4.71
C HIS F 353 -7.48 26.99 -4.65
N LEU F 354 -8.33 25.98 -4.77
CA LEU F 354 -9.74 26.15 -4.46
C LEU F 354 -10.13 25.09 -3.44
N SER F 355 -10.44 25.53 -2.23
CA SER F 355 -10.73 24.62 -1.13
C SER F 355 -12.14 24.04 -1.33
N ARG F 356 -12.23 22.72 -1.22
CA ARG F 356 -13.52 22.07 -1.47
C ARG F 356 -14.59 22.58 -0.53
N ARG F 357 -14.23 22.89 0.71
CA ARG F 357 -15.22 23.33 1.68
C ARG F 357 -15.81 24.69 1.34
N LEU F 358 -15.01 25.60 0.79
CA LEU F 358 -15.54 26.90 0.40
C LEU F 358 -16.57 26.77 -0.70
N GLU F 359 -16.34 25.88 -1.67
CA GLU F 359 -17.38 25.62 -2.68
C GLU F 359 -18.58 24.92 -2.05
N GLU F 360 -18.34 24.00 -1.11
CA GLU F 360 -19.45 23.39 -0.41
C GLU F 360 -20.33 24.44 0.26
N ARG F 361 -19.73 25.57 0.63
CA ARG F 361 -20.48 26.70 1.16
C ARG F 361 -21.01 27.61 0.07
N ARG F 362 -20.84 27.25 -1.20
CA ARG F 362 -21.38 28.03 -2.31
C ARG F 362 -20.77 29.43 -2.32
N ILE F 363 -19.47 29.50 -2.05
CA ILE F 363 -18.72 30.75 -2.04
C ILE F 363 -17.90 30.79 -3.31
N PHE F 364 -18.10 31.84 -4.12
CA PHE F 364 -17.37 31.94 -5.36
C PHE F 364 -16.71 33.31 -5.48
N PRO F 365 -15.37 33.39 -5.66
CA PRO F 365 -14.48 32.23 -5.77
C PRO F 365 -14.21 31.55 -4.45
N ALA F 366 -14.21 30.22 -4.46
CA ALA F 366 -13.94 29.40 -3.27
C ALA F 366 -12.45 29.20 -3.02
N ILE F 367 -11.69 30.30 -2.95
CA ILE F 367 -10.23 30.19 -2.95
C ILE F 367 -9.73 29.89 -1.54
N ASP F 368 -8.87 28.88 -1.43
CA ASP F 368 -8.14 28.61 -0.20
C ASP F 368 -7.04 29.67 -0.10
N ILE F 369 -7.35 30.75 0.61
CA ILE F 369 -6.50 31.93 0.57
C ILE F 369 -5.12 31.63 1.13
N LEU F 370 -5.05 30.93 2.27
CA LEU F 370 -3.75 30.67 2.87
C LEU F 370 -2.86 29.83 1.96
N LYS F 371 -3.39 28.72 1.43
CA LYS F 371 -2.60 27.89 0.54
C LYS F 371 -2.32 28.57 -0.79
N SER F 372 -3.22 29.44 -1.24
CA SER F 372 -3.06 30.09 -2.52
C SER F 372 -2.04 31.22 -2.42
N GLY F 373 -1.45 31.56 -3.55
CA GLY F 373 -0.44 32.60 -3.59
C GLY F 373 0.29 32.57 -4.91
N THR F 374 1.03 33.64 -5.16
CA THR F 374 1.79 33.81 -6.38
C THR F 374 3.26 34.04 -6.06
N ARG F 375 4.08 33.98 -7.10
CA ARG F 375 5.50 34.24 -6.99
C ARG F 375 5.83 35.61 -7.55
N ARG F 376 6.63 36.38 -6.82
CA ARG F 376 7.14 37.67 -7.29
C ARG F 376 6.01 38.66 -7.55
N GLU F 377 5.16 38.85 -6.55
CA GLU F 377 4.13 39.88 -6.64
C GLU F 377 4.74 41.26 -6.77
N GLU F 378 5.79 41.53 -5.98
CA GLU F 378 6.43 42.85 -6.01
C GLU F 378 6.84 43.25 -7.41
N LEU F 379 7.25 42.28 -8.25
CA LEU F 379 7.51 42.59 -9.64
C LEU F 379 6.23 42.96 -10.37
N LEU F 380 5.08 42.52 -9.87
CA LEU F 380 3.79 42.97 -10.35
C LEU F 380 3.17 44.04 -9.47
N LEU F 381 3.61 44.15 -8.23
CA LEU F 381 3.03 45.08 -7.26
C LEU F 381 4.10 46.07 -6.80
N GLY F 382 3.77 47.36 -6.88
CA GLY F 382 4.69 48.37 -6.40
C GLY F 382 4.90 48.28 -4.90
N GLU F 383 5.89 49.04 -4.41
CA GLU F 383 6.18 49.03 -2.98
C GLU F 383 4.94 49.37 -2.17
N GLU F 384 4.05 50.21 -2.72
CA GLU F 384 2.83 50.54 -1.99
C GLU F 384 1.86 49.37 -1.97
N VAL F 385 1.55 48.80 -3.14
CA VAL F 385 0.71 47.62 -3.18
C VAL F 385 1.40 46.45 -2.48
N THR F 386 2.72 46.36 -2.64
CA THR F 386 3.48 45.30 -1.96
C THR F 386 3.30 45.39 -0.45
N HIS F 387 3.44 46.60 0.10
CA HIS F 387 3.33 46.77 1.53
C HIS F 387 1.90 46.56 2.00
N LYS F 388 0.91 47.04 1.23
CA LYS F 388 -0.48 46.88 1.65
C LYS F 388 -0.87 45.41 1.61
N MET F 389 -0.37 44.66 0.64
CA MET F 389 -0.67 43.23 0.60
C MET F 389 0.12 42.48 1.66
N TRP F 390 1.28 43.00 2.04
CA TRP F 390 1.99 42.44 3.18
C TRP F 390 1.19 42.62 4.46
N LEU F 391 0.60 43.80 4.64
CA LEU F 391 -0.30 44.03 5.76
C LEU F 391 -1.48 43.08 5.70
N LEU F 392 -1.98 42.83 4.49
CA LEU F 392 -3.06 41.86 4.32
C LEU F 392 -2.64 40.47 4.75
N ARG F 393 -1.41 40.08 4.41
CA ARG F 393 -0.91 38.77 4.83
C ARG F 393 -0.68 38.72 6.33
N LYS F 394 -0.44 39.88 6.94
CA LYS F 394 -0.34 39.95 8.40
C LYS F 394 -1.70 39.76 9.04
N VAL F 395 -2.73 40.39 8.47
CA VAL F 395 -4.02 40.48 9.15
C VAL F 395 -4.97 39.38 8.69
N LEU F 396 -5.36 39.41 7.42
CA LEU F 396 -6.40 38.52 6.91
C LEU F 396 -6.04 37.04 7.03
N ALA F 397 -4.76 36.71 7.18
CA ALA F 397 -4.40 35.31 7.36
C ALA F 397 -5.04 34.73 8.62
N ASP F 398 -5.37 35.60 9.57
CA ASP F 398 -5.99 35.17 10.82
C ASP F 398 -7.46 34.80 10.66
N MET F 399 -8.12 35.31 9.62
CA MET F 399 -9.52 34.99 9.39
C MET F 399 -9.67 33.54 8.95
N ASP F 400 -10.65 32.86 9.53
CA ASP F 400 -10.88 31.46 9.19
C ASP F 400 -11.55 31.35 7.82
N PRO F 401 -11.07 30.43 6.96
CA PRO F 401 -11.46 30.44 5.54
C PRO F 401 -12.93 30.74 5.27
N ALA F 402 -13.84 30.04 5.95
CA ALA F 402 -15.26 30.22 5.65
C ALA F 402 -15.73 31.62 6.05
N GLU F 403 -15.67 31.93 7.34
CA GLU F 403 -16.02 33.27 7.79
C GLU F 403 -15.07 34.31 7.22
N ALA F 404 -13.83 33.92 6.95
CA ALA F 404 -12.91 34.83 6.26
C ALA F 404 -13.50 35.29 4.94
N MET F 405 -14.00 34.35 4.13
CA MET F 405 -14.53 34.70 2.82
C MET F 405 -15.85 35.45 2.95
N GLU F 406 -16.67 35.07 3.92
CA GLU F 406 -17.91 35.80 4.12
C GLU F 406 -17.63 37.25 4.50
N MET F 407 -16.73 37.46 5.46
CA MET F 407 -16.34 38.81 5.85
C MET F 407 -15.75 39.56 4.67
N LEU F 408 -14.92 38.88 3.87
CA LEU F 408 -14.29 39.53 2.73
C LEU F 408 -15.32 39.96 1.70
N LEU F 409 -16.32 39.11 1.44
CA LEU F 409 -17.39 39.47 0.53
C LEU F 409 -18.16 40.66 1.05
N ALA F 410 -18.33 40.74 2.38
CA ALA F 410 -19.02 41.88 2.96
C ALA F 410 -18.19 43.15 2.85
N ARG F 411 -16.87 43.03 3.00
CA ARG F 411 -16.02 44.22 3.06
C ARG F 411 -15.64 44.71 1.67
N LEU F 412 -14.98 43.88 0.88
CA LEU F 412 -14.43 44.32 -0.39
C LEU F 412 -15.50 44.71 -1.40
N ALA F 413 -16.75 44.30 -1.17
CA ALA F 413 -17.83 44.75 -2.05
C ALA F 413 -18.00 46.26 -1.98
N ARG F 414 -17.46 46.90 -0.94
CA ARG F 414 -17.62 48.33 -0.77
C ARG F 414 -17.10 49.10 -1.98
N THR F 415 -15.89 48.77 -2.43
CA THR F 415 -15.19 49.64 -3.37
C THR F 415 -14.29 48.81 -4.27
N LYS F 416 -13.84 49.43 -5.36
CA LYS F 416 -12.89 48.81 -6.25
C LYS F 416 -11.54 48.64 -5.54
N ASN F 417 -10.70 47.75 -6.08
CA ASN F 417 -9.39 47.50 -5.51
C ASN F 417 -8.60 48.78 -5.34
N ASN F 418 -8.46 49.55 -6.43
CA ASN F 418 -7.69 50.79 -6.34
C ASN F 418 -8.44 51.82 -5.51
N LYS F 419 -9.76 51.91 -5.69
CA LYS F 419 -10.54 52.82 -4.86
C LYS F 419 -10.50 52.43 -3.40
N GLU F 420 -10.46 51.12 -3.11
CA GLU F 420 -10.24 50.69 -1.73
C GLU F 420 -8.87 51.12 -1.23
N PHE F 421 -7.85 51.02 -2.08
CA PHE F 421 -6.54 51.56 -1.74
C PHE F 421 -6.60 53.07 -1.58
N LEU F 422 -7.33 53.74 -2.45
CA LEU F 422 -7.50 55.18 -2.37
C LEU F 422 -8.38 55.56 -1.18
#